data_9CAO
#
_entry.id   9CAO
#
_cell.length_a   1.00
_cell.length_b   1.00
_cell.length_c   1.00
_cell.angle_alpha   90.00
_cell.angle_beta   90.00
_cell.angle_gamma   90.00
#
_symmetry.space_group_name_H-M   'P 1'
#
loop_
_entity.id
_entity.type
_entity.pdbx_description
1 polymer 'Aminopeptidase N'
2 branched beta-D-mannopyranose-(1-4)-2-acetamido-2-deoxy-beta-D-glucopyranose-(1-4)-2-acetamido-2-deoxy-beta-D-glucopyranose
3 branched 2-acetamido-2-deoxy-beta-D-glucopyranose-(1-4)-2-acetamido-2-deoxy-beta-D-glucopyranose
4 non-polymer 2-acetamido-2-deoxy-beta-D-glucopyranose
5 non-polymer 'ZINC ION'
#
_entity_poly.entity_id   1
_entity_poly.type   'polypeptide(L)'
_entity_poly.pdbx_seq_one_letter_code
;MAKGFYISKSLGILGILLGVAAVCTIIALSVVYSQEKNKNANSSPVASTTPSASATTNPASATTLDQSKAWNRYRLPNTL
KPDSYRVTLRPYLTPNDRGLYVFKGSSTVRFTCKEATDVIIIHSKKLNYTLSQGHRVVLRGVGGSQPPDIDKTELVEPTE
YLVVHLKGSLVKDSQYEMDSEFEGELADDLAGFYRSEYMEGNVRKVVATTQMQAADARKSFPCFDEPAMKAEFNITLIHP
KDLTALSNMLPKGPSTPLPEDPNWNVTEFHTTPKMSTYLLAFIVSEFDYVEKQASNGVLIRIWARPSAIAAGHGDYALNV
TGPILNFFAGHYDTPYPLPKSDQIGLPDFNAGAMENWGLVTYRENSLLFDPLSSSSSNKERVVTVIAHELAHQWFGNLVT
IEWWNDLWLNEGFASYVEYLGADYAEPTWNLKDLMVLNDVYRVMAVDALASSHPLSTPASEINTPAQISELFDAISYSKG
ASVLRMLSSFLSEDVFKQGLASYLHTFAYQNTIYLNLWDHLQEAVNNRSIQLPTTVRDIMNRWTLQMGFPVITVDTSTGT
LSQEHFLLDPDSNVTRPSEFNYVWIVPITSIRDGRQQQDYWLIDVRAQNDLFSTSGNEWVLLNLNVTGYYRVNYDEENWR
KIQTQLQRDHSAIPVINRAQIINDAFNLASAHKVPVTLALNNTLFLIEERQYMPWEAALSSLSYFKLMFDRSEVYGPMKN
YLKKQVTPLFIHFRNNTNNWREIPENLMDQYSEVNAISTACSNGVPECEEMVSGLFKQWMENPNNNPIHPNLRSTVYCNA
IAQGGEEEWDFAWEQFRNATLVNEADKLRAALACSKELWILNRYLSYTLNPDLIRKQDATSTIISITNNVIGQGLVWDFV
QSNWKKLFNDYGGGSFSFSNLIQAVTRRFSTEYELQQLEQFKKDNEETGFGSGTRALEQALEKTKANIKWVKENKEVVLQ
WFTENSK
;
_entity_poly.pdbx_strand_id   B,A
#
loop_
_chem_comp.id
_chem_comp.type
_chem_comp.name
_chem_comp.formula
BMA D-saccharide, beta linking beta-D-mannopyranose 'C6 H12 O6'
NAG D-saccharide, beta linking 2-acetamido-2-deoxy-beta-D-glucopyranose 'C8 H15 N O6'
ZN non-polymer 'ZINC ION' 'Zn 2'
#
# COMPACT_ATOMS: atom_id res chain seq x y z
N GLN A 67 38.02 11.93 40.15
CA GLN A 67 37.41 12.63 41.31
C GLN A 67 38.39 12.60 42.48
N SER A 68 39.67 12.89 42.20
CA SER A 68 40.72 12.95 43.26
C SER A 68 40.91 11.56 43.92
N LYS A 69 40.23 10.54 43.40
CA LYS A 69 40.38 9.16 43.95
C LYS A 69 40.63 8.20 42.79
N ALA A 70 41.72 7.45 42.85
CA ALA A 70 42.06 6.55 41.71
C ALA A 70 40.87 5.63 41.41
N TRP A 71 40.20 5.14 42.45
CA TRP A 71 39.06 4.22 42.26
C TRP A 71 37.90 4.95 41.59
N ASN A 72 37.82 6.28 41.76
CA ASN A 72 36.77 7.07 41.07
C ASN A 72 37.15 7.25 39.60
N ARG A 73 38.44 7.27 39.29
CA ARG A 73 38.91 7.45 37.89
C ARG A 73 38.61 6.18 37.09
N TYR A 74 38.36 6.31 35.79
CA TYR A 74 38.02 5.14 34.95
C TYR A 74 39.28 4.45 34.43
N ARG A 75 40.44 5.11 34.55
CA ARG A 75 41.69 4.52 33.98
C ARG A 75 42.56 3.94 35.11
N LEU A 76 43.07 2.73 34.92
CA LEU A 76 43.91 2.07 35.96
C LEU A 76 45.10 2.94 36.30
N PRO A 77 45.46 3.11 37.59
CA PRO A 77 46.67 3.86 37.95
C PRO A 77 47.89 3.06 37.49
N ASN A 78 48.94 3.76 37.03
CA ASN A 78 50.16 3.07 36.52
C ASN A 78 51.09 2.77 37.71
N THR A 79 50.51 2.66 38.91
CA THR A 79 51.32 2.40 40.13
C THR A 79 51.95 1.00 40.07
N LEU A 80 51.19 0.00 39.64
CA LEU A 80 51.71 -1.39 39.54
C LEU A 80 51.33 -2.00 38.20
N LYS A 81 52.20 -2.85 37.64
CA LYS A 81 51.92 -3.52 36.34
C LYS A 81 52.03 -5.03 36.52
N PRO A 82 51.11 -5.83 35.93
CA PRO A 82 51.12 -7.29 36.11
C PRO A 82 52.28 -7.96 35.36
N ASP A 83 52.64 -9.17 35.78
CA ASP A 83 53.74 -9.92 35.10
C ASP A 83 53.21 -11.31 34.70
N SER A 84 52.62 -12.04 35.65
CA SER A 84 52.12 -13.41 35.37
C SER A 84 50.78 -13.64 36.07
N TYR A 85 49.95 -14.55 35.53
CA TYR A 85 48.63 -14.84 36.13
C TYR A 85 48.44 -16.36 36.25
N ARG A 86 47.71 -16.79 37.27
CA ARG A 86 47.38 -18.24 37.41
C ARG A 86 45.89 -18.35 37.75
N VAL A 87 45.06 -18.64 36.74
CA VAL A 87 43.58 -18.66 36.98
C VAL A 87 43.06 -20.09 36.84
N THR A 88 42.43 -20.62 37.90
CA THR A 88 41.82 -21.97 37.81
C THR A 88 40.31 -21.82 38.03
N LEU A 89 39.52 -21.91 36.95
CA LEU A 89 38.07 -21.67 37.07
C LEU A 89 37.30 -22.97 36.79
N ARG A 90 36.30 -23.29 37.63
CA ARG A 90 35.51 -24.53 37.48
C ARG A 90 34.08 -24.16 37.12
N PRO A 91 33.65 -24.30 35.84
CA PRO A 91 32.32 -23.91 35.41
C PRO A 91 31.26 -24.97 35.75
N TYR A 92 30.26 -24.61 36.57
CA TYR A 92 29.16 -25.56 36.86
C TYR A 92 28.09 -25.38 35.78
N LEU A 93 28.08 -26.25 34.78
CA LEU A 93 27.12 -26.10 33.65
C LEU A 93 25.76 -26.66 34.03
N THR A 94 25.54 -26.92 35.33
CA THR A 94 24.21 -27.41 35.80
C THR A 94 23.64 -26.38 36.78
N PRO A 95 22.34 -26.05 36.70
CA PRO A 95 21.76 -25.01 37.56
C PRO A 95 21.79 -25.45 39.03
N ASN A 96 22.17 -24.55 39.94
CA ASN A 96 22.17 -24.88 41.38
C ASN A 96 20.88 -24.36 42.01
N ASP A 97 20.89 -24.08 43.32
CA ASP A 97 19.69 -23.53 44.01
C ASP A 97 19.28 -22.24 43.31
N ARG A 98 17.96 -22.01 43.17
CA ARG A 98 17.44 -20.79 42.49
C ARG A 98 17.78 -20.87 40.99
N GLY A 99 18.04 -22.08 40.48
CA GLY A 99 18.31 -22.26 39.04
C GLY A 99 19.37 -21.29 38.53
N LEU A 100 20.51 -21.21 39.22
CA LEU A 100 21.58 -20.26 38.82
C LEU A 100 22.79 -21.05 38.32
N TYR A 101 23.28 -20.73 37.12
CA TYR A 101 24.52 -21.39 36.63
C TYR A 101 25.70 -20.56 37.12
N VAL A 102 26.51 -21.11 38.03
CA VAL A 102 27.62 -20.30 38.63
C VAL A 102 28.95 -21.01 38.39
N PHE A 103 30.06 -20.27 38.46
CA PHE A 103 31.40 -20.89 38.32
C PHE A 103 32.28 -20.44 39.48
N LYS A 104 33.14 -21.33 39.98
CA LYS A 104 34.05 -20.97 41.11
C LYS A 104 35.47 -20.87 40.57
N GLY A 105 36.16 -19.76 40.86
CA GLY A 105 37.50 -19.56 40.29
C GLY A 105 38.53 -19.10 41.31
N SER A 106 39.80 -19.44 41.09
CA SER A 106 40.89 -18.97 41.99
C SER A 106 41.99 -18.35 41.15
N SER A 107 42.35 -17.09 41.41
CA SER A 107 43.35 -16.41 40.55
C SER A 107 44.42 -15.72 41.39
N THR A 108 45.62 -15.51 40.82
CA THR A 108 46.70 -14.79 41.53
C THR A 108 47.52 -13.98 40.51
N VAL A 109 47.90 -12.76 40.85
CA VAL A 109 48.63 -11.88 39.90
C VAL A 109 49.96 -11.45 40.52
N ARG A 110 51.09 -11.76 39.87
CA ARG A 110 52.42 -11.32 40.37
C ARG A 110 52.71 -9.93 39.78
N PHE A 111 52.21 -8.87 40.42
CA PHE A 111 52.40 -7.50 39.89
C PHE A 111 53.73 -6.93 40.37
N THR A 112 54.25 -5.93 39.65
CA THR A 112 55.52 -5.27 40.08
C THR A 112 55.23 -3.80 40.37
N CYS A 113 55.64 -3.32 41.55
CA CYS A 113 55.35 -1.91 41.94
C CYS A 113 56.18 -0.96 41.06
N LYS A 114 55.53 -0.33 40.08
CA LYS A 114 56.24 0.65 39.20
C LYS A 114 56.55 1.91 40.02
N GLU A 115 55.55 2.39 40.77
CA GLU A 115 55.74 3.59 41.62
C GLU A 115 55.22 3.28 43.03
N ALA A 116 55.99 3.60 44.07
CA ALA A 116 55.59 3.27 45.45
C ALA A 116 54.21 3.88 45.74
N THR A 117 53.26 3.05 46.17
CA THR A 117 51.88 3.54 46.46
C THR A 117 51.31 2.80 47.68
N ASP A 118 50.07 3.12 48.07
CA ASP A 118 49.49 2.52 49.29
C ASP A 118 48.23 1.73 48.94
N VAL A 119 47.81 1.73 47.68
CA VAL A 119 46.54 1.04 47.30
C VAL A 119 46.77 0.19 46.05
N ILE A 120 46.12 -0.97 45.97
CA ILE A 120 46.22 -1.82 44.75
C ILE A 120 44.85 -1.83 44.07
N ILE A 121 44.80 -1.51 42.77
CA ILE A 121 43.50 -1.44 42.07
C ILE A 121 43.47 -2.49 40.95
N ILE A 122 42.51 -3.42 41.02
CA ILE A 122 42.40 -4.50 39.99
C ILE A 122 40.97 -4.47 39.45
N HIS A 123 40.80 -4.58 38.12
CA HIS A 123 39.44 -4.60 37.53
C HIS A 123 38.71 -5.88 37.99
N SER A 124 37.46 -5.73 38.42
CA SER A 124 36.64 -6.91 38.82
C SER A 124 35.16 -6.58 38.61
N LYS A 125 34.42 -7.45 37.92
CA LYS A 125 33.00 -7.19 37.63
C LYS A 125 32.16 -8.41 38.01
N LYS A 126 31.02 -8.20 38.67
CA LYS A 126 30.11 -9.32 39.02
C LYS A 126 30.93 -10.48 39.61
N LEU A 127 31.70 -10.22 40.67
CA LEU A 127 32.48 -11.28 41.35
C LEU A 127 32.24 -11.22 42.85
N ASN A 128 31.74 -12.30 43.45
CA ASN A 128 31.41 -12.31 44.90
C ASN A 128 32.69 -12.30 45.74
N TYR A 129 33.70 -13.09 45.34
CA TYR A 129 34.99 -13.19 46.10
C TYR A 129 34.78 -13.98 47.39
N THR A 130 35.86 -14.50 47.96
CA THR A 130 35.79 -15.23 49.26
C THR A 130 36.91 -14.71 50.17
N LEU A 131 36.56 -14.28 51.39
CA LEU A 131 37.58 -13.70 52.31
C LEU A 131 38.40 -14.84 52.92
N SER A 132 39.53 -15.19 52.29
CA SER A 132 40.41 -16.26 52.80
C SER A 132 40.84 -15.91 54.23
N GLN A 133 41.24 -14.66 54.46
CA GLN A 133 41.58 -14.21 55.83
C GLN A 133 40.63 -13.06 56.21
N GLY A 134 41.16 -12.00 56.81
CA GLY A 134 40.33 -10.84 57.17
C GLY A 134 40.00 -10.00 55.95
N HIS A 135 40.54 -10.37 54.78
CA HIS A 135 40.32 -9.58 53.54
C HIS A 135 40.02 -10.54 52.38
N ARG A 136 39.40 -10.01 51.31
CA ARG A 136 39.01 -10.86 50.16
C ARG A 136 40.26 -11.40 49.46
N VAL A 137 41.36 -10.66 49.51
CA VAL A 137 42.59 -11.08 48.78
C VAL A 137 43.72 -11.32 49.79
N VAL A 138 44.75 -12.07 49.38
CA VAL A 138 45.92 -12.33 50.27
C VAL A 138 47.18 -11.83 49.55
N LEU A 139 47.91 -10.90 50.18
CA LEU A 139 49.13 -10.33 49.54
C LEU A 139 50.37 -11.05 50.08
N ARG A 140 51.18 -11.62 49.19
CA ARG A 140 52.45 -12.27 49.63
C ARG A 140 53.60 -11.76 48.75
N GLY A 141 54.60 -11.15 49.37
CA GLY A 141 55.78 -10.66 48.62
C GLY A 141 56.62 -11.82 48.12
N VAL A 142 57.16 -11.71 46.89
CA VAL A 142 57.96 -12.82 46.30
C VAL A 142 59.42 -12.38 46.24
N GLY A 143 60.34 -13.33 46.18
CA GLY A 143 61.78 -13.00 46.16
C GLY A 143 62.20 -12.25 47.41
N GLY A 144 61.54 -12.53 48.54
CA GLY A 144 61.87 -11.88 49.82
C GLY A 144 61.26 -10.49 49.93
N SER A 145 60.43 -10.11 48.96
CA SER A 145 59.73 -8.80 49.01
C SER A 145 58.86 -8.74 50.27
N GLN A 146 58.91 -7.62 50.99
CA GLN A 146 58.11 -7.47 52.23
C GLN A 146 56.65 -7.23 51.83
N PRO A 147 55.69 -8.08 52.27
CA PRO A 147 54.28 -7.86 51.98
C PRO A 147 53.71 -6.79 52.93
N PRO A 148 53.30 -5.61 52.42
CA PRO A 148 52.69 -4.60 53.27
C PRO A 148 51.32 -5.08 53.77
N ASP A 149 51.00 -4.80 55.04
CA ASP A 149 49.71 -5.28 55.61
C ASP A 149 48.56 -4.60 54.86
N ILE A 150 47.43 -5.30 54.71
CA ILE A 150 46.28 -4.75 53.94
C ILE A 150 45.30 -4.06 54.89
N ASP A 151 45.03 -2.78 54.66
CA ASP A 151 44.11 -2.01 55.55
C ASP A 151 42.67 -2.50 55.37
N LYS A 152 42.16 -2.52 54.14
CA LYS A 152 40.74 -2.90 53.90
C LYS A 152 40.52 -3.26 52.44
N THR A 153 39.43 -3.97 52.14
CA THR A 153 39.10 -4.34 50.74
C THR A 153 37.77 -3.68 50.34
N GLU A 154 37.73 -3.00 49.20
CA GLU A 154 36.48 -2.36 48.72
C GLU A 154 36.25 -2.71 47.25
N LEU A 155 34.99 -2.87 46.85
CA LEU A 155 34.66 -3.13 45.42
C LEU A 155 33.89 -1.94 44.86
N VAL A 156 34.46 -1.24 43.88
CA VAL A 156 33.78 -0.06 43.26
C VAL A 156 33.00 -0.54 42.03
N GLU A 157 31.74 -0.12 41.90
CA GLU A 157 30.89 -0.55 40.76
C GLU A 157 31.04 0.42 39.58
N PRO A 158 30.84 1.76 39.74
CA PRO A 158 30.91 2.68 38.60
C PRO A 158 32.17 2.34 37.80
N THR A 159 33.31 2.24 38.48
CA THR A 159 34.56 1.81 37.79
C THR A 159 34.88 0.41 38.32
N GLU A 160 34.54 -0.64 37.57
CA GLU A 160 34.74 -2.03 38.08
C GLU A 160 36.16 -2.12 38.66
N TYR A 161 36.31 -1.84 39.96
CA TYR A 161 37.66 -1.83 40.57
C TYR A 161 37.63 -2.56 41.91
N LEU A 162 38.71 -3.26 42.26
CA LEU A 162 38.79 -3.92 43.59
C LEU A 162 39.82 -3.16 44.43
N VAL A 163 39.41 -2.02 45.01
CA VAL A 163 40.36 -1.19 45.79
C VAL A 163 40.75 -1.95 47.05
N VAL A 164 42.03 -2.29 47.19
CA VAL A 164 42.50 -2.95 48.45
C VAL A 164 43.48 -2.01 49.15
N HIS A 165 42.95 -1.10 49.98
CA HIS A 165 43.82 -0.13 50.71
C HIS A 165 44.80 -0.92 51.58
N LEU A 166 46.07 -0.50 51.60
CA LEU A 166 47.10 -1.23 52.38
C LEU A 166 47.60 -0.35 53.52
N LYS A 167 47.84 -0.95 54.70
CA LYS A 167 48.41 -0.17 55.83
C LYS A 167 49.92 -0.04 55.61
N GLY A 168 50.32 0.75 54.60
CA GLY A 168 51.75 0.92 54.29
C GLY A 168 51.96 1.13 52.80
N SER A 169 53.22 1.32 52.38
CA SER A 169 53.52 1.57 50.95
C SER A 169 54.28 0.38 50.35
N LEU A 170 53.87 -0.08 49.17
CA LEU A 170 54.59 -1.19 48.50
C LEU A 170 55.84 -0.61 47.82
N VAL A 171 57.03 -1.06 48.22
CA VAL A 171 58.30 -0.51 47.68
C VAL A 171 58.39 -0.87 46.18
N LYS A 172 59.07 -0.04 45.39
CA LYS A 172 59.18 -0.28 43.93
C LYS A 172 60.20 -1.38 43.64
N ASP A 173 60.25 -1.86 42.40
CA ASP A 173 61.25 -2.89 42.00
C ASP A 173 61.13 -4.11 42.92
N SER A 174 59.91 -4.45 43.33
CA SER A 174 59.68 -5.64 44.19
C SER A 174 58.37 -6.31 43.78
N GLN A 175 58.40 -7.60 43.44
CA GLN A 175 57.17 -8.27 42.93
C GLN A 175 56.32 -8.76 44.11
N TYR A 176 55.01 -8.50 44.07
CA TYR A 176 54.09 -8.98 45.12
C TYR A 176 52.97 -9.78 44.47
N GLU A 177 52.63 -10.94 45.05
CA GLU A 177 51.55 -11.79 44.47
C GLU A 177 50.27 -11.62 45.29
N MET A 178 49.13 -11.46 44.62
CA MET A 178 47.82 -11.30 45.32
C MET A 178 46.92 -12.49 44.98
N ASP A 179 46.74 -13.41 45.93
CA ASP A 179 45.85 -14.58 45.71
C ASP A 179 44.40 -14.12 45.89
N SER A 180 43.47 -14.71 45.13
CA SER A 180 42.06 -14.27 45.19
C SER A 180 41.11 -15.39 44.77
N GLU A 181 40.35 -15.95 45.71
CA GLU A 181 39.33 -16.97 45.35
C GLU A 181 37.99 -16.26 45.17
N PHE A 182 37.25 -16.56 44.11
CA PHE A 182 36.00 -15.80 43.83
C PHE A 182 34.91 -16.72 43.26
N GLU A 183 33.66 -16.23 43.26
CA GLU A 183 32.55 -17.01 42.67
C GLU A 183 31.77 -16.10 41.73
N GLY A 184 31.52 -16.55 40.50
CA GLY A 184 30.79 -15.72 39.51
C GLY A 184 29.61 -16.47 38.93
N GLU A 185 28.77 -15.79 38.15
CA GLU A 185 27.57 -16.43 37.56
C GLU A 185 27.81 -16.71 36.08
N LEU A 186 27.70 -17.97 35.65
CA LEU A 186 27.86 -18.31 34.21
C LEU A 186 26.53 -18.02 33.51
N ALA A 187 26.20 -16.73 33.32
CA ALA A 187 24.91 -16.35 32.71
C ALA A 187 25.03 -16.32 31.19
N ASP A 188 23.91 -16.31 30.48
CA ASP A 188 23.94 -16.20 28.99
C ASP A 188 23.99 -14.72 28.61
N ASP A 189 25.04 -14.02 29.01
CA ASP A 189 25.14 -12.56 28.74
C ASP A 189 26.02 -12.33 27.50
N LEU A 190 26.56 -13.39 26.92
CA LEU A 190 27.48 -13.25 25.76
C LEU A 190 28.60 -12.27 26.13
N ALA A 191 29.04 -12.29 27.39
CA ALA A 191 30.10 -11.38 27.86
C ALA A 191 30.95 -12.09 28.92
N GLY A 192 32.26 -11.82 28.95
CA GLY A 192 33.15 -12.49 29.92
C GLY A 192 32.98 -13.99 29.85
N PHE A 193 32.79 -14.65 31.00
CA PHE A 193 32.55 -16.11 31.00
C PHE A 193 31.04 -16.34 30.95
N TYR A 194 30.52 -16.74 29.78
CA TYR A 194 29.05 -16.90 29.63
C TYR A 194 28.72 -18.32 29.19
N ARG A 195 27.43 -18.69 29.25
CA ARG A 195 27.01 -20.05 28.84
C ARG A 195 26.12 -19.95 27.59
N SER A 196 26.17 -20.98 26.73
CA SER A 196 25.30 -21.00 25.52
C SER A 196 24.62 -22.36 25.42
N GLU A 197 23.29 -22.39 25.47
CA GLU A 197 22.56 -23.68 25.45
C GLU A 197 21.99 -23.92 24.05
N TYR A 198 22.43 -25.00 23.39
CA TYR A 198 21.90 -25.33 22.04
C TYR A 198 21.09 -26.63 22.12
N MET A 199 20.12 -26.79 21.21
CA MET A 199 19.23 -27.99 21.24
C MET A 199 19.82 -29.07 20.34
N GLU A 200 20.77 -29.86 20.85
CA GLU A 200 21.29 -31.00 20.04
C GLU A 200 20.18 -32.06 20.01
N GLY A 201 19.58 -32.29 18.83
CA GLY A 201 18.43 -33.22 18.77
C GLY A 201 17.28 -32.68 19.60
N ASN A 202 16.81 -33.46 20.57
CA ASN A 202 15.74 -32.96 21.48
C ASN A 202 16.34 -32.76 22.87
N VAL A 203 17.68 -32.72 22.97
CA VAL A 203 18.37 -32.59 24.28
C VAL A 203 19.01 -31.20 24.37
N ARG A 204 18.79 -30.48 25.48
CA ARG A 204 19.45 -29.16 25.67
C ARG A 204 20.92 -29.41 26.02
N LYS A 205 21.84 -28.79 25.27
CA LYS A 205 23.29 -28.91 25.60
C LYS A 205 23.84 -27.52 25.91
N VAL A 206 24.41 -27.33 27.09
CA VAL A 206 24.96 -26.01 27.50
C VAL A 206 26.48 -26.04 27.34
N VAL A 207 27.06 -24.98 26.76
CA VAL A 207 28.55 -24.89 26.61
C VAL A 207 29.03 -23.63 27.35
N ALA A 208 30.21 -23.70 27.98
CA ALA A 208 30.77 -22.53 28.69
C ALA A 208 31.80 -21.85 27.79
N THR A 209 31.47 -20.71 27.20
CA THR A 209 32.38 -20.02 26.26
C THR A 209 32.77 -18.65 26.83
N THR A 210 33.65 -17.92 26.14
CA THR A 210 34.11 -16.61 26.65
C THR A 210 34.14 -15.55 25.54
N GLN A 211 33.64 -14.35 25.81
CA GLN A 211 33.71 -13.25 24.82
C GLN A 211 34.21 -12.01 25.56
N MET A 212 35.50 -11.96 25.88
CA MET A 212 36.05 -10.84 26.70
C MET A 212 36.52 -9.71 25.78
N GLN A 213 35.66 -9.18 24.92
CA GLN A 213 36.06 -8.01 24.10
C GLN A 213 36.00 -6.75 24.97
N ALA A 214 36.83 -5.76 24.67
CA ALA A 214 36.87 -4.53 25.50
C ALA A 214 37.09 -4.94 26.96
N ALA A 215 36.04 -4.85 27.78
CA ALA A 215 36.14 -5.27 29.20
C ALA A 215 35.77 -6.76 29.30
N ASP A 216 34.87 -7.11 30.23
CA ASP A 216 34.39 -8.51 30.36
C ASP A 216 35.47 -9.42 30.94
N ALA A 217 36.73 -9.22 30.56
CA ALA A 217 37.83 -10.02 31.15
C ALA A 217 37.78 -9.89 32.67
N ARG A 218 37.45 -8.70 33.17
CA ARG A 218 37.31 -8.48 34.62
C ARG A 218 36.23 -9.41 35.17
N LYS A 219 35.12 -9.56 34.45
CA LYS A 219 33.98 -10.38 34.95
C LYS A 219 34.48 -11.80 35.23
N SER A 220 35.33 -12.34 34.35
CA SER A 220 35.81 -13.74 34.49
C SER A 220 36.70 -13.86 35.74
N PHE A 221 37.64 -12.93 35.93
CA PHE A 221 38.60 -13.05 37.07
C PHE A 221 39.22 -11.69 37.40
N PRO A 222 39.65 -11.45 38.66
CA PRO A 222 40.33 -10.20 39.01
C PRO A 222 41.59 -10.04 38.14
N CYS A 223 41.66 -8.96 37.36
CA CYS A 223 42.82 -8.78 36.45
C CYS A 223 42.94 -7.31 36.05
N PHE A 224 44.12 -6.90 35.57
CA PHE A 224 44.26 -5.51 35.06
C PHE A 224 43.63 -5.50 33.66
N ASP A 225 42.31 -5.28 33.58
CA ASP A 225 41.61 -5.38 32.28
C ASP A 225 41.93 -4.16 31.40
N GLU A 226 43.17 -4.07 30.90
CA GLU A 226 43.53 -2.98 29.97
C GLU A 226 44.48 -3.55 28.90
N PRO A 227 44.30 -3.22 27.61
CA PRO A 227 45.12 -3.80 26.54
C PRO A 227 46.60 -3.48 26.78
N ALA A 228 46.89 -2.34 27.42
CA ALA A 228 48.29 -1.94 27.69
C ALA A 228 48.93 -2.92 28.67
N MET A 229 48.15 -3.49 29.60
CA MET A 229 48.73 -4.38 30.64
C MET A 229 48.93 -5.78 30.05
N LYS A 230 50.09 -6.03 29.43
CA LYS A 230 50.40 -7.37 28.86
C LYS A 230 51.04 -8.25 29.92
N ALA A 231 50.64 -9.52 30.00
CA ALA A 231 51.19 -10.45 31.01
C ALA A 231 51.00 -11.90 30.55
N GLU A 232 51.77 -12.83 31.11
CA GLU A 232 51.60 -14.27 30.77
C GLU A 232 50.45 -14.82 31.60
N PHE A 233 49.59 -15.66 31.01
CA PHE A 233 48.41 -16.18 31.73
C PHE A 233 48.45 -17.71 31.78
N ASN A 234 48.39 -18.28 32.99
CA ASN A 234 48.35 -19.76 33.13
C ASN A 234 46.91 -20.17 33.40
N ILE A 235 46.22 -20.76 32.42
CA ILE A 235 44.78 -21.08 32.59
C ILE A 235 44.61 -22.56 32.93
N THR A 236 43.83 -22.87 33.96
CA THR A 236 43.54 -24.28 34.32
C THR A 236 42.02 -24.43 34.46
N LEU A 237 41.43 -25.46 33.83
CA LEU A 237 39.95 -25.59 33.84
C LEU A 237 39.54 -26.89 34.53
N ILE A 238 38.63 -26.81 35.51
CA ILE A 238 38.08 -28.06 36.12
C ILE A 238 36.79 -28.37 35.38
N HIS A 239 36.79 -29.38 34.51
CA HIS A 239 35.60 -29.64 33.66
C HIS A 239 35.05 -31.05 33.92
N PRO A 240 33.76 -31.32 33.63
CA PRO A 240 33.21 -32.67 33.76
C PRO A 240 34.04 -33.62 32.89
N LYS A 241 34.25 -34.85 33.35
CA LYS A 241 35.13 -35.80 32.61
C LYS A 241 34.64 -35.95 31.16
N ASP A 242 33.33 -36.02 30.96
CA ASP A 242 32.78 -36.26 29.60
C ASP A 242 33.14 -35.08 28.66
N LEU A 243 32.97 -33.85 29.14
CA LEU A 243 33.21 -32.66 28.28
C LEU A 243 34.72 -32.47 28.06
N THR A 244 35.10 -31.72 27.02
CA THR A 244 36.53 -31.43 26.77
C THR A 244 36.79 -29.94 27.03
N ALA A 245 38.02 -29.59 27.45
CA ALA A 245 38.33 -28.17 27.76
C ALA A 245 39.33 -27.62 26.75
N LEU A 246 39.08 -26.41 26.24
CA LEU A 246 39.99 -25.78 25.25
C LEU A 246 40.40 -24.39 25.77
N SER A 247 41.58 -23.91 25.38
CA SER A 247 42.05 -22.57 25.80
C SER A 247 42.97 -21.97 24.73
N ASN A 248 43.58 -20.82 25.02
CA ASN A 248 44.46 -20.15 24.02
C ASN A 248 45.63 -21.05 23.66
N MET A 249 46.20 -21.75 24.65
CA MET A 249 47.40 -22.59 24.39
C MET A 249 47.03 -24.07 24.40
N LEU A 250 47.98 -24.95 24.09
CA LEU A 250 47.73 -26.42 24.10
C LEU A 250 47.63 -26.91 25.55
N PRO A 251 46.96 -28.05 25.82
CA PRO A 251 46.91 -28.60 27.18
C PRO A 251 48.31 -29.01 27.66
N LYS A 252 48.72 -28.53 28.82
CA LYS A 252 50.05 -28.88 29.38
C LYS A 252 50.11 -30.39 29.60
N GLY A 253 49.05 -30.97 30.16
CA GLY A 253 48.99 -32.42 30.39
C GLY A 253 47.61 -32.98 30.07
N PRO A 254 47.47 -34.29 29.82
CA PRO A 254 46.14 -34.89 29.58
C PRO A 254 45.23 -34.68 30.79
N SER A 255 43.94 -34.46 30.56
CA SER A 255 43.00 -34.19 31.67
C SER A 255 43.05 -35.34 32.69
N THR A 256 43.30 -35.02 33.96
CA THR A 256 43.33 -36.06 35.02
C THR A 256 42.09 -35.89 35.91
N PRO A 257 41.50 -36.97 36.45
CA PRO A 257 40.34 -36.85 37.33
C PRO A 257 40.65 -35.92 38.50
N LEU A 258 39.77 -34.95 38.78
CA LEU A 258 39.95 -34.07 39.95
C LEU A 258 40.09 -34.95 41.18
N PRO A 259 41.08 -34.71 42.08
CA PRO A 259 41.28 -35.59 43.23
C PRO A 259 39.93 -35.91 43.90
N GLU A 260 39.13 -34.88 44.19
CA GLU A 260 37.77 -35.10 44.77
C GLU A 260 36.77 -35.13 43.62
N ASP A 261 35.58 -35.70 43.85
CA ASP A 261 34.52 -35.72 42.81
C ASP A 261 35.14 -36.14 41.47
N PRO A 262 35.52 -37.43 41.29
CA PRO A 262 36.19 -37.89 40.06
C PRO A 262 35.36 -37.58 38.81
N ASN A 263 34.08 -37.27 38.97
CA ASN A 263 33.21 -36.91 37.82
C ASN A 263 33.87 -35.76 37.06
N TRP A 264 34.62 -34.91 37.76
CA TRP A 264 35.26 -33.72 37.10
C TRP A 264 36.73 -34.01 36.81
N ASN A 265 37.24 -33.53 35.67
CA ASN A 265 38.68 -33.67 35.34
C ASN A 265 39.36 -32.31 35.53
N VAL A 266 40.69 -32.29 35.65
CA VAL A 266 41.42 -30.99 35.75
C VAL A 266 42.39 -30.90 34.57
N THR A 267 42.27 -29.84 33.75
CA THR A 267 43.14 -29.68 32.57
C THR A 267 43.96 -28.39 32.72
N GLU A 268 45.29 -28.51 32.73
CA GLU A 268 46.14 -27.29 32.79
C GLU A 268 46.70 -27.02 31.38
N PHE A 269 46.82 -25.74 31.02
CA PHE A 269 47.33 -25.37 29.68
C PHE A 269 48.71 -24.70 29.84
N HIS A 270 49.57 -24.83 28.83
CA HIS A 270 50.92 -24.21 28.90
C HIS A 270 50.77 -22.70 29.06
N THR A 271 51.74 -22.06 29.73
CA THR A 271 51.66 -20.60 29.97
C THR A 271 51.52 -19.88 28.63
N THR A 272 50.64 -18.86 28.57
CA THR A 272 50.39 -18.14 27.29
C THR A 272 51.48 -17.08 27.06
N PRO A 273 51.96 -16.89 25.81
CA PRO A 273 52.94 -15.83 25.54
C PRO A 273 52.36 -14.49 26.02
N LYS A 274 53.20 -13.64 26.63
CA LYS A 274 52.66 -12.37 27.20
C LYS A 274 51.50 -11.88 26.35
N MET A 275 50.26 -12.10 26.80
CA MET A 275 49.07 -11.61 26.07
C MET A 275 48.56 -10.36 26.80
N SER A 276 47.54 -9.68 26.27
CA SER A 276 47.07 -8.42 26.89
C SER A 276 45.64 -8.59 27.39
N THR A 277 45.27 -9.78 27.86
CA THR A 277 43.86 -10.04 28.28
C THR A 277 42.97 -9.78 27.07
N TYR A 278 41.66 -9.74 27.25
CA TYR A 278 40.72 -9.41 26.13
C TYR A 278 40.86 -10.44 25.01
N LEU A 279 41.96 -11.20 24.98
CA LEU A 279 42.17 -12.26 23.95
C LEU A 279 42.16 -13.62 24.65
N LEU A 280 42.15 -13.63 25.99
CA LEU A 280 42.08 -14.91 26.75
C LEU A 280 40.75 -15.59 26.47
N ALA A 281 40.75 -16.92 26.30
CA ALA A 281 39.50 -17.67 26.06
C ALA A 281 39.61 -19.06 26.67
N PHE A 282 38.60 -19.51 27.41
CA PHE A 282 38.59 -20.89 27.95
C PHE A 282 37.21 -21.50 27.71
N ILE A 283 37.12 -22.46 26.77
CA ILE A 283 35.78 -23.03 26.41
C ILE A 283 35.73 -24.51 26.82
N VAL A 284 34.72 -24.90 27.60
CA VAL A 284 34.54 -26.33 27.98
C VAL A 284 33.22 -26.82 27.35
N SER A 285 33.29 -27.88 26.54
CA SER A 285 32.08 -28.38 25.84
C SER A 285 32.30 -29.82 25.39
N GLU A 286 31.37 -30.35 24.57
CA GLU A 286 31.51 -31.73 24.06
C GLU A 286 31.72 -31.68 22.54
N PHE A 287 32.07 -30.51 22.00
CA PHE A 287 32.24 -30.35 20.54
C PHE A 287 33.34 -31.26 20.02
N ASP A 288 33.10 -31.97 18.91
CA ASP A 288 34.16 -32.80 18.28
C ASP A 288 34.96 -31.91 17.34
N TYR A 289 35.93 -32.45 16.60
CA TYR A 289 36.77 -31.56 15.77
C TYR A 289 37.48 -32.30 14.63
N VAL A 290 37.81 -31.58 13.56
CA VAL A 290 38.61 -32.17 12.45
C VAL A 290 39.96 -31.45 12.47
N GLU A 291 41.06 -32.20 12.52
CA GLU A 291 42.38 -31.53 12.66
C GLU A 291 43.30 -31.82 11.46
N LYS A 292 44.28 -30.95 11.22
CA LYS A 292 45.25 -31.17 10.13
C LYS A 292 46.57 -30.53 10.55
N GLN A 293 47.67 -31.30 10.53
CA GLN A 293 48.99 -30.72 10.89
C GLN A 293 49.56 -30.01 9.67
N ALA A 294 49.59 -28.68 9.70
CA ALA A 294 50.19 -27.90 8.59
C ALA A 294 51.70 -28.14 8.58
N SER A 295 52.32 -28.10 7.40
CA SER A 295 53.77 -28.42 7.29
C SER A 295 54.62 -27.21 7.71
N ASN A 296 54.03 -26.26 8.45
CA ASN A 296 54.81 -25.10 8.96
C ASN A 296 54.93 -25.22 10.48
N GLY A 297 54.27 -26.22 11.06
CA GLY A 297 54.38 -26.45 12.52
C GLY A 297 53.08 -26.18 13.27
N VAL A 298 52.12 -25.49 12.63
CA VAL A 298 50.87 -25.13 13.35
C VAL A 298 49.85 -26.27 13.20
N LEU A 299 49.28 -26.73 14.32
CA LEU A 299 48.24 -27.79 14.24
C LEU A 299 46.87 -27.11 14.07
N ILE A 300 46.28 -27.20 12.88
CA ILE A 300 44.97 -26.56 12.61
C ILE A 300 43.87 -27.51 13.07
N ARG A 301 43.02 -27.06 14.01
CA ARG A 301 41.88 -27.90 14.48
C ARG A 301 40.59 -27.09 14.36
N ILE A 302 39.61 -27.62 13.62
CA ILE A 302 38.29 -26.93 13.49
C ILE A 302 37.29 -27.66 14.40
N TRP A 303 36.95 -27.05 15.55
CA TRP A 303 36.03 -27.69 16.52
C TRP A 303 34.60 -27.22 16.26
N ALA A 304 33.62 -28.13 16.37
CA ALA A 304 32.20 -27.77 16.12
C ALA A 304 31.29 -28.86 16.70
N ARG A 305 29.98 -28.65 16.64
CA ARG A 305 29.01 -29.65 17.15
C ARG A 305 29.36 -31.01 16.56
N PRO A 306 29.40 -32.10 17.35
CA PRO A 306 29.82 -33.41 16.84
C PRO A 306 29.11 -33.79 15.53
N SER A 307 27.80 -33.56 15.45
CA SER A 307 27.03 -33.96 14.25
C SER A 307 27.60 -33.26 13.00
N ALA A 308 27.85 -31.95 13.10
CA ALA A 308 28.37 -31.19 11.95
C ALA A 308 29.80 -31.67 11.61
N ILE A 309 30.62 -31.90 12.63
CA ILE A 309 32.01 -32.41 12.40
C ILE A 309 31.91 -33.78 11.75
N ALA A 310 30.92 -34.58 12.16
CA ALA A 310 30.71 -35.92 11.54
C ALA A 310 30.42 -35.74 10.06
N ALA A 311 29.68 -34.69 9.69
CA ALA A 311 29.44 -34.41 8.26
C ALA A 311 30.61 -33.59 7.71
N GLY A 312 30.54 -33.19 6.44
CA GLY A 312 31.65 -32.42 5.82
C GLY A 312 31.50 -30.93 6.07
N HIS A 313 30.63 -30.55 7.01
CA HIS A 313 30.37 -29.11 7.26
C HIS A 313 31.67 -28.38 7.61
N GLY A 314 32.52 -29.01 8.44
CA GLY A 314 33.76 -28.33 8.89
C GLY A 314 34.93 -28.60 7.97
N ASP A 315 34.76 -29.45 6.96
CA ASP A 315 35.90 -29.82 6.09
C ASP A 315 36.41 -28.58 5.35
N TYR A 316 35.52 -27.77 4.78
CA TYR A 316 35.98 -26.61 3.98
C TYR A 316 36.88 -25.72 4.83
N ALA A 317 36.44 -25.40 6.04
CA ALA A 317 37.23 -24.49 6.91
C ALA A 317 38.64 -25.06 7.09
N LEU A 318 38.75 -26.37 7.38
CA LEU A 318 40.08 -27.00 7.57
C LEU A 318 40.85 -26.93 6.25
N ASN A 319 40.16 -27.09 5.13
CA ASN A 319 40.83 -27.08 3.80
C ASN A 319 41.30 -25.66 3.45
N VAL A 320 40.75 -24.64 4.11
CA VAL A 320 41.09 -23.24 3.72
C VAL A 320 41.97 -22.58 4.79
N THR A 321 41.94 -23.09 6.02
CA THR A 321 42.70 -22.41 7.11
C THR A 321 44.20 -22.48 6.82
N GLY A 322 44.70 -23.63 6.39
CA GLY A 322 46.14 -23.79 6.13
C GLY A 322 46.68 -22.78 5.14
N PRO A 323 46.17 -22.72 3.89
CA PRO A 323 46.61 -21.71 2.93
C PRO A 323 46.57 -20.30 3.52
N ILE A 324 45.45 -19.93 4.16
CA ILE A 324 45.30 -18.54 4.68
C ILE A 324 46.42 -18.25 5.69
N LEU A 325 46.66 -19.17 6.62
CA LEU A 325 47.74 -18.98 7.63
C LEU A 325 49.07 -18.80 6.91
N ASN A 326 49.35 -19.63 5.92
CA ASN A 326 50.66 -19.56 5.20
C ASN A 326 50.80 -18.18 4.55
N PHE A 327 49.75 -17.71 3.88
CA PHE A 327 49.82 -16.39 3.19
C PHE A 327 50.18 -15.32 4.22
N PHE A 328 49.44 -15.25 5.32
CA PHE A 328 49.67 -14.17 6.31
C PHE A 328 51.09 -14.30 6.86
N ALA A 329 51.55 -15.53 7.09
CA ALA A 329 52.92 -15.74 7.61
C ALA A 329 53.90 -15.02 6.69
N GLY A 330 53.72 -15.15 5.38
CA GLY A 330 54.60 -14.45 4.42
C GLY A 330 54.38 -12.96 4.45
N HIS A 331 53.12 -12.52 4.37
CA HIS A 331 52.83 -11.06 4.33
C HIS A 331 53.37 -10.41 5.61
N TYR A 332 53.10 -11.02 6.77
CA TYR A 332 53.57 -10.46 8.06
C TYR A 332 55.06 -10.78 8.25
N ASP A 333 55.61 -11.62 7.37
CA ASP A 333 57.05 -12.00 7.47
C ASP A 333 57.35 -12.48 8.89
N THR A 334 56.38 -13.14 9.53
CA THR A 334 56.55 -13.63 10.92
C THR A 334 55.91 -15.02 11.03
N PRO A 335 56.56 -16.01 11.69
CA PRO A 335 55.94 -17.32 11.89
C PRO A 335 54.76 -17.23 12.87
N TYR A 336 53.76 -18.10 12.69
CA TYR A 336 52.58 -18.07 13.59
C TYR A 336 53.06 -18.03 15.04
N PRO A 337 52.70 -17.00 15.82
CA PRO A 337 53.22 -16.87 17.20
C PRO A 337 52.83 -18.05 18.11
N LEU A 338 51.57 -18.50 18.03
CA LEU A 338 51.10 -19.58 18.96
C LEU A 338 51.47 -20.95 18.37
N PRO A 339 51.51 -22.02 19.19
CA PRO A 339 51.82 -23.38 18.70
C PRO A 339 50.76 -23.93 17.75
N LYS A 340 49.48 -23.67 18.01
CA LYS A 340 48.39 -24.24 17.18
C LYS A 340 47.31 -23.19 16.94
N SER A 341 46.34 -23.49 16.07
CA SER A 341 45.20 -22.57 15.82
C SER A 341 43.89 -23.35 15.86
N ASP A 342 43.07 -23.12 16.89
CA ASP A 342 41.76 -23.82 17.00
C ASP A 342 40.64 -22.84 16.65
N GLN A 343 39.84 -23.17 15.64
CA GLN A 343 38.68 -22.30 15.28
C GLN A 343 37.40 -23.05 15.70
N ILE A 344 36.65 -22.50 16.64
CA ILE A 344 35.45 -23.21 17.16
C ILE A 344 34.18 -22.53 16.64
N GLY A 345 33.21 -23.34 16.19
CA GLY A 345 31.94 -22.79 15.66
C GLY A 345 30.83 -22.86 16.69
N LEU A 346 30.66 -21.79 17.47
CA LEU A 346 29.60 -21.76 18.53
C LEU A 346 28.23 -21.70 17.85
N PRO A 347 27.23 -22.46 18.33
CA PRO A 347 25.91 -22.49 17.68
C PRO A 347 25.25 -21.11 17.67
N ASP A 348 25.38 -20.35 18.76
CA ASP A 348 24.74 -19.01 18.85
C ASP A 348 25.81 -17.95 18.59
N PHE A 349 26.46 -17.45 19.66
CA PHE A 349 27.57 -16.46 19.50
C PHE A 349 27.09 -15.28 18.65
N ASN A 350 26.33 -14.37 19.24
CA ASN A 350 25.77 -13.21 18.49
C ASN A 350 26.92 -12.43 17.83
N ALA A 351 28.04 -12.25 18.52
CA ALA A 351 29.20 -11.58 17.89
C ALA A 351 29.61 -12.39 16.66
N GLY A 352 29.90 -11.73 15.53
CA GLY A 352 30.22 -12.47 14.30
C GLY A 352 31.40 -13.39 14.49
N ALA A 353 32.50 -12.88 15.07
CA ALA A 353 33.72 -13.68 15.28
C ALA A 353 34.57 -13.03 16.37
N MET A 354 35.49 -13.80 16.98
CA MET A 354 36.40 -13.21 17.99
C MET A 354 37.83 -13.71 17.71
N GLU A 355 38.83 -12.84 17.83
CA GLU A 355 40.23 -13.22 17.50
C GLU A 355 40.96 -13.73 18.74
N ASN A 356 40.27 -14.45 19.62
CA ASN A 356 40.96 -15.04 20.80
C ASN A 356 42.23 -15.74 20.30
N TRP A 357 43.40 -15.34 20.80
CA TRP A 357 44.68 -15.93 20.33
C TRP A 357 44.61 -17.45 20.44
N GLY A 358 44.83 -18.17 19.33
CA GLY A 358 44.87 -19.64 19.39
C GLY A 358 43.48 -20.26 19.37
N LEU A 359 42.53 -19.67 20.09
CA LEU A 359 41.17 -20.27 20.19
C LEU A 359 40.16 -19.31 19.55
N VAL A 360 40.26 -19.12 18.23
CA VAL A 360 39.33 -18.20 17.51
C VAL A 360 37.91 -18.75 17.62
N THR A 361 36.95 -17.91 18.04
CA THR A 361 35.54 -18.34 18.15
C THR A 361 34.74 -17.75 16.98
N TYR A 362 33.98 -18.58 16.27
CA TYR A 362 33.18 -18.10 15.12
C TYR A 362 31.72 -18.52 15.30
N ARG A 363 30.79 -17.82 14.66
CA ARG A 363 29.38 -18.28 14.69
C ARG A 363 29.32 -19.55 13.84
N GLU A 364 28.52 -20.54 14.26
CA GLU A 364 28.49 -21.84 13.53
C GLU A 364 28.24 -21.56 12.03
N ASN A 365 27.38 -20.59 11.72
CA ASN A 365 27.03 -20.30 10.30
C ASN A 365 28.23 -19.70 9.56
N SER A 366 29.20 -19.13 10.27
CA SER A 366 30.32 -18.43 9.59
C SER A 366 31.60 -19.29 9.56
N LEU A 367 31.54 -20.52 10.08
CA LEU A 367 32.73 -21.42 10.03
C LEU A 367 32.38 -22.73 9.32
N LEU A 368 31.12 -23.16 9.42
CA LEU A 368 30.73 -24.47 8.83
C LEU A 368 30.04 -24.24 7.49
N PHE A 369 30.39 -25.04 6.47
CA PHE A 369 29.79 -24.88 5.12
C PHE A 369 29.20 -26.22 4.66
N ASP A 370 27.88 -26.40 4.80
CA ASP A 370 27.24 -27.64 4.27
C ASP A 370 27.11 -27.49 2.76
N PRO A 371 27.76 -28.36 1.95
CA PRO A 371 27.77 -28.19 0.49
C PRO A 371 26.39 -28.41 -0.16
N LEU A 372 25.42 -28.93 0.58
CA LEU A 372 24.11 -29.28 -0.04
C LEU A 372 23.06 -28.20 0.25
N SER A 373 23.30 -27.31 1.22
CA SER A 373 22.25 -26.32 1.58
C SER A 373 22.84 -24.94 1.85
N SER A 374 24.13 -24.75 1.56
CA SER A 374 24.73 -23.40 1.73
C SER A 374 25.03 -22.79 0.36
N SER A 375 24.61 -21.54 0.15
CA SER A 375 24.85 -20.85 -1.14
C SER A 375 26.34 -20.53 -1.29
N SER A 376 26.79 -20.26 -2.51
CA SER A 376 28.21 -19.86 -2.71
C SER A 376 28.50 -18.59 -1.90
N SER A 377 27.47 -17.80 -1.62
CA SER A 377 27.65 -16.60 -0.77
C SER A 377 28.18 -17.03 0.61
N ASN A 378 27.63 -18.11 1.15
CA ASN A 378 28.09 -18.63 2.46
C ASN A 378 29.55 -19.06 2.35
N LYS A 379 29.94 -19.64 1.20
CA LYS A 379 31.34 -20.07 1.00
C LYS A 379 32.25 -18.83 1.05
N GLU A 380 31.85 -17.73 0.41
CA GLU A 380 32.65 -16.48 0.50
C GLU A 380 32.70 -16.05 1.97
N ARG A 381 31.55 -16.11 2.66
CA ARG A 381 31.50 -15.65 4.07
C ARG A 381 32.53 -16.41 4.90
N VAL A 382 32.53 -17.74 4.83
CA VAL A 382 33.44 -18.53 5.71
C VAL A 382 34.90 -18.20 5.35
N VAL A 383 35.26 -18.24 4.06
CA VAL A 383 36.69 -18.03 3.70
C VAL A 383 37.12 -16.65 4.16
N THR A 384 36.30 -15.63 3.92
CA THR A 384 36.70 -14.24 4.28
C THR A 384 36.78 -14.09 5.80
N VAL A 385 35.76 -14.51 6.54
CA VAL A 385 35.76 -14.29 8.02
C VAL A 385 36.95 -15.03 8.62
N ILE A 386 37.23 -16.25 8.14
CA ILE A 386 38.40 -17.01 8.66
C ILE A 386 39.65 -16.14 8.49
N ALA A 387 39.83 -15.54 7.31
CA ALA A 387 41.05 -14.74 7.04
C ALA A 387 41.13 -13.56 8.02
N HIS A 388 40.01 -12.88 8.25
CA HIS A 388 40.02 -11.67 9.13
C HIS A 388 40.57 -12.05 10.50
N GLU A 389 40.05 -13.11 11.11
CA GLU A 389 40.48 -13.48 12.49
C GLU A 389 41.90 -14.06 12.45
N LEU A 390 42.22 -14.84 11.43
CA LEU A 390 43.58 -15.42 11.31
C LEU A 390 44.59 -14.28 11.14
N ALA A 391 44.21 -13.19 10.46
CA ALA A 391 45.11 -12.03 10.31
C ALA A 391 45.31 -11.40 11.69
N HIS A 392 44.25 -11.35 12.49
CA HIS A 392 44.32 -10.73 13.84
C HIS A 392 45.38 -11.46 14.69
N GLN A 393 45.58 -12.75 14.42
CA GLN A 393 46.53 -13.56 15.24
C GLN A 393 47.93 -12.94 15.17
N TRP A 394 48.32 -12.43 13.99
CA TRP A 394 49.64 -11.75 13.86
C TRP A 394 49.50 -10.28 14.25
N PHE A 395 48.60 -9.55 13.58
CA PHE A 395 48.46 -8.09 13.85
C PHE A 395 47.26 -7.87 14.77
N GLY A 396 47.52 -7.39 16.00
CA GLY A 396 46.45 -7.16 16.97
C GLY A 396 46.59 -8.06 18.18
N ASN A 397 47.21 -9.22 18.01
CA ASN A 397 47.47 -10.14 19.16
C ASN A 397 48.95 -10.05 19.53
N LEU A 398 49.85 -10.23 18.56
CA LEU A 398 51.31 -10.10 18.84
C LEU A 398 51.62 -8.63 19.12
N VAL A 399 51.09 -7.72 18.31
CA VAL A 399 51.28 -6.26 18.56
C VAL A 399 49.90 -5.65 18.84
N THR A 400 49.53 -5.56 20.12
CA THR A 400 48.17 -5.05 20.48
C THR A 400 48.21 -3.52 20.56
N ILE A 401 47.04 -2.88 20.45
CA ILE A 401 46.95 -1.39 20.57
C ILE A 401 47.24 -0.99 22.03
N GLU A 402 47.86 0.18 22.23
CA GLU A 402 48.14 0.65 23.62
C GLU A 402 46.80 0.97 24.30
N TRP A 403 45.92 1.68 23.62
CA TRP A 403 44.57 1.98 24.19
C TRP A 403 43.51 1.74 23.11
N TRP A 404 42.24 1.63 23.50
CA TRP A 404 41.17 1.30 22.53
C TRP A 404 40.99 2.42 21.50
N ASN A 405 41.58 3.60 21.74
CA ASN A 405 41.42 4.75 20.82
C ASN A 405 42.01 4.39 19.44
N ASP A 406 42.97 3.45 19.41
CA ASP A 406 43.64 3.09 18.13
C ASP A 406 43.01 1.81 17.55
N LEU A 407 41.77 1.51 17.93
CA LEU A 407 41.08 0.30 17.43
C LEU A 407 41.01 0.35 15.91
N TRP A 408 40.85 1.54 15.33
CA TRP A 408 40.70 1.65 13.85
C TRP A 408 41.88 0.96 13.15
N LEU A 409 43.10 1.14 13.67
CA LEU A 409 44.30 0.56 12.99
C LEU A 409 44.21 -0.96 13.02
N ASN A 410 43.85 -1.54 14.18
CA ASN A 410 43.80 -3.02 14.31
C ASN A 410 42.68 -3.59 13.43
N GLU A 411 41.44 -3.19 13.69
CA GLU A 411 40.29 -3.76 12.94
C GLU A 411 40.39 -3.41 11.46
N GLY A 412 40.79 -2.18 11.14
CA GLY A 412 40.90 -1.76 9.74
C GLY A 412 41.89 -2.63 8.98
N PHE A 413 43.08 -2.83 9.55
CA PHE A 413 44.11 -3.64 8.85
C PHE A 413 43.55 -5.04 8.63
N ALA A 414 42.95 -5.61 9.67
CA ALA A 414 42.41 -6.99 9.56
C ALA A 414 41.39 -7.03 8.42
N SER A 415 40.53 -6.02 8.32
CA SER A 415 39.51 -5.96 7.23
C SER A 415 40.22 -5.90 5.87
N TYR A 416 41.27 -5.07 5.77
CA TYR A 416 41.98 -4.91 4.47
C TYR A 416 42.66 -6.21 4.07
N VAL A 417 43.44 -6.81 4.97
CA VAL A 417 44.23 -8.02 4.62
C VAL A 417 43.31 -9.24 4.54
N GLU A 418 42.08 -9.12 5.04
CA GLU A 418 41.12 -10.25 5.00
C GLU A 418 40.98 -10.74 3.55
N TYR A 419 40.65 -9.84 2.63
CA TYR A 419 40.45 -10.23 1.22
C TYR A 419 41.77 -10.72 0.63
N LEU A 420 42.89 -10.14 1.08
CA LEU A 420 44.22 -10.55 0.57
C LEU A 420 44.41 -12.04 0.86
N GLY A 421 44.11 -12.47 2.08
CA GLY A 421 44.27 -13.88 2.47
C GLY A 421 43.31 -14.78 1.71
N ALA A 422 42.02 -14.44 1.75
CA ALA A 422 41.00 -15.25 1.05
C ALA A 422 41.41 -15.45 -0.41
N ASP A 423 41.99 -14.40 -1.02
CA ASP A 423 42.38 -14.48 -2.45
C ASP A 423 43.43 -15.59 -2.62
N TYR A 424 44.39 -15.67 -1.71
CA TYR A 424 45.42 -16.74 -1.78
C TYR A 424 44.71 -18.10 -1.74
N ALA A 425 43.73 -18.25 -0.86
CA ALA A 425 43.01 -19.54 -0.73
C ALA A 425 42.22 -19.84 -2.01
N GLU A 426 41.48 -18.85 -2.53
CA GLU A 426 40.65 -19.06 -3.74
C GLU A 426 41.06 -18.05 -4.81
N PRO A 427 42.15 -18.30 -5.58
CA PRO A 427 42.64 -17.32 -6.55
C PRO A 427 41.69 -17.11 -7.74
N THR A 428 40.72 -17.99 -7.93
CA THR A 428 39.83 -17.89 -9.12
C THR A 428 38.56 -17.09 -8.79
N TRP A 429 38.55 -16.36 -7.67
CA TRP A 429 37.33 -15.64 -7.24
C TRP A 429 37.52 -14.12 -7.37
N ASN A 430 38.78 -13.65 -7.40
CA ASN A 430 39.04 -12.19 -7.45
C ASN A 430 38.31 -11.52 -6.28
N LEU A 431 38.41 -12.10 -5.08
CA LEU A 431 37.69 -11.56 -3.90
C LEU A 431 38.14 -10.13 -3.62
N LYS A 432 39.42 -9.83 -3.83
CA LYS A 432 39.95 -8.49 -3.52
C LYS A 432 39.08 -7.43 -4.20
N ASP A 433 38.58 -7.71 -5.40
CA ASP A 433 37.79 -6.72 -6.15
C ASP A 433 36.52 -6.37 -5.37
N LEU A 434 35.88 -7.35 -4.75
CA LEU A 434 34.59 -7.11 -4.04
C LEU A 434 34.80 -6.13 -2.88
N MET A 435 36.02 -6.01 -2.36
CA MET A 435 36.24 -5.14 -1.17
C MET A 435 35.59 -3.77 -1.39
N VAL A 436 35.75 -3.20 -2.59
CA VAL A 436 35.22 -1.83 -2.86
C VAL A 436 33.72 -1.81 -2.58
N LEU A 437 32.95 -2.62 -3.31
CA LEU A 437 31.46 -2.60 -3.15
C LEU A 437 31.11 -2.98 -1.71
N ASN A 438 31.81 -3.95 -1.13
CA ASN A 438 31.46 -4.44 0.23
C ASN A 438 31.83 -3.41 1.31
N ASP A 439 32.97 -2.73 1.17
CA ASP A 439 33.42 -1.82 2.26
C ASP A 439 33.58 -0.38 1.77
N VAL A 440 34.46 -0.13 0.80
CA VAL A 440 34.74 1.28 0.38
C VAL A 440 33.44 2.04 0.16
N TYR A 441 32.58 1.56 -0.75
CA TYR A 441 31.35 2.34 -1.06
C TYR A 441 30.39 2.32 0.13
N ARG A 442 30.33 1.21 0.86
CA ARG A 442 29.44 1.12 2.03
C ARG A 442 29.81 2.23 3.03
N VAL A 443 31.09 2.35 3.38
CA VAL A 443 31.51 3.36 4.40
C VAL A 443 31.43 4.76 3.78
N MET A 444 31.68 4.87 2.47
CA MET A 444 31.65 6.19 1.80
C MET A 444 30.30 6.84 2.05
N ALA A 445 29.21 6.05 2.00
CA ALA A 445 27.86 6.60 2.20
C ALA A 445 27.75 7.26 3.57
N VAL A 446 28.21 6.59 4.62
CA VAL A 446 28.13 7.15 6.00
C VAL A 446 29.10 8.32 6.16
N ASP A 447 30.31 8.19 5.62
CA ASP A 447 31.34 9.24 5.79
C ASP A 447 30.89 10.52 5.09
N ALA A 448 30.05 10.41 4.06
CA ALA A 448 29.63 11.60 3.27
C ALA A 448 28.51 12.34 4.00
N LEU A 449 28.38 12.15 5.31
CA LEU A 449 27.37 12.88 6.11
C LEU A 449 28.09 13.82 7.07
N ALA A 450 27.40 14.87 7.53
CA ALA A 450 28.02 15.84 8.48
C ALA A 450 28.08 15.22 9.88
N SER A 451 27.55 14.00 10.03
CA SER A 451 27.55 13.30 11.34
C SER A 451 28.73 12.33 11.42
N SER A 452 29.65 12.39 10.46
CA SER A 452 30.81 11.46 10.43
C SER A 452 31.82 11.84 11.51
N HIS A 453 32.66 10.90 11.92
CA HIS A 453 33.71 11.17 12.94
C HIS A 453 35.08 10.85 12.36
N PRO A 454 36.16 11.54 12.79
CA PRO A 454 37.51 11.26 12.29
C PRO A 454 37.97 9.85 12.71
N LEU A 455 38.76 9.19 11.85
CA LEU A 455 39.22 7.80 12.14
C LEU A 455 39.94 7.79 13.49
N SER A 456 40.81 8.77 13.73
CA SER A 456 41.59 8.81 15.00
C SER A 456 40.82 9.63 16.04
N THR A 457 40.91 9.22 17.32
CA THR A 457 40.23 9.97 18.41
C THR A 457 41.23 10.17 19.55
N PRO A 458 41.21 11.31 20.28
CA PRO A 458 42.11 11.51 21.41
C PRO A 458 41.96 10.34 22.39
N ALA A 459 43.09 9.77 22.83
CA ALA A 459 43.05 8.61 23.77
C ALA A 459 42.34 9.02 25.06
N SER A 460 42.63 10.22 25.56
CA SER A 460 42.02 10.69 26.83
C SER A 460 40.48 10.66 26.70
N GLU A 461 39.96 11.01 25.52
CA GLU A 461 38.49 11.10 25.34
C GLU A 461 37.83 9.75 25.68
N ILE A 462 38.39 8.64 25.17
CA ILE A 462 37.74 7.32 25.38
C ILE A 462 38.11 6.79 26.77
N ASN A 463 37.12 6.61 27.65
CA ASN A 463 37.38 6.14 29.04
C ASN A 463 36.33 5.09 29.42
N THR A 464 35.04 5.46 29.38
CA THR A 464 33.97 4.54 29.81
C THR A 464 33.89 3.33 28.87
N PRO A 465 33.50 2.13 29.35
CA PRO A 465 33.36 0.96 28.49
C PRO A 465 32.41 1.24 27.31
N ALA A 466 31.37 2.02 27.54
CA ALA A 466 30.41 2.35 26.46
C ALA A 466 31.14 3.08 25.33
N GLN A 467 32.03 4.02 25.68
CA GLN A 467 32.81 4.77 24.66
C GLN A 467 33.64 3.76 23.85
N ILE A 468 34.23 2.78 24.53
CA ILE A 468 35.02 1.74 23.83
C ILE A 468 34.12 1.06 22.80
N SER A 469 32.95 0.59 23.23
CA SER A 469 32.03 -0.13 22.31
C SER A 469 31.62 0.80 21.17
N GLU A 470 31.44 2.09 21.45
CA GLU A 470 31.07 3.07 20.41
C GLU A 470 32.16 3.06 19.33
N LEU A 471 33.44 3.00 19.72
CA LEU A 471 34.55 3.06 18.73
C LEU A 471 34.39 1.97 17.67
N PHE A 472 33.72 0.87 18.02
CA PHE A 472 33.53 -0.25 17.06
C PHE A 472 32.49 0.15 16.00
N ASP A 473 32.73 1.26 15.29
CA ASP A 473 31.79 1.74 14.25
C ASP A 473 32.15 1.11 12.91
N ALA A 474 31.25 1.21 11.92
CA ALA A 474 31.58 0.71 10.56
C ALA A 474 32.80 1.48 10.06
N ILE A 475 32.87 2.78 10.34
CA ILE A 475 34.05 3.59 9.94
C ILE A 475 35.31 2.89 10.44
N SER A 476 35.40 2.62 11.75
CA SER A 476 36.63 2.02 12.31
C SER A 476 37.07 0.85 11.43
N TYR A 477 36.11 0.07 10.93
CA TYR A 477 36.43 -1.13 10.10
C TYR A 477 36.67 -0.73 8.65
N SER A 478 35.59 -0.45 7.91
CA SER A 478 35.72 -0.16 6.45
C SER A 478 36.62 1.06 6.20
N LYS A 479 36.33 2.20 6.83
CA LYS A 479 37.12 3.42 6.54
C LYS A 479 38.59 3.09 6.76
N GLY A 480 38.93 2.48 7.89
CA GLY A 480 40.33 2.10 8.17
C GLY A 480 40.89 1.23 7.06
N ALA A 481 40.13 0.20 6.66
CA ALA A 481 40.61 -0.72 5.59
C ALA A 481 40.84 0.08 4.32
N SER A 482 39.90 0.95 3.95
CA SER A 482 40.03 1.74 2.71
C SER A 482 41.28 2.62 2.78
N VAL A 483 41.48 3.30 3.91
CA VAL A 483 42.65 4.21 4.08
C VAL A 483 43.93 3.37 3.99
N LEU A 484 43.95 2.20 4.65
CA LEU A 484 45.18 1.36 4.66
C LEU A 484 45.42 0.80 3.25
N ARG A 485 44.35 0.51 2.50
CA ARG A 485 44.52 0.04 1.11
C ARG A 485 45.20 1.15 0.31
N MET A 486 44.73 2.39 0.47
CA MET A 486 45.36 3.54 -0.23
C MET A 486 46.81 3.65 0.25
N LEU A 487 47.03 3.49 1.56
CA LEU A 487 48.41 3.57 2.11
C LEU A 487 49.30 2.59 1.36
N SER A 488 48.90 1.32 1.29
CA SER A 488 49.71 0.28 0.61
C SER A 488 49.92 0.67 -0.86
N SER A 489 48.88 1.17 -1.52
CA SER A 489 48.98 1.49 -2.96
C SER A 489 50.04 2.56 -3.22
N PHE A 490 50.05 3.65 -2.43
CA PHE A 490 51.00 4.75 -2.72
C PHE A 490 52.38 4.41 -2.12
N LEU A 491 52.44 3.38 -1.27
CA LEU A 491 53.73 2.95 -0.66
C LEU A 491 54.30 1.79 -1.46
N SER A 492 53.53 1.20 -2.38
CA SER A 492 53.96 -0.02 -3.12
C SER A 492 53.92 -1.21 -2.15
N GLU A 493 53.05 -2.19 -2.40
CA GLU A 493 52.88 -3.31 -1.45
C GLU A 493 54.24 -3.73 -0.88
N ASP A 494 55.26 -3.89 -1.72
CA ASP A 494 56.57 -4.38 -1.25
C ASP A 494 57.06 -3.51 -0.08
N VAL A 495 57.13 -2.19 -0.27
CA VAL A 495 57.65 -1.29 0.80
C VAL A 495 56.72 -1.36 2.01
N PHE A 496 55.41 -1.36 1.77
CA PHE A 496 54.43 -1.45 2.88
C PHE A 496 54.69 -2.70 3.70
N LYS A 497 54.86 -3.85 3.02
CA LYS A 497 55.11 -5.13 3.72
C LYS A 497 56.42 -5.02 4.51
N GLN A 498 57.45 -4.47 3.89
CA GLN A 498 58.76 -4.32 4.58
C GLN A 498 58.53 -3.59 5.91
N GLY A 499 57.90 -2.42 5.86
CA GLY A 499 57.64 -1.64 7.08
C GLY A 499 56.80 -2.43 8.07
N LEU A 500 55.76 -3.11 7.58
CA LEU A 500 54.89 -3.93 8.46
C LEU A 500 55.73 -4.99 9.15
N ALA A 501 56.60 -5.67 8.39
CA ALA A 501 57.46 -6.72 8.98
C ALA A 501 58.29 -6.10 10.11
N SER A 502 58.97 -4.99 9.81
CA SER A 502 59.80 -4.31 10.85
C SER A 502 58.91 -3.95 12.04
N TYR A 503 57.74 -3.37 11.78
CA TYR A 503 56.81 -2.96 12.86
C TYR A 503 56.54 -4.16 13.76
N LEU A 504 56.15 -5.29 13.17
CA LEU A 504 55.81 -6.49 13.99
C LEU A 504 57.03 -6.94 14.78
N HIS A 505 58.18 -7.12 14.10
CA HIS A 505 59.38 -7.65 14.79
C HIS A 505 59.82 -6.69 15.90
N THR A 506 59.92 -5.40 15.58
CA THR A 506 60.43 -4.41 16.57
C THR A 506 59.46 -4.30 17.75
N PHE A 507 58.16 -4.48 17.51
CA PHE A 507 57.15 -4.30 18.59
C PHE A 507 56.43 -5.61 18.89
N ALA A 508 57.15 -6.73 18.78
CA ALA A 508 56.55 -8.05 19.07
C ALA A 508 56.22 -8.16 20.56
N TYR A 509 55.06 -8.77 20.89
CA TYR A 509 54.68 -8.99 22.31
C TYR A 509 54.71 -7.68 23.09
N GLN A 510 54.29 -6.56 22.48
CA GLN A 510 54.20 -5.28 23.24
C GLN A 510 53.17 -4.36 22.57
N ASN A 511 52.62 -3.41 23.32
CA ASN A 511 51.55 -2.52 22.77
C ASN A 511 52.18 -1.34 22.03
N THR A 512 51.44 -0.73 21.09
CA THR A 512 51.99 0.38 20.27
C THR A 512 50.93 1.40 19.90
N ILE A 513 51.33 2.55 19.36
CA ILE A 513 50.36 3.58 18.88
C ILE A 513 50.43 3.60 17.35
N TYR A 514 49.42 4.15 16.67
CA TYR A 514 49.41 4.12 15.19
C TYR A 514 50.62 4.86 14.63
N LEU A 515 51.16 5.82 15.39
CA LEU A 515 52.34 6.60 14.94
C LEU A 515 53.51 5.64 14.71
N ASN A 516 53.65 4.62 15.57
CA ASN A 516 54.80 3.68 15.45
C ASN A 516 54.80 3.07 14.05
N LEU A 517 53.64 2.62 13.57
CA LEU A 517 53.55 2.02 12.22
C LEU A 517 53.94 3.08 11.19
N TRP A 518 53.42 4.29 11.33
CA TRP A 518 53.74 5.39 10.38
C TRP A 518 55.26 5.56 10.31
N ASP A 519 55.93 5.56 11.47
CA ASP A 519 57.39 5.77 11.52
C ASP A 519 58.11 4.64 10.77
N HIS A 520 57.75 3.39 11.07
CA HIS A 520 58.45 2.24 10.42
C HIS A 520 58.23 2.30 8.92
N LEU A 521 57.00 2.65 8.51
CA LEU A 521 56.71 2.77 7.07
C LEU A 521 57.61 3.86 6.46
N GLN A 522 57.74 5.00 7.16
CA GLN A 522 58.60 6.10 6.66
C GLN A 522 60.05 5.61 6.58
N GLU A 523 60.50 4.82 7.55
CA GLU A 523 61.87 4.26 7.52
C GLU A 523 62.01 3.37 6.29
N ALA A 524 61.02 2.52 6.02
CA ALA A 524 61.04 1.67 4.81
C ALA A 524 61.02 2.57 3.58
N VAL A 525 60.23 3.65 3.62
CA VAL A 525 60.16 4.61 2.48
C VAL A 525 61.58 5.10 2.19
N ASN A 526 62.33 5.50 3.23
CA ASN A 526 63.69 6.05 3.04
C ASN A 526 64.61 4.95 2.49
N ASN A 527 64.54 3.74 3.05
CA ASN A 527 65.46 2.65 2.61
C ASN A 527 65.19 2.31 1.15
N ARG A 528 63.91 2.12 0.79
CA ARG A 528 63.54 1.82 -0.62
C ARG A 528 63.64 3.10 -1.44
N SER A 529 63.74 4.26 -0.76
CA SER A 529 63.88 5.57 -1.45
C SER A 529 62.65 5.84 -2.34
N ILE A 530 61.47 5.40 -1.93
CA ILE A 530 60.24 5.73 -2.72
C ILE A 530 59.95 7.21 -2.53
N GLN A 531 59.40 7.87 -3.55
CA GLN A 531 59.19 9.35 -3.46
C GLN A 531 57.79 9.68 -2.94
N LEU A 532 57.69 10.27 -1.75
CA LEU A 532 56.38 10.70 -1.21
C LEU A 532 56.43 12.23 -1.02
N PRO A 533 55.39 12.99 -1.40
CA PRO A 533 55.44 14.45 -1.30
C PRO A 533 55.81 14.89 0.12
N THR A 534 55.19 14.26 1.12
CA THR A 534 55.49 14.60 2.54
C THR A 534 55.75 13.31 3.32
N THR A 535 56.12 13.43 4.60
CA THR A 535 56.37 12.22 5.45
C THR A 535 55.09 11.39 5.54
N VAL A 536 55.23 10.07 5.69
CA VAL A 536 54.03 9.18 5.75
C VAL A 536 53.09 9.74 6.81
N ARG A 537 53.62 10.16 7.96
CA ARG A 537 52.74 10.64 9.06
C ARG A 537 51.84 11.77 8.54
N ASP A 538 52.43 12.80 7.94
CA ASP A 538 51.63 13.97 7.48
C ASP A 538 50.65 13.52 6.39
N ILE A 539 51.11 12.69 5.46
CA ILE A 539 50.25 12.27 4.31
C ILE A 539 49.11 11.40 4.84
N MET A 540 49.25 10.88 6.06
CA MET A 540 48.20 9.99 6.64
C MET A 540 47.34 10.77 7.63
N ASN A 541 47.93 11.76 8.32
CA ASN A 541 47.17 12.58 9.29
C ASN A 541 45.98 13.22 8.57
N ARG A 542 46.17 13.62 7.31
CA ARG A 542 45.08 14.25 6.52
C ARG A 542 43.90 13.31 6.42
N TRP A 543 44.14 12.00 6.36
CA TRP A 543 43.03 11.04 6.14
C TRP A 543 42.63 10.35 7.46
N THR A 544 43.25 10.73 8.58
CA THR A 544 42.95 10.03 9.85
C THR A 544 42.51 11.02 10.94
N LEU A 545 42.87 12.31 10.80
CA LEU A 545 42.55 13.29 11.86
C LEU A 545 41.32 14.12 11.49
N GLN A 546 40.90 14.10 10.21
CA GLN A 546 39.68 14.82 9.80
C GLN A 546 38.72 13.84 9.12
N MET A 547 37.41 14.01 9.30
CA MET A 547 36.43 13.03 8.75
C MET A 547 36.10 13.40 7.30
N GLY A 548 35.43 12.50 6.58
CA GLY A 548 35.00 12.79 5.20
C GLY A 548 36.03 12.37 4.17
N PHE A 549 35.66 12.44 2.89
CA PHE A 549 36.60 12.09 1.79
C PHE A 549 36.47 13.13 0.68
N PRO A 550 37.57 13.45 -0.04
CA PRO A 550 37.52 14.50 -1.06
C PRO A 550 36.92 14.07 -2.41
N VAL A 551 36.08 14.91 -3.02
CA VAL A 551 35.54 14.60 -4.38
C VAL A 551 36.42 15.36 -5.37
N ILE A 552 37.21 14.63 -6.17
CA ILE A 552 38.17 15.30 -7.10
C ILE A 552 37.48 15.58 -8.44
N THR A 553 37.28 16.87 -8.76
CA THR A 553 36.66 17.24 -10.05
C THR A 553 37.77 17.52 -11.07
N VAL A 554 37.67 16.97 -12.28
CA VAL A 554 38.76 17.12 -13.29
C VAL A 554 38.28 18.00 -14.44
N ASP A 555 38.93 19.15 -14.65
CA ASP A 555 38.58 20.00 -15.82
C ASP A 555 39.50 19.58 -16.98
N THR A 556 39.09 18.57 -17.75
CA THR A 556 39.99 18.05 -18.82
C THR A 556 40.34 19.16 -19.80
N SER A 557 39.44 20.13 -19.99
CA SER A 557 39.69 21.21 -20.97
C SER A 557 41.00 21.92 -20.63
N THR A 558 41.20 22.25 -19.35
CA THR A 558 42.43 22.96 -18.92
C THR A 558 43.29 22.03 -18.04
N GLY A 559 42.97 20.74 -18.04
CA GLY A 559 43.73 19.77 -17.22
C GLY A 559 43.86 20.26 -15.79
N THR A 560 42.75 20.67 -15.18
CA THR A 560 42.80 21.22 -13.79
C THR A 560 42.19 20.21 -12.82
N LEU A 561 42.75 20.11 -11.61
CA LEU A 561 42.25 19.15 -10.59
C LEU A 561 41.83 19.94 -9.35
N SER A 562 40.66 19.63 -8.78
CA SER A 562 40.16 20.36 -7.59
C SER A 562 39.62 19.37 -6.55
N GLN A 563 39.61 19.76 -5.27
CA GLN A 563 39.14 18.85 -4.19
C GLN A 563 38.13 19.56 -3.29
N GLU A 564 37.23 18.81 -2.68
CA GLU A 564 36.20 19.39 -1.77
C GLU A 564 35.66 18.29 -0.85
N HIS A 565 35.22 18.66 0.36
CA HIS A 565 34.63 17.67 1.30
C HIS A 565 33.28 17.23 0.72
N PHE A 566 33.22 15.99 0.23
CA PHE A 566 31.98 15.50 -0.43
C PHE A 566 30.86 15.32 0.62
N LEU A 567 29.72 15.97 0.42
CA LEU A 567 28.57 15.79 1.34
C LEU A 567 27.33 15.44 0.52
N LEU A 568 26.73 14.27 0.78
CA LEU A 568 25.56 13.83 -0.03
C LEU A 568 24.47 14.90 0.04
N ASP A 569 24.24 15.48 1.22
CA ASP A 569 23.25 16.59 1.33
C ASP A 569 23.99 17.89 1.04
N PRO A 570 23.68 18.60 -0.07
CA PRO A 570 24.40 19.82 -0.43
C PRO A 570 24.30 20.85 0.70
N ASP A 571 23.11 21.00 1.30
CA ASP A 571 22.90 21.99 2.38
C ASP A 571 23.22 21.34 3.73
N SER A 572 24.51 21.05 3.98
CA SER A 572 24.92 20.45 5.27
C SER A 572 25.93 21.36 5.96
N ASN A 573 25.69 21.67 7.24
CA ASN A 573 26.64 22.52 8.01
C ASN A 573 27.66 21.60 8.70
N VAL A 574 28.86 21.49 8.14
CA VAL A 574 29.92 20.61 8.73
C VAL A 574 30.42 21.30 10.00
N THR A 575 29.68 21.15 11.11
CA THR A 575 30.05 21.82 12.38
C THR A 575 31.44 21.36 12.82
N ARG A 576 31.73 20.07 12.71
CA ARG A 576 33.03 19.56 13.22
C ARG A 576 34.15 20.44 12.68
N PRO A 577 34.92 21.13 13.55
CA PRO A 577 36.02 21.98 13.12
C PRO A 577 37.25 21.13 12.83
N SER A 578 37.43 20.73 11.57
CA SER A 578 38.56 19.84 11.21
C SER A 578 39.81 20.66 10.92
N GLU A 579 40.97 20.23 11.43
CA GLU A 579 42.24 20.93 11.09
C GLU A 579 42.53 20.65 9.62
N PHE A 580 43.49 21.35 9.03
CA PHE A 580 43.78 21.20 7.58
C PHE A 580 42.58 21.69 6.77
N ASN A 581 41.63 22.40 7.42
CA ASN A 581 40.45 22.95 6.72
C ASN A 581 39.95 21.98 5.65
N TYR A 582 39.73 20.71 6.03
CA TYR A 582 39.18 19.69 5.08
C TYR A 582 39.96 19.67 3.76
N VAL A 583 41.29 19.58 3.82
CA VAL A 583 42.10 19.41 2.57
C VAL A 583 42.86 18.08 2.71
N TRP A 584 43.05 17.36 1.61
CA TRP A 584 43.69 16.01 1.70
C TRP A 584 44.84 15.90 0.70
N ILE A 585 45.95 15.25 1.09
CA ILE A 585 47.04 14.99 0.09
C ILE A 585 46.58 13.76 -0.69
N VAL A 586 45.79 13.96 -1.75
CA VAL A 586 45.19 12.79 -2.47
C VAL A 586 46.18 12.17 -3.44
N PRO A 587 46.52 10.86 -3.32
CA PRO A 587 47.35 10.20 -4.30
C PRO A 587 46.47 9.93 -5.54
N ILE A 588 46.85 10.45 -6.70
CA ILE A 588 45.96 10.32 -7.90
C ILE A 588 46.59 9.36 -8.91
N THR A 589 45.88 8.27 -9.25
CA THR A 589 46.36 7.34 -10.30
C THR A 589 45.39 7.47 -11.49
N SER A 590 45.90 7.66 -12.70
CA SER A 590 44.99 7.93 -13.84
C SER A 590 45.26 7.02 -15.04
N ILE A 591 44.24 6.75 -15.85
CA ILE A 591 44.42 5.95 -17.09
C ILE A 591 43.94 6.80 -18.27
N ARG A 592 44.64 6.71 -19.41
CA ARG A 592 44.25 7.52 -20.60
C ARG A 592 44.10 6.59 -21.80
N ASP A 593 42.91 6.53 -22.39
CA ASP A 593 42.66 5.62 -23.53
C ASP A 593 43.08 4.20 -23.14
N GLY A 594 42.88 3.83 -21.87
CA GLY A 594 43.23 2.47 -21.40
C GLY A 594 44.62 2.42 -20.80
N ARG A 595 45.59 3.10 -21.43
CA ARG A 595 47.00 3.07 -20.94
C ARG A 595 47.08 3.92 -19.67
N GLN A 596 47.58 3.34 -18.58
CA GLN A 596 47.71 4.08 -17.30
C GLN A 596 48.78 5.17 -17.45
N GLN A 597 48.53 6.36 -16.90
CA GLN A 597 49.54 7.45 -16.94
C GLN A 597 50.55 7.21 -15.82
N GLN A 598 51.33 8.23 -15.46
CA GLN A 598 52.30 8.07 -14.34
C GLN A 598 51.53 8.16 -13.02
N ASP A 599 51.73 9.23 -12.26
CA ASP A 599 51.03 9.40 -10.95
C ASP A 599 51.09 10.89 -10.55
N TYR A 600 50.23 11.30 -9.62
CA TYR A 600 50.21 12.71 -9.16
C TYR A 600 49.69 12.78 -7.73
N TRP A 601 50.14 13.78 -6.97
CA TRP A 601 49.61 13.97 -5.59
C TRP A 601 49.00 15.37 -5.49
N LEU A 602 47.69 15.46 -5.29
CA LEU A 602 47.04 16.79 -5.11
C LEU A 602 47.45 17.33 -3.75
N ILE A 603 48.32 18.34 -3.71
CA ILE A 603 48.82 18.88 -2.41
C ILE A 603 47.88 20.00 -1.93
N ASP A 604 47.36 20.81 -2.85
CA ASP A 604 46.51 21.96 -2.46
C ASP A 604 45.08 21.74 -2.98
N VAL A 605 44.18 22.69 -2.70
CA VAL A 605 42.75 22.53 -3.10
C VAL A 605 42.67 22.41 -4.63
N ARG A 606 43.38 23.28 -5.35
CA ARG A 606 43.31 23.26 -6.84
C ARG A 606 44.73 23.17 -7.42
N ALA A 607 44.92 22.32 -8.41
CA ALA A 607 46.25 22.17 -9.06
C ALA A 607 46.06 21.86 -10.54
N GLN A 608 47.04 22.22 -11.38
CA GLN A 608 46.93 21.97 -12.84
C GLN A 608 48.09 21.06 -13.27
N ASN A 609 47.78 20.00 -14.03
CA ASN A 609 48.83 19.10 -14.55
C ASN A 609 48.44 18.66 -15.96
N ASP A 610 49.41 18.56 -16.87
CA ASP A 610 49.11 18.16 -18.28
C ASP A 610 48.53 16.75 -18.29
N LEU A 611 48.87 15.93 -17.29
CA LEU A 611 48.38 14.53 -17.23
C LEU A 611 46.85 14.52 -17.37
N PHE A 612 46.16 15.49 -16.78
CA PHE A 612 44.67 15.48 -16.80
C PHE A 612 44.16 16.20 -18.04
N SER A 613 45.03 16.93 -18.75
CA SER A 613 44.62 17.61 -20.01
C SER A 613 44.23 16.55 -21.05
N THR A 614 43.16 16.79 -21.81
CA THR A 614 42.73 15.84 -22.87
C THR A 614 42.61 16.57 -24.20
N SER A 615 42.64 15.83 -25.32
CA SER A 615 42.54 16.45 -26.66
C SER A 615 41.11 16.31 -27.20
N GLY A 616 40.97 16.16 -28.52
CA GLY A 616 39.62 16.05 -29.13
C GLY A 616 38.91 14.77 -28.74
N ASN A 617 39.62 13.64 -28.77
CA ASN A 617 39.00 12.34 -28.42
C ASN A 617 39.89 11.62 -27.40
N GLU A 618 40.04 12.22 -26.22
CA GLU A 618 40.92 11.63 -25.17
C GLU A 618 40.13 11.56 -23.87
N TRP A 619 40.02 10.37 -23.27
CA TRP A 619 39.31 10.23 -21.97
C TRP A 619 40.30 9.90 -20.87
N VAL A 620 40.20 10.59 -19.72
CA VAL A 620 41.07 10.27 -18.56
C VAL A 620 40.19 9.82 -17.41
N LEU A 621 40.57 8.74 -16.72
CA LEU A 621 39.76 8.21 -15.58
C LEU A 621 40.67 8.11 -14.35
N LEU A 622 40.30 8.78 -13.25
CA LEU A 622 41.17 8.80 -12.05
C LEU A 622 40.82 7.63 -11.13
N ASN A 623 41.55 7.51 -10.00
CA ASN A 623 41.28 6.43 -9.01
C ASN A 623 41.18 5.08 -9.72
N LEU A 624 42.26 4.66 -10.39
CA LEU A 624 42.27 3.32 -11.04
C LEU A 624 41.99 2.26 -9.97
N ASN A 625 41.04 1.35 -10.25
CA ASN A 625 40.66 0.30 -9.26
C ASN A 625 40.23 0.97 -7.96
N VAL A 626 39.72 2.21 -8.04
CA VAL A 626 39.25 2.96 -6.84
C VAL A 626 40.09 2.53 -5.62
N THR A 627 41.42 2.65 -5.74
CA THR A 627 42.31 2.32 -4.60
C THR A 627 42.20 3.42 -3.54
N GLY A 628 42.26 4.69 -3.98
CA GLY A 628 42.18 5.82 -3.04
C GLY A 628 40.76 6.03 -2.54
N TYR A 629 40.61 6.49 -1.29
CA TYR A 629 39.26 6.75 -0.72
C TYR A 629 38.78 8.13 -1.14
N TYR A 630 38.53 8.32 -2.44
CA TYR A 630 38.03 9.62 -2.94
C TYR A 630 37.14 9.40 -4.16
N ARG A 631 35.99 10.08 -4.22
CA ARG A 631 35.13 9.99 -5.41
C ARG A 631 35.70 10.94 -6.47
N VAL A 632 35.36 10.71 -7.74
CA VAL A 632 35.93 11.56 -8.83
C VAL A 632 34.78 12.15 -9.65
N ASN A 633 34.88 13.44 -9.99
CA ASN A 633 33.85 14.07 -10.86
C ASN A 633 34.58 14.60 -12.10
N TYR A 634 33.96 14.48 -13.28
CA TYR A 634 34.65 14.90 -14.53
C TYR A 634 33.79 15.93 -15.25
N ASP A 635 34.38 16.66 -16.21
CA ASP A 635 33.58 17.60 -17.02
C ASP A 635 32.61 16.77 -17.87
N GLU A 636 31.49 17.34 -18.29
CA GLU A 636 30.48 16.55 -19.03
C GLU A 636 31.12 15.94 -20.28
N GLU A 637 32.06 16.65 -20.90
CA GLU A 637 32.69 16.15 -22.15
C GLU A 637 33.43 14.84 -21.85
N ASN A 638 34.25 14.82 -20.79
CA ASN A 638 35.00 13.59 -20.42
C ASN A 638 34.00 12.47 -20.15
N TRP A 639 32.92 12.79 -19.42
CA TRP A 639 31.89 11.77 -19.10
C TRP A 639 31.38 11.14 -20.39
N ARG A 640 31.05 11.96 -21.39
CA ARG A 640 30.50 11.44 -22.67
C ARG A 640 31.57 10.61 -23.38
N LYS A 641 32.83 11.06 -23.36
CA LYS A 641 33.92 10.27 -23.98
C LYS A 641 34.01 8.91 -23.30
N ILE A 642 33.93 8.88 -21.96
CA ILE A 642 33.98 7.60 -21.21
C ILE A 642 32.79 6.75 -21.64
N GLN A 643 31.61 7.36 -21.76
CA GLN A 643 30.38 6.61 -22.15
C GLN A 643 30.58 5.97 -23.53
N THR A 644 31.13 6.73 -24.48
CA THR A 644 31.35 6.20 -25.85
C THR A 644 32.32 5.02 -25.79
N GLN A 645 33.38 5.16 -24.99
CA GLN A 645 34.37 4.05 -24.85
C GLN A 645 33.66 2.83 -24.27
N LEU A 646 32.85 3.03 -23.23
CA LEU A 646 32.15 1.89 -22.59
C LEU A 646 31.28 1.19 -23.63
N GLN A 647 30.64 1.95 -24.52
CA GLN A 647 29.72 1.33 -25.52
C GLN A 647 30.52 0.54 -26.55
N ARG A 648 31.56 1.14 -27.13
CA ARG A 648 32.33 0.44 -28.20
C ARG A 648 33.07 -0.76 -27.61
N ASP A 649 33.68 -0.60 -26.43
CA ASP A 649 34.44 -1.71 -25.79
C ASP A 649 34.63 -1.40 -24.31
N HIS A 650 33.79 -1.97 -23.45
CA HIS A 650 33.88 -1.71 -21.99
C HIS A 650 35.18 -2.29 -21.45
N SER A 651 35.81 -3.21 -22.21
CA SER A 651 37.05 -3.87 -21.73
C SER A 651 38.13 -2.82 -21.44
N ALA A 652 38.15 -1.72 -22.19
CA ALA A 652 39.21 -0.70 -22.00
C ALA A 652 39.21 -0.24 -20.55
N ILE A 653 38.04 0.01 -19.97
CA ILE A 653 37.95 0.49 -18.57
C ILE A 653 37.98 -0.73 -17.62
N PRO A 654 38.88 -0.77 -16.63
CA PRO A 654 38.97 -1.89 -15.70
C PRO A 654 37.61 -2.15 -15.04
N VAL A 655 37.27 -3.42 -14.81
CA VAL A 655 35.92 -3.76 -14.24
C VAL A 655 35.66 -2.92 -12.99
N ILE A 656 36.66 -2.77 -12.13
CA ILE A 656 36.45 -2.03 -10.85
C ILE A 656 35.99 -0.61 -11.17
N ASN A 657 36.64 0.04 -12.13
CA ASN A 657 36.31 1.45 -12.46
C ASN A 657 34.95 1.52 -13.18
N ARG A 658 34.57 0.49 -13.92
CA ARG A 658 33.22 0.50 -14.55
C ARG A 658 32.18 0.62 -13.43
N ALA A 659 32.32 -0.17 -12.37
CA ALA A 659 31.41 -0.07 -11.21
C ALA A 659 31.55 1.33 -10.59
N GLN A 660 32.79 1.82 -10.50
CA GLN A 660 33.03 3.18 -9.95
C GLN A 660 32.22 4.21 -10.74
N ILE A 661 32.28 4.13 -12.07
CA ILE A 661 31.57 5.13 -12.93
C ILE A 661 30.11 5.18 -12.50
N ILE A 662 29.44 4.03 -12.45
CA ILE A 662 27.98 4.00 -12.11
C ILE A 662 27.79 4.51 -10.68
N ASN A 663 28.52 3.95 -9.71
CA ASN A 663 28.31 4.32 -8.28
C ASN A 663 28.57 5.81 -8.08
N ASP A 664 29.71 6.31 -8.56
CA ASP A 664 30.07 7.74 -8.33
C ASP A 664 29.00 8.63 -8.96
N ALA A 665 28.60 8.32 -10.20
CA ALA A 665 27.62 9.19 -10.90
C ALA A 665 26.38 9.35 -10.05
N PHE A 666 25.79 8.24 -9.57
CA PHE A 666 24.52 8.33 -8.81
C PHE A 666 24.74 9.15 -7.54
N ASN A 667 25.85 8.89 -6.83
CA ASN A 667 26.11 9.60 -5.55
C ASN A 667 26.35 11.09 -5.83
N LEU A 668 27.08 11.40 -6.90
CA LEU A 668 27.32 12.83 -7.27
C LEU A 668 25.97 13.49 -7.57
N ALA A 669 25.07 12.78 -8.26
CA ALA A 669 23.74 13.34 -8.60
C ALA A 669 22.98 13.67 -7.31
N SER A 670 23.16 12.85 -6.27
CA SER A 670 22.49 13.10 -4.97
C SER A 670 22.96 14.44 -4.39
N ALA A 671 24.26 14.74 -4.52
CA ALA A 671 24.80 16.03 -4.04
C ALA A 671 24.47 17.13 -5.06
N HIS A 672 23.76 16.76 -6.14
CA HIS A 672 23.38 17.75 -7.19
C HIS A 672 24.65 18.33 -7.82
N LYS A 673 25.68 17.51 -7.97
CA LYS A 673 26.93 17.96 -8.64
C LYS A 673 26.84 17.62 -10.13
N VAL A 674 26.07 16.59 -10.47
CA VAL A 674 25.88 16.18 -11.90
C VAL A 674 24.38 15.92 -12.12
N PRO A 675 23.86 16.02 -13.36
CA PRO A 675 22.46 15.71 -13.64
C PRO A 675 22.16 14.23 -13.46
N VAL A 676 20.93 13.89 -13.07
CA VAL A 676 20.53 12.46 -12.87
C VAL A 676 20.64 11.72 -14.20
N THR A 677 20.35 12.41 -15.31
CA THR A 677 20.41 11.77 -16.64
C THR A 677 21.82 11.19 -16.86
N LEU A 678 22.86 11.91 -16.42
CA LEU A 678 24.25 11.42 -16.60
C LEU A 678 24.39 10.07 -15.90
N ALA A 679 23.87 9.96 -14.68
CA ALA A 679 23.98 8.71 -13.92
C ALA A 679 23.32 7.57 -14.71
N LEU A 680 22.09 7.78 -15.17
CA LEU A 680 21.35 6.72 -15.91
C LEU A 680 22.09 6.45 -17.22
N ASN A 681 22.71 7.47 -17.82
CA ASN A 681 23.51 7.28 -19.04
C ASN A 681 24.63 6.28 -18.76
N ASN A 682 25.20 6.34 -17.56
CA ASN A 682 26.35 5.45 -17.21
C ASN A 682 25.83 4.02 -16.98
N THR A 683 24.51 3.83 -16.97
CA THR A 683 23.92 2.48 -16.77
C THR A 683 23.55 1.88 -18.13
N LEU A 684 23.69 2.64 -19.21
CA LEU A 684 23.27 2.16 -20.56
C LEU A 684 24.16 1.01 -21.05
N PHE A 685 25.45 1.02 -20.72
CA PHE A 685 26.39 -0.01 -21.27
C PHE A 685 26.13 -1.37 -20.63
N LEU A 686 25.35 -1.43 -19.56
CA LEU A 686 25.12 -2.72 -18.83
C LEU A 686 24.58 -3.78 -19.78
N ILE A 687 23.91 -3.36 -20.87
CA ILE A 687 23.29 -4.34 -21.80
C ILE A 687 24.35 -5.34 -22.29
N GLU A 688 25.60 -4.90 -22.42
CA GLU A 688 26.67 -5.79 -22.96
C GLU A 688 27.53 -6.33 -21.82
N GLU A 689 27.45 -5.72 -20.62
CA GLU A 689 28.31 -6.15 -19.50
C GLU A 689 27.89 -7.55 -19.04
N ARG A 690 28.86 -8.43 -18.76
CA ARG A 690 28.54 -9.80 -18.28
C ARG A 690 29.22 -10.01 -16.91
N GLN A 691 29.92 -9.00 -16.41
CA GLN A 691 30.63 -9.11 -15.11
C GLN A 691 29.65 -8.87 -13.96
N TYR A 692 30.08 -9.10 -12.72
CA TYR A 692 29.17 -8.95 -11.56
C TYR A 692 29.31 -7.56 -10.95
N MET A 693 30.53 -7.13 -10.64
CA MET A 693 30.72 -5.83 -9.94
C MET A 693 29.93 -4.72 -10.64
N PRO A 694 30.11 -4.45 -11.95
CA PRO A 694 29.40 -3.33 -12.59
C PRO A 694 27.88 -3.48 -12.45
N TRP A 695 27.36 -4.66 -12.78
CA TRP A 695 25.90 -4.91 -12.70
C TRP A 695 25.42 -4.67 -11.26
N GLU A 696 26.16 -5.19 -10.28
CA GLU A 696 25.74 -5.04 -8.85
C GLU A 696 25.65 -3.56 -8.51
N ALA A 697 26.66 -2.78 -8.89
CA ALA A 697 26.68 -1.34 -8.52
C ALA A 697 25.42 -0.66 -9.06
N ALA A 698 25.11 -0.90 -10.33
CA ALA A 698 23.94 -0.24 -10.96
C ALA A 698 22.66 -0.67 -10.24
N LEU A 699 22.48 -1.98 -10.04
CA LEU A 699 21.24 -2.50 -9.41
C LEU A 699 21.11 -1.91 -8.00
N SER A 700 22.23 -1.79 -7.29
CA SER A 700 22.20 -1.24 -5.91
C SER A 700 21.74 0.23 -5.94
N SER A 701 22.27 1.00 -6.89
CA SER A 701 21.91 2.45 -6.97
C SER A 701 20.46 2.61 -7.45
N LEU A 702 20.03 1.80 -8.41
CA LEU A 702 18.66 1.93 -8.98
C LEU A 702 17.63 1.48 -7.95
N SER A 703 18.06 0.82 -6.88
CA SER A 703 17.12 0.36 -5.82
C SER A 703 16.39 1.58 -5.24
N TYR A 704 17.12 2.67 -4.99
CA TYR A 704 16.48 3.90 -4.44
C TYR A 704 15.42 4.39 -5.43
N PHE A 705 15.76 4.40 -6.72
CA PHE A 705 14.78 4.85 -7.75
C PHE A 705 13.53 3.98 -7.65
N LYS A 706 13.72 2.66 -7.59
CA LYS A 706 12.56 1.73 -7.50
C LYS A 706 11.77 2.05 -6.23
N LEU A 707 12.46 2.15 -5.09
CA LEU A 707 11.77 2.38 -3.79
C LEU A 707 10.94 3.66 -3.89
N MET A 708 11.43 4.67 -4.61
CA MET A 708 10.72 5.97 -4.70
C MET A 708 9.62 5.93 -5.77
N PHE A 709 9.80 5.12 -6.82
CA PHE A 709 8.82 5.14 -7.94
C PHE A 709 8.07 3.81 -8.06
N ASP A 710 8.26 2.88 -7.12
CA ASP A 710 7.63 1.53 -7.24
C ASP A 710 6.10 1.67 -7.34
N ARG A 711 5.52 2.61 -6.61
CA ARG A 711 4.03 2.76 -6.61
C ARG A 711 3.63 3.93 -7.49
N SER A 712 4.47 4.27 -8.48
CA SER A 712 4.18 5.45 -9.33
C SER A 712 4.22 5.06 -10.81
N GLU A 713 3.78 5.97 -11.70
CA GLU A 713 3.78 5.68 -13.15
C GLU A 713 5.21 5.44 -13.64
N VAL A 714 6.20 6.09 -13.01
CA VAL A 714 7.61 5.97 -13.48
C VAL A 714 8.05 4.50 -13.44
N TYR A 715 7.42 3.69 -12.58
CA TYR A 715 7.83 2.26 -12.44
C TYR A 715 7.63 1.56 -13.78
N GLY A 716 6.58 1.93 -14.51
CA GLY A 716 6.29 1.27 -15.80
C GLY A 716 7.44 1.37 -16.77
N PRO A 717 7.83 2.59 -17.23
CA PRO A 717 8.99 2.75 -18.12
C PRO A 717 10.27 2.18 -17.49
N MET A 718 10.43 2.33 -16.17
CA MET A 718 11.68 1.87 -15.51
C MET A 718 11.83 0.37 -15.74
N LYS A 719 10.78 -0.40 -15.48
CA LYS A 719 10.85 -1.88 -15.64
C LYS A 719 11.18 -2.21 -17.10
N ASN A 720 10.53 -1.53 -18.05
CA ASN A 720 10.76 -1.80 -19.49
C ASN A 720 12.25 -1.63 -19.80
N TYR A 721 12.84 -0.52 -19.34
CA TYR A 721 14.28 -0.25 -19.61
C TYR A 721 15.12 -1.37 -19.02
N LEU A 722 14.89 -1.71 -17.74
CA LEU A 722 15.73 -2.74 -17.07
C LEU A 722 15.57 -4.08 -17.79
N LYS A 723 14.35 -4.44 -18.18
CA LYS A 723 14.11 -5.71 -18.89
C LYS A 723 14.99 -5.75 -20.15
N LYS A 724 15.01 -4.64 -20.90
CA LYS A 724 15.82 -4.57 -22.15
C LYS A 724 17.29 -4.83 -21.80
N GLN A 725 17.78 -4.27 -20.69
CA GLN A 725 19.20 -4.42 -20.30
C GLN A 725 19.49 -5.84 -19.81
N VAL A 726 18.59 -6.45 -19.04
CA VAL A 726 18.86 -7.78 -18.42
C VAL A 726 18.70 -8.91 -19.45
N THR A 727 17.72 -8.81 -20.35
CA THR A 727 17.45 -9.93 -21.29
C THR A 727 18.77 -10.53 -21.81
N PRO A 728 19.69 -9.76 -22.43
CA PRO A 728 20.90 -10.36 -23.00
C PRO A 728 21.69 -11.14 -21.94
N LEU A 729 21.87 -10.56 -20.75
CA LEU A 729 22.65 -11.22 -19.67
C LEU A 729 21.98 -12.54 -19.31
N PHE A 730 20.65 -12.54 -19.17
CA PHE A 730 19.91 -13.77 -18.81
C PHE A 730 20.16 -14.85 -19.88
N ILE A 731 20.02 -14.47 -21.15
CA ILE A 731 20.20 -15.46 -22.26
C ILE A 731 21.65 -15.96 -22.22
N HIS A 732 22.59 -15.05 -21.99
CA HIS A 732 24.02 -15.46 -21.89
C HIS A 732 24.15 -16.57 -20.85
N PHE A 733 23.64 -16.32 -19.64
CA PHE A 733 23.75 -17.33 -18.55
C PHE A 733 23.01 -18.59 -18.97
N ARG A 734 21.77 -18.45 -19.46
CA ARG A 734 20.96 -19.65 -19.81
C ARG A 734 21.81 -20.59 -20.67
N ASN A 735 22.51 -20.06 -21.67
CA ASN A 735 23.41 -20.89 -22.51
C ASN A 735 24.59 -21.38 -21.68
N ASN A 736 25.23 -20.49 -20.93
CA ASN A 736 26.43 -20.84 -20.12
C ASN A 736 26.06 -21.93 -19.11
N THR A 737 24.91 -21.79 -18.45
CA THR A 737 24.51 -22.76 -17.40
C THR A 737 23.78 -23.94 -18.04
N ASN A 738 23.85 -24.06 -19.37
CA ASN A 738 23.21 -25.20 -20.08
C ASN A 738 21.75 -25.33 -19.63
N ASN A 739 20.91 -24.35 -19.99
CA ASN A 739 19.47 -24.39 -19.63
C ASN A 739 19.33 -24.48 -18.11
N TRP A 740 20.01 -23.59 -17.38
CA TRP A 740 19.88 -23.54 -15.90
C TRP A 740 20.05 -24.95 -15.32
N ARG A 741 21.17 -25.60 -15.62
CA ARG A 741 21.42 -26.99 -15.13
C ARG A 741 22.74 -27.01 -14.34
N GLU A 742 23.74 -26.25 -14.78
CA GLU A 742 25.06 -26.23 -14.10
C GLU A 742 25.43 -24.79 -13.71
N ILE A 743 25.65 -24.55 -12.43
CA ILE A 743 26.03 -23.17 -11.95
C ILE A 743 27.40 -22.80 -12.55
N PRO A 744 27.69 -21.51 -12.79
CA PRO A 744 29.01 -21.10 -13.27
C PRO A 744 30.08 -21.38 -12.21
N GLU A 745 31.35 -21.43 -12.61
CA GLU A 745 32.44 -21.79 -11.66
C GLU A 745 32.84 -20.57 -10.81
N ASN A 746 33.31 -19.50 -11.45
CA ASN A 746 33.81 -18.32 -10.69
C ASN A 746 32.71 -17.80 -9.76
N LEU A 747 33.06 -17.49 -8.51
CA LEU A 747 32.06 -16.99 -7.52
C LEU A 747 31.38 -15.74 -8.09
N MET A 748 32.15 -14.88 -8.75
CA MET A 748 31.58 -13.62 -9.33
C MET A 748 30.47 -14.00 -10.32
N ASP A 749 30.74 -14.97 -11.20
CA ASP A 749 29.75 -15.37 -12.22
C ASP A 749 28.52 -15.94 -11.52
N GLN A 750 28.73 -16.74 -10.47
CA GLN A 750 27.58 -17.32 -9.73
C GLN A 750 26.69 -16.19 -9.21
N TYR A 751 27.31 -15.15 -8.64
CA TYR A 751 26.52 -14.02 -8.09
C TYR A 751 25.75 -13.33 -9.21
N SER A 752 26.40 -13.10 -10.37
CA SER A 752 25.74 -12.40 -11.49
C SER A 752 24.58 -13.24 -12.02
N GLU A 753 24.74 -14.56 -12.05
CA GLU A 753 23.65 -15.46 -12.52
C GLU A 753 22.42 -15.23 -11.64
N VAL A 754 22.61 -15.23 -10.32
CA VAL A 754 21.47 -15.00 -9.38
C VAL A 754 20.86 -13.63 -9.70
N ASN A 755 21.70 -12.61 -9.83
CA ASN A 755 21.21 -11.24 -10.15
C ASN A 755 20.41 -11.30 -11.45
N ALA A 756 20.98 -11.90 -12.50
CA ALA A 756 20.31 -11.93 -13.82
C ALA A 756 18.89 -12.48 -13.64
N ILE A 757 18.75 -13.66 -13.05
CA ILE A 757 17.40 -14.28 -12.91
C ILE A 757 16.51 -13.35 -12.10
N SER A 758 17.00 -12.85 -10.96
CA SER A 758 16.16 -12.01 -10.08
C SER A 758 15.62 -10.80 -10.84
N THR A 759 16.51 -9.98 -11.41
CA THR A 759 16.05 -8.75 -12.10
C THR A 759 15.20 -9.11 -13.33
N ALA A 760 15.58 -10.16 -14.05
CA ALA A 760 14.83 -10.52 -15.28
C ALA A 760 13.38 -10.84 -14.91
N CYS A 761 13.19 -11.69 -13.90
CA CYS A 761 11.81 -12.08 -13.48
C CYS A 761 11.09 -10.85 -12.91
N SER A 762 11.77 -10.06 -12.08
CA SER A 762 11.13 -8.88 -11.44
C SER A 762 10.66 -7.90 -12.52
N ASN A 763 11.54 -7.60 -13.50
CA ASN A 763 11.17 -6.64 -14.58
C ASN A 763 10.12 -7.26 -15.49
N GLY A 764 10.11 -8.60 -15.61
CA GLY A 764 9.05 -9.26 -16.40
C GLY A 764 9.58 -9.99 -17.62
N VAL A 765 10.86 -10.32 -17.66
CA VAL A 765 11.38 -11.13 -18.79
C VAL A 765 10.55 -12.41 -18.85
N PRO A 766 9.90 -12.74 -19.99
CA PRO A 766 9.01 -13.91 -20.06
C PRO A 766 9.72 -15.25 -19.77
N GLU A 767 10.89 -15.46 -20.38
CA GLU A 767 11.60 -16.76 -20.20
C GLU A 767 11.91 -16.97 -18.72
N CYS A 768 12.33 -15.91 -18.02
CA CYS A 768 12.72 -16.03 -16.60
C CYS A 768 11.56 -16.60 -15.80
N GLU A 769 10.39 -15.96 -15.88
CA GLU A 769 9.23 -16.41 -15.04
C GLU A 769 8.86 -17.84 -15.43
N GLU A 770 8.94 -18.17 -16.72
CA GLU A 770 8.64 -19.56 -17.16
C GLU A 770 9.59 -20.53 -16.45
N MET A 771 10.89 -20.26 -16.51
CA MET A 771 11.89 -21.21 -15.92
C MET A 771 11.67 -21.32 -14.41
N VAL A 772 11.57 -20.18 -13.71
CA VAL A 772 11.46 -20.24 -12.21
C VAL A 772 10.20 -21.04 -11.86
N SER A 773 9.10 -20.80 -12.57
CA SER A 773 7.84 -21.51 -12.29
C SER A 773 8.06 -23.01 -12.48
N GLY A 774 8.68 -23.40 -13.60
CA GLY A 774 8.93 -24.83 -13.88
C GLY A 774 9.76 -25.46 -12.78
N LEU A 775 10.82 -24.79 -12.34
CA LEU A 775 11.73 -25.36 -11.30
C LEU A 775 10.92 -25.63 -10.03
N PHE A 776 10.13 -24.66 -9.59
CA PHE A 776 9.34 -24.83 -8.34
C PHE A 776 8.35 -25.98 -8.55
N LYS A 777 7.73 -26.05 -9.73
CA LYS A 777 6.74 -27.12 -10.02
C LYS A 777 7.44 -28.48 -9.95
N GLN A 778 8.67 -28.57 -10.48
CA GLN A 778 9.43 -29.85 -10.40
C GLN A 778 9.62 -30.21 -8.92
N TRP A 779 9.99 -29.23 -8.09
CA TRP A 779 10.13 -29.49 -6.64
C TRP A 779 8.77 -29.93 -6.09
N MET A 780 7.69 -29.25 -6.49
CA MET A 780 6.35 -29.57 -5.96
C MET A 780 6.01 -31.02 -6.34
N GLU A 781 6.35 -31.44 -7.56
CA GLU A 781 6.05 -32.82 -8.02
C GLU A 781 6.87 -33.80 -7.18
N ASN A 782 8.17 -33.52 -6.99
CA ASN A 782 9.05 -34.44 -6.23
C ASN A 782 9.64 -33.71 -5.03
N PRO A 783 8.90 -33.53 -3.92
CA PRO A 783 9.43 -32.89 -2.72
C PRO A 783 10.48 -33.80 -2.07
N ASN A 784 11.27 -33.28 -1.13
CA ASN A 784 12.32 -34.07 -0.43
C ASN A 784 13.57 -34.13 -1.33
N ASN A 785 13.42 -33.89 -2.63
CA ASN A 785 14.60 -33.86 -3.54
C ASN A 785 14.57 -32.55 -4.33
N ASN A 786 14.78 -31.42 -3.64
CA ASN A 786 14.72 -30.08 -4.30
C ASN A 786 15.66 -30.07 -5.51
N PRO A 787 15.15 -29.83 -6.74
CA PRO A 787 16.02 -29.72 -7.92
C PRO A 787 16.73 -28.36 -7.99
N ILE A 788 16.10 -27.30 -7.47
CA ILE A 788 16.71 -25.94 -7.52
C ILE A 788 18.03 -25.96 -6.75
N HIS A 789 19.13 -25.52 -7.39
CA HIS A 789 20.47 -25.51 -6.75
C HIS A 789 20.47 -24.49 -5.60
N PRO A 790 21.12 -24.78 -4.46
CA PRO A 790 21.12 -23.88 -3.30
C PRO A 790 21.31 -22.39 -3.67
N ASN A 791 22.23 -22.10 -4.59
CA ASN A 791 22.53 -20.68 -4.94
C ASN A 791 21.29 -20.01 -5.53
N LEU A 792 20.52 -20.73 -6.35
CA LEU A 792 19.36 -20.11 -7.05
C LEU A 792 18.06 -20.37 -6.27
N ARG A 793 18.14 -20.96 -5.08
CA ARG A 793 16.90 -21.31 -4.34
C ARG A 793 16.09 -20.05 -3.98
N SER A 794 16.71 -19.08 -3.31
CA SER A 794 15.94 -17.89 -2.85
C SER A 794 15.22 -17.23 -4.03
N THR A 795 15.96 -16.95 -5.11
CA THR A 795 15.37 -16.25 -6.28
C THR A 795 14.20 -17.07 -6.83
N VAL A 796 14.43 -18.35 -7.17
CA VAL A 796 13.36 -19.19 -7.76
C VAL A 796 12.17 -19.22 -6.80
N TYR A 797 12.42 -19.43 -5.50
CA TYR A 797 11.32 -19.55 -4.53
C TYR A 797 10.44 -18.29 -4.58
N CYS A 798 11.04 -17.11 -4.46
CA CYS A 798 10.24 -15.86 -4.41
C CYS A 798 9.49 -15.68 -5.74
N ASN A 799 10.20 -15.71 -6.86
CA ASN A 799 9.54 -15.45 -8.17
C ASN A 799 8.45 -16.50 -8.41
N ALA A 800 8.74 -17.77 -8.11
CA ALA A 800 7.75 -18.84 -8.37
C ALA A 800 6.48 -18.55 -7.56
N ILE A 801 6.64 -18.26 -6.27
CA ILE A 801 5.46 -17.97 -5.40
C ILE A 801 4.73 -16.74 -5.97
N ALA A 802 5.48 -15.73 -6.39
CA ALA A 802 4.87 -14.50 -6.95
C ALA A 802 4.11 -14.83 -8.24
N GLN A 803 4.74 -15.60 -9.14
CA GLN A 803 4.10 -15.94 -10.44
C GLN A 803 3.02 -17.00 -10.22
N GLY A 804 3.00 -17.63 -9.04
CA GLY A 804 2.02 -18.69 -8.76
C GLY A 804 0.90 -18.20 -7.86
N GLY A 805 0.02 -19.11 -7.42
CA GLY A 805 -1.13 -18.73 -6.60
C GLY A 805 -1.08 -19.33 -5.20
N GLU A 806 -2.25 -19.60 -4.62
CA GLU A 806 -2.32 -20.16 -3.24
C GLU A 806 -1.63 -21.53 -3.20
N GLU A 807 -1.80 -22.33 -4.26
CA GLU A 807 -1.23 -23.71 -4.27
C GLU A 807 0.27 -23.65 -3.97
N GLU A 808 1.02 -22.82 -4.70
CA GLU A 808 2.48 -22.72 -4.51
C GLU A 808 2.78 -22.24 -3.09
N TRP A 809 2.10 -21.19 -2.64
CA TRP A 809 2.33 -20.65 -1.28
C TRP A 809 2.08 -21.75 -0.26
N ASP A 810 1.02 -22.54 -0.46
CA ASP A 810 0.67 -23.61 0.50
C ASP A 810 1.83 -24.61 0.58
N PHE A 811 2.33 -25.06 -0.58
CA PHE A 811 3.48 -26.00 -0.60
C PHE A 811 4.64 -25.37 0.17
N ALA A 812 4.96 -24.12 -0.14
CA ALA A 812 6.11 -23.44 0.51
C ALA A 812 5.86 -23.37 2.02
N TRP A 813 4.64 -23.04 2.43
CA TRP A 813 4.32 -22.94 3.88
C TRP A 813 4.54 -24.30 4.53
N GLU A 814 4.08 -25.37 3.88
CA GLU A 814 4.28 -26.73 4.42
C GLU A 814 5.78 -26.97 4.61
N GLN A 815 6.58 -26.67 3.59
CA GLN A 815 8.05 -26.90 3.68
C GLN A 815 8.61 -26.07 4.84
N PHE A 816 8.14 -24.83 5.00
CA PHE A 816 8.66 -23.95 6.07
C PHE A 816 8.34 -24.56 7.44
N ARG A 817 7.12 -25.08 7.60
CA ARG A 817 6.71 -25.69 8.90
C ARG A 817 7.51 -26.98 9.10
N ASN A 818 7.90 -27.64 7.99
CA ASN A 818 8.66 -28.91 8.08
C ASN A 818 10.15 -28.62 7.90
N ALA A 819 10.53 -27.33 7.88
CA ALA A 819 11.94 -26.97 7.63
C ALA A 819 12.82 -27.55 8.74
N THR A 820 14.02 -28.04 8.38
CA THR A 820 14.93 -28.65 9.37
C THR A 820 16.18 -27.78 9.52
N LEU A 821 16.58 -27.07 8.47
CA LEU A 821 17.78 -26.21 8.50
C LEU A 821 17.36 -24.74 8.51
N VAL A 822 17.91 -23.94 9.43
CA VAL A 822 17.48 -22.53 9.57
C VAL A 822 17.65 -21.80 8.22
N ASN A 823 18.76 -22.03 7.52
CA ASN A 823 19.00 -21.29 6.26
C ASN A 823 17.82 -21.50 5.32
N GLU A 824 17.44 -22.76 5.06
CA GLU A 824 16.32 -23.07 4.14
C GLU A 824 15.04 -22.45 4.68
N ALA A 825 14.81 -22.57 6.00
CA ALA A 825 13.58 -22.02 6.61
C ALA A 825 13.48 -20.53 6.32
N ASP A 826 14.57 -19.78 6.56
CA ASP A 826 14.53 -18.31 6.37
C ASP A 826 14.30 -17.99 4.89
N LYS A 827 14.94 -18.75 4.00
CA LYS A 827 14.73 -18.53 2.54
C LYS A 827 13.23 -18.65 2.23
N LEU A 828 12.61 -19.74 2.69
CA LEU A 828 11.16 -19.96 2.45
C LEU A 828 10.36 -18.84 3.09
N ARG A 829 10.75 -18.42 4.30
CA ARG A 829 9.98 -17.37 5.04
C ARG A 829 9.92 -16.10 4.17
N ALA A 830 11.07 -15.65 3.68
CA ALA A 830 11.11 -14.42 2.85
C ALA A 830 10.33 -14.66 1.55
N ALA A 831 10.49 -15.84 0.95
CA ALA A 831 9.81 -16.14 -0.33
C ALA A 831 8.29 -16.10 -0.14
N LEU A 832 7.81 -16.59 1.00
CA LEU A 832 6.35 -16.63 1.26
C LEU A 832 5.78 -15.20 1.23
N ALA A 833 6.65 -14.20 1.48
CA ALA A 833 6.20 -12.79 1.50
C ALA A 833 6.19 -12.22 0.08
N CYS A 834 6.56 -13.02 -0.92
CA CYS A 834 6.62 -12.54 -2.32
C CYS A 834 5.26 -12.69 -3.00
N SER A 835 4.25 -13.18 -2.27
CA SER A 835 2.91 -13.43 -2.86
C SER A 835 2.34 -12.13 -3.43
N LYS A 836 1.54 -12.23 -4.50
CA LYS A 836 0.91 -11.03 -5.12
C LYS A 836 -0.57 -10.96 -4.72
N GLU A 837 -0.99 -11.79 -3.77
CA GLU A 837 -2.41 -11.83 -3.35
C GLU A 837 -2.56 -11.07 -2.03
N LEU A 838 -3.45 -10.09 -1.98
CA LEU A 838 -3.62 -9.27 -0.76
C LEU A 838 -4.04 -10.19 0.40
N TRP A 839 -4.96 -11.12 0.13
CA TRP A 839 -5.47 -12.00 1.23
C TRP A 839 -4.33 -12.85 1.79
N ILE A 840 -3.47 -13.41 0.91
CA ILE A 840 -2.36 -14.28 1.37
C ILE A 840 -1.43 -13.45 2.26
N LEU A 841 -1.12 -12.22 1.84
CA LEU A 841 -0.18 -11.37 2.61
C LEU A 841 -0.79 -11.03 3.98
N ASN A 842 -2.08 -10.71 4.02
CA ASN A 842 -2.75 -10.42 5.32
C ASN A 842 -2.70 -11.69 6.18
N ARG A 843 -2.97 -12.84 5.59
CA ARG A 843 -2.91 -14.13 6.33
C ARG A 843 -1.49 -14.31 6.89
N TYR A 844 -0.48 -13.99 6.06
CA TYR A 844 0.93 -14.13 6.51
C TYR A 844 1.17 -13.20 7.71
N LEU A 845 0.70 -11.95 7.62
CA LEU A 845 0.92 -10.97 8.71
C LEU A 845 0.34 -11.53 10.02
N SER A 846 -0.86 -12.11 9.94
CA SER A 846 -1.48 -12.72 11.15
C SER A 846 -0.57 -13.82 11.68
N TYR A 847 0.00 -14.63 10.80
CA TYR A 847 0.91 -15.72 11.21
C TYR A 847 2.16 -15.14 11.88
N THR A 848 2.67 -14.01 11.37
CA THR A 848 3.94 -13.45 11.90
C THR A 848 3.85 -13.27 13.41
N LEU A 849 2.76 -12.66 13.90
CA LEU A 849 2.65 -12.39 15.36
C LEU A 849 2.60 -13.71 16.14
N ASN A 850 1.87 -14.71 15.63
CA ASN A 850 1.72 -16.00 16.35
C ASN A 850 3.10 -16.61 16.59
N PRO A 851 3.53 -16.78 17.86
CA PRO A 851 4.84 -17.35 18.16
C PRO A 851 4.96 -18.80 17.65
N ASP A 852 3.87 -19.56 17.73
CA ASP A 852 3.89 -20.99 17.31
C ASP A 852 4.25 -21.08 15.83
N LEU A 853 3.62 -20.27 14.98
CA LEU A 853 3.86 -20.36 13.51
C LEU A 853 5.20 -19.71 13.16
N ILE A 854 5.41 -18.46 13.59
CA ILE A 854 6.68 -17.73 13.26
C ILE A 854 7.40 -17.40 14.56
N ARG A 855 8.67 -17.83 14.68
CA ARG A 855 9.46 -17.57 15.91
C ARG A 855 9.50 -16.05 16.15
N LYS A 856 9.33 -15.62 17.40
CA LYS A 856 9.27 -14.17 17.70
C LYS A 856 10.56 -13.50 17.21
N GLN A 857 11.70 -14.18 17.35
CA GLN A 857 12.99 -13.63 16.89
C GLN A 857 12.91 -13.33 15.38
N ASP A 858 12.17 -14.14 14.63
CA ASP A 858 12.10 -13.97 13.16
C ASP A 858 10.87 -13.14 12.76
N ALA A 859 10.03 -12.76 13.74
CA ALA A 859 8.78 -12.06 13.41
C ALA A 859 9.07 -10.69 12.76
N THR A 860 9.97 -9.91 13.37
CA THR A 860 10.24 -8.54 12.83
C THR A 860 10.72 -8.63 11.38
N SER A 861 11.64 -9.56 11.09
CA SER A 861 12.17 -9.71 9.71
C SER A 861 11.04 -10.08 8.75
N THR A 862 10.16 -11.00 9.17
CA THR A 862 9.04 -11.44 8.29
C THR A 862 8.17 -10.24 7.96
N ILE A 863 7.81 -9.43 8.96
CA ILE A 863 6.95 -8.25 8.73
C ILE A 863 7.68 -7.29 7.78
N ILE A 864 8.99 -7.12 7.97
CA ILE A 864 9.81 -6.25 7.07
C ILE A 864 9.77 -6.81 5.66
N SER A 865 9.85 -8.13 5.51
CA SER A 865 9.82 -8.77 4.17
C SER A 865 8.48 -8.48 3.48
N ILE A 866 7.39 -8.56 4.24
CA ILE A 866 6.04 -8.24 3.67
C ILE A 866 6.02 -6.76 3.28
N THR A 867 6.66 -5.90 4.08
CA THR A 867 6.73 -4.45 3.76
C THR A 867 7.41 -4.29 2.39
N ASN A 868 8.43 -5.09 2.11
CA ASN A 868 9.17 -4.98 0.82
C ASN A 868 8.22 -5.24 -0.34
N ASN A 869 7.26 -6.17 -0.17
CA ASN A 869 6.25 -6.40 -1.23
C ASN A 869 5.51 -5.09 -1.47
N VAL A 870 5.35 -4.68 -2.74
CA VAL A 870 4.71 -3.36 -3.05
C VAL A 870 3.32 -3.33 -2.41
N ILE A 871 2.55 -4.41 -2.56
CA ILE A 871 1.19 -4.49 -1.95
C ILE A 871 1.33 -4.49 -0.42
N GLY A 872 2.33 -5.21 0.10
CA GLY A 872 2.51 -5.33 1.55
C GLY A 872 2.78 -4.00 2.23
N GLN A 873 3.36 -3.04 1.52
CA GLN A 873 3.73 -1.75 2.15
C GLN A 873 2.51 -1.20 2.89
N GLY A 874 1.38 -1.08 2.21
CA GLY A 874 0.16 -0.53 2.83
C GLY A 874 -0.30 -1.39 4.00
N LEU A 875 -0.30 -2.70 3.83
CA LEU A 875 -0.75 -3.63 4.91
C LEU A 875 0.10 -3.39 6.15
N VAL A 876 1.43 -3.43 6.01
CA VAL A 876 2.34 -3.27 7.18
C VAL A 876 2.17 -1.87 7.77
N TRP A 877 2.01 -0.85 6.92
CA TRP A 877 1.90 0.54 7.43
C TRP A 877 0.67 0.65 8.33
N ASP A 878 -0.47 0.13 7.90
CA ASP A 878 -1.67 0.14 8.76
C ASP A 878 -1.40 -0.73 9.99
N PHE A 879 -0.75 -1.88 9.78
CA PHE A 879 -0.44 -2.80 10.91
C PHE A 879 0.37 -2.04 11.97
N VAL A 880 1.48 -1.41 11.57
CA VAL A 880 2.36 -0.74 12.57
C VAL A 880 1.60 0.44 13.20
N GLN A 881 0.83 1.17 12.41
CA GLN A 881 0.11 2.36 12.93
C GLN A 881 -0.96 1.91 13.95
N SER A 882 -1.61 0.77 13.70
CA SER A 882 -2.73 0.34 14.57
C SER A 882 -2.23 -0.54 15.73
N ASN A 883 -1.22 -1.37 15.50
CA ASN A 883 -0.79 -2.33 16.56
C ASN A 883 0.57 -1.93 17.13
N TRP A 884 0.95 -0.65 17.07
CA TRP A 884 2.23 -0.24 17.70
C TRP A 884 2.17 -0.60 19.19
N LYS A 885 1.06 -0.29 19.86
CA LYS A 885 0.94 -0.55 21.31
C LYS A 885 1.25 -2.03 21.56
N LYS A 886 0.52 -2.92 20.89
CA LYS A 886 0.72 -4.38 21.10
C LYS A 886 2.17 -4.73 20.79
N LEU A 887 2.67 -4.32 19.62
CA LEU A 887 4.04 -4.70 19.21
C LEU A 887 5.04 -4.22 20.28
N PHE A 888 4.93 -2.96 20.71
CA PHE A 888 5.91 -2.43 21.68
C PHE A 888 5.71 -3.07 23.06
N ASN A 889 4.47 -3.10 23.55
CA ASN A 889 4.21 -3.62 24.92
C ASN A 889 4.58 -5.11 25.01
N ASP A 890 4.07 -5.93 24.09
CA ASP A 890 4.31 -7.39 24.16
C ASP A 890 5.78 -7.70 23.83
N TYR A 891 6.44 -6.84 23.06
CA TYR A 891 7.83 -7.14 22.64
C TYR A 891 8.76 -5.98 23.02
N GLY A 892 8.60 -5.44 24.23
CA GLY A 892 9.44 -4.32 24.70
C GLY A 892 10.92 -4.70 24.73
N GLY A 893 11.22 -6.00 24.82
CA GLY A 893 12.62 -6.46 24.85
C GLY A 893 13.32 -6.29 23.52
N GLY A 894 14.64 -6.49 23.48
CA GLY A 894 15.42 -6.32 22.24
C GLY A 894 15.02 -7.32 21.17
N SER A 895 14.23 -8.34 21.54
CA SER A 895 13.80 -9.38 20.58
C SER A 895 13.27 -8.72 19.30
N PHE A 896 12.44 -7.70 19.43
CA PHE A 896 11.88 -6.99 18.25
C PHE A 896 12.66 -5.69 18.03
N SER A 897 13.41 -5.60 16.93
CA SER A 897 14.18 -4.38 16.61
C SER A 897 13.24 -3.35 15.97
N PHE A 898 12.54 -2.56 16.80
CA PHE A 898 11.57 -1.58 16.27
C PHE A 898 12.29 -0.61 15.32
N SER A 899 13.58 -0.35 15.58
CA SER A 899 14.36 0.56 14.71
C SER A 899 14.29 0.05 13.26
N ASN A 900 14.63 -1.21 13.04
CA ASN A 900 14.62 -1.78 11.66
C ASN A 900 13.19 -1.75 11.12
N LEU A 901 12.21 -2.10 11.96
CA LEU A 901 10.80 -2.17 11.50
C LEU A 901 10.37 -0.80 10.97
N ILE A 902 10.54 0.26 11.78
CA ILE A 902 10.02 1.60 11.35
C ILE A 902 10.82 2.07 10.12
N GLN A 903 12.12 1.78 10.08
CA GLN A 903 12.96 2.23 8.95
C GLN A 903 12.44 1.57 7.67
N ALA A 904 12.05 0.28 7.75
CA ALA A 904 11.58 -0.45 6.55
C ALA A 904 10.19 0.03 6.13
N VAL A 905 9.29 0.28 7.08
CA VAL A 905 7.89 0.65 6.71
C VAL A 905 7.89 2.09 6.16
N THR A 906 8.82 2.93 6.61
CA THR A 906 8.82 4.36 6.19
C THR A 906 9.86 4.60 5.10
N ARG A 907 10.44 3.54 4.53
CA ARG A 907 11.52 3.71 3.52
C ARG A 907 10.96 4.31 2.23
N ARG A 908 9.73 3.94 1.84
CA ARG A 908 9.19 4.40 0.54
C ARG A 908 8.49 5.76 0.69
N PHE A 909 8.25 6.22 1.92
CA PHE A 909 7.48 7.47 2.11
C PHE A 909 8.11 8.58 1.25
N SER A 910 7.33 9.18 0.36
CA SER A 910 7.86 10.22 -0.56
C SER A 910 6.81 11.31 -0.81
N THR A 911 5.70 11.27 -0.07
CA THR A 911 4.61 12.25 -0.30
C THR A 911 4.29 12.98 1.00
N GLU A 912 3.73 14.19 0.91
CA GLU A 912 3.39 14.98 2.12
C GLU A 912 2.33 14.23 2.92
N TYR A 913 1.41 13.54 2.25
CA TYR A 913 0.38 12.74 2.96
C TYR A 913 1.08 11.71 3.85
N GLU A 914 2.08 11.02 3.30
CA GLU A 914 2.80 9.97 4.08
C GLU A 914 3.48 10.63 5.28
N LEU A 915 4.09 11.80 5.07
CA LEU A 915 4.79 12.51 6.17
C LEU A 915 3.76 12.86 7.25
N GLN A 916 2.58 13.34 6.83
CA GLN A 916 1.50 13.67 7.80
C GLN A 916 1.16 12.41 8.60
N GLN A 917 0.99 11.27 7.92
CA GLN A 917 0.65 10.01 8.61
C GLN A 917 1.75 9.67 9.61
N LEU A 918 3.02 9.76 9.19
CA LEU A 918 4.15 9.39 10.09
C LEU A 918 4.16 10.33 11.29
N GLU A 919 3.97 11.63 11.05
CA GLU A 919 3.96 12.62 12.15
C GLU A 919 2.79 12.30 13.09
N GLN A 920 1.63 11.99 12.53
CA GLN A 920 0.44 11.65 13.36
C GLN A 920 0.78 10.40 14.19
N PHE A 921 1.39 9.40 13.56
CA PHE A 921 1.79 8.16 14.26
C PHE A 921 2.70 8.54 15.45
N LYS A 922 3.65 9.43 15.20
CA LYS A 922 4.61 9.85 16.28
C LYS A 922 3.82 10.43 17.45
N LYS A 923 2.93 11.38 17.19
CA LYS A 923 2.17 12.04 18.28
C LYS A 923 1.19 11.03 18.90
N ASP A 924 0.57 10.19 18.08
CA ASP A 924 -0.46 9.24 18.60
C ASP A 924 0.20 8.27 19.59
N ASN A 925 1.41 7.81 19.29
CA ASN A 925 2.06 6.79 20.15
C ASN A 925 3.18 7.45 20.96
N GLU A 926 3.12 8.78 21.13
CA GLU A 926 4.18 9.51 21.87
C GLU A 926 4.26 8.98 23.30
N GLU A 927 3.10 8.74 23.93
CA GLU A 927 3.10 8.30 25.36
C GLU A 927 3.87 6.99 25.48
N THR A 928 3.60 6.02 24.61
CA THR A 928 4.36 4.74 24.63
C THR A 928 5.66 4.92 23.86
N GLY A 929 6.75 5.23 24.57
CA GLY A 929 8.04 5.49 23.89
C GLY A 929 8.32 4.47 22.80
N PHE A 930 8.79 4.94 21.64
CA PHE A 930 9.11 4.04 20.52
C PHE A 930 10.34 3.20 20.87
N GLY A 931 11.01 3.53 21.98
CA GLY A 931 12.18 2.76 22.43
C GLY A 931 13.29 2.77 21.39
N SER A 932 13.72 1.58 20.95
CA SER A 932 14.75 1.49 19.87
C SER A 932 14.27 2.31 18.67
N GLY A 933 12.95 2.39 18.47
CA GLY A 933 12.40 3.19 17.36
C GLY A 933 12.79 4.64 17.46
N THR A 934 12.82 5.19 18.68
CA THR A 934 13.26 6.61 18.85
C THR A 934 14.67 6.75 18.28
N ARG A 935 15.02 7.94 17.78
CA ARG A 935 16.36 8.16 17.14
C ARG A 935 16.34 7.56 15.74
N ALA A 936 15.25 6.86 15.38
CA ALA A 936 15.11 6.30 14.02
C ALA A 936 13.80 6.83 13.44
N LEU A 937 12.79 7.03 14.29
CA LEU A 937 11.50 7.61 13.83
C LEU A 937 11.76 9.07 13.41
N GLU A 938 12.49 9.82 14.24
CA GLU A 938 12.84 11.21 13.87
C GLU A 938 13.73 11.18 12.62
N GLN A 939 14.63 10.21 12.55
CA GLN A 939 15.50 10.06 11.35
C GLN A 939 14.62 9.76 10.13
N ALA A 940 13.63 8.89 10.30
CA ALA A 940 12.71 8.55 9.19
C ALA A 940 11.97 9.81 8.74
N LEU A 941 11.57 10.65 9.69
CA LEU A 941 10.85 11.91 9.35
C LEU A 941 11.76 12.75 8.45
N GLU A 942 13.03 12.89 8.81
CA GLU A 942 13.99 13.69 8.01
C GLU A 942 14.14 13.05 6.63
N LYS A 943 14.30 11.73 6.57
CA LYS A 943 14.47 11.03 5.28
C LYS A 943 13.20 11.25 4.45
N THR A 944 12.02 11.17 5.08
CA THR A 944 10.74 11.36 4.35
C THR A 944 10.74 12.75 3.71
N LYS A 945 11.14 13.77 4.47
CA LYS A 945 11.16 15.16 3.93
C LYS A 945 12.10 15.22 2.73
N ALA A 946 13.30 14.66 2.87
CA ALA A 946 14.27 14.65 1.75
C ALA A 946 13.69 13.89 0.58
N ASN A 947 13.04 12.75 0.85
CA ASN A 947 12.44 11.92 -0.23
C ASN A 947 11.44 12.76 -1.01
N ILE A 948 10.58 13.51 -0.30
CA ILE A 948 9.54 14.34 -0.98
C ILE A 948 10.25 15.28 -1.95
N LYS A 949 11.28 15.98 -1.47
CA LYS A 949 12.00 16.96 -2.32
C LYS A 949 12.63 16.24 -3.52
N TRP A 950 13.28 15.09 -3.28
CA TRP A 950 13.97 14.38 -4.39
C TRP A 950 12.96 14.01 -5.47
N VAL A 951 11.82 13.43 -5.08
CA VAL A 951 10.82 12.96 -6.07
C VAL A 951 10.29 14.18 -6.84
N LYS A 952 9.98 15.27 -6.14
CA LYS A 952 9.36 16.44 -6.82
C LYS A 952 10.40 17.13 -7.71
N GLU A 953 11.69 16.80 -7.55
CA GLU A 953 12.75 17.50 -8.32
C GLU A 953 13.30 16.60 -9.42
N ASN A 954 13.00 15.29 -9.39
CA ASN A 954 13.61 14.37 -10.38
C ASN A 954 12.56 13.50 -11.08
N LYS A 955 11.31 13.51 -10.62
CA LYS A 955 10.31 12.59 -11.22
C LYS A 955 10.24 12.80 -12.72
N GLU A 956 9.99 14.03 -13.17
CA GLU A 956 9.81 14.29 -14.62
C GLU A 956 11.05 13.86 -15.40
N VAL A 957 12.23 14.32 -14.99
CA VAL A 957 13.47 14.00 -15.75
C VAL A 957 13.63 12.48 -15.80
N VAL A 958 13.52 11.81 -14.65
CA VAL A 958 13.73 10.33 -14.60
C VAL A 958 12.70 9.65 -15.50
N LEU A 959 11.43 10.08 -15.42
CA LEU A 959 10.36 9.43 -16.22
C LEU A 959 10.70 9.58 -17.70
N GLN A 960 11.04 10.79 -18.14
CA GLN A 960 11.34 11.01 -19.58
C GLN A 960 12.53 10.13 -19.97
N TRP A 961 13.58 10.12 -19.14
CA TRP A 961 14.79 9.35 -19.50
C TRP A 961 14.39 7.89 -19.73
N PHE A 962 13.66 7.28 -18.80
CA PHE A 962 13.32 5.85 -18.95
C PHE A 962 12.51 5.64 -20.23
N THR A 963 11.50 6.48 -20.47
CA THR A 963 10.63 6.28 -21.66
C THR A 963 11.47 6.34 -22.94
N GLU A 964 12.30 7.38 -23.08
CA GLU A 964 13.07 7.55 -24.35
C GLU A 964 14.19 6.50 -24.42
N ASN A 965 14.69 6.03 -23.27
CA ASN A 965 15.83 5.08 -23.28
C ASN A 965 15.32 3.64 -23.18
N SER A 966 14.00 3.45 -23.15
CA SER A 966 13.43 2.07 -23.14
C SER A 966 12.79 1.79 -24.50
N GLN B 67 -31.69 32.62 10.50
CA GLN B 67 -32.10 33.80 11.32
C GLN B 67 -33.53 34.20 10.93
N SER B 68 -34.15 35.10 11.72
CA SER B 68 -35.52 35.56 11.42
C SER B 68 -35.55 36.26 10.06
N LYS B 69 -34.42 36.84 9.65
CA LYS B 69 -34.34 37.54 8.35
C LYS B 69 -34.89 36.61 7.26
N ALA B 70 -35.85 37.10 6.46
CA ALA B 70 -36.49 36.26 5.43
C ALA B 70 -35.43 35.73 4.46
N TRP B 71 -34.47 36.59 4.07
CA TRP B 71 -33.40 36.16 3.14
C TRP B 71 -32.59 35.03 3.78
N ASN B 72 -32.30 35.16 5.08
CA ASN B 72 -31.50 34.12 5.79
C ASN B 72 -32.26 32.79 5.78
N ARG B 73 -33.60 32.84 5.85
CA ARG B 73 -34.41 31.60 5.76
C ARG B 73 -34.23 30.99 4.37
N TYR B 74 -34.19 29.66 4.27
CA TYR B 74 -33.95 29.00 2.96
C TYR B 74 -35.26 28.77 2.21
N ARG B 75 -36.38 29.21 2.77
CA ARG B 75 -37.71 28.99 2.12
C ARG B 75 -38.22 30.31 1.55
N LEU B 76 -38.63 30.31 0.28
CA LEU B 76 -39.10 31.55 -0.39
C LEU B 76 -40.33 32.10 0.35
N PRO B 77 -40.42 33.43 0.59
CA PRO B 77 -41.61 34.02 1.22
C PRO B 77 -42.85 33.76 0.36
N ASN B 78 -44.01 33.58 1.00
CA ASN B 78 -45.26 33.29 0.25
C ASN B 78 -45.95 34.60 -0.16
N THR B 79 -45.39 35.75 0.25
CA THR B 79 -46.03 37.05 -0.05
C THR B 79 -46.14 37.26 -1.56
N LEU B 80 -45.22 36.69 -2.33
CA LEU B 80 -45.22 36.91 -3.81
C LEU B 80 -45.43 35.57 -4.54
N LYS B 81 -46.36 35.54 -5.49
CA LYS B 81 -46.62 34.30 -6.28
C LYS B 81 -46.32 34.57 -7.75
N PRO B 82 -45.38 33.85 -8.39
CA PRO B 82 -45.07 34.03 -9.80
C PRO B 82 -46.26 33.62 -10.70
N ASP B 83 -46.47 34.35 -11.80
CA ASP B 83 -47.57 34.03 -12.74
C ASP B 83 -46.97 33.56 -14.07
N SER B 84 -46.12 34.39 -14.69
CA SER B 84 -45.51 34.05 -15.99
C SER B 84 -44.12 34.70 -16.11
N TYR B 85 -43.25 34.15 -16.97
CA TYR B 85 -41.87 34.68 -17.09
C TYR B 85 -41.49 34.86 -18.57
N ARG B 86 -40.50 35.70 -18.85
CA ARG B 86 -39.99 35.83 -20.25
C ARG B 86 -38.45 35.79 -20.19
N VAL B 87 -37.86 34.65 -20.54
CA VAL B 87 -36.38 34.50 -20.42
C VAL B 87 -35.75 34.61 -21.81
N THR B 88 -34.63 35.33 -21.93
CA THR B 88 -33.95 35.51 -23.23
C THR B 88 -32.46 35.21 -23.08
N LEU B 89 -32.11 33.96 -22.78
CA LEU B 89 -30.69 33.59 -22.57
C LEU B 89 -29.93 33.61 -23.91
N ARG B 90 -28.70 34.13 -23.91
CA ARG B 90 -27.88 34.10 -25.15
C ARG B 90 -26.57 33.38 -24.83
N PRO B 91 -26.37 32.13 -25.28
CA PRO B 91 -25.18 31.36 -24.92
C PRO B 91 -23.98 31.62 -25.84
N TYR B 92 -22.87 32.11 -25.27
CA TYR B 92 -21.64 32.31 -26.09
C TYR B 92 -20.85 30.99 -26.09
N LEU B 93 -20.75 30.34 -27.25
CA LEU B 93 -20.07 29.01 -27.32
C LEU B 93 -18.59 29.20 -27.67
N THR B 94 -18.00 30.32 -27.24
CA THR B 94 -16.56 30.58 -27.49
C THR B 94 -15.98 31.26 -26.24
N PRO B 95 -14.78 30.86 -25.74
CA PRO B 95 -14.23 31.43 -24.51
C PRO B 95 -14.03 32.95 -24.66
N ASN B 96 -14.21 33.69 -23.56
CA ASN B 96 -14.05 35.18 -23.60
C ASN B 96 -12.58 35.55 -23.41
N ASP B 97 -12.30 36.84 -23.21
CA ASP B 97 -10.90 37.29 -22.97
C ASP B 97 -10.37 36.60 -21.73
N ARG B 98 -11.26 36.29 -20.77
CA ARG B 98 -10.84 35.61 -19.52
C ARG B 98 -10.83 34.10 -19.74
N GLY B 99 -11.04 33.66 -20.99
CA GLY B 99 -11.02 32.22 -21.30
C GLY B 99 -12.11 31.48 -20.54
N LEU B 100 -13.31 32.05 -20.45
CA LEU B 100 -14.44 31.38 -19.76
C LEU B 100 -15.71 31.52 -20.61
N TYR B 101 -16.32 30.41 -21.02
CA TYR B 101 -17.60 30.48 -21.76
C TYR B 101 -18.63 31.15 -20.86
N VAL B 102 -19.28 32.21 -21.34
CA VAL B 102 -20.24 32.96 -20.48
C VAL B 102 -21.55 33.17 -21.24
N PHE B 103 -22.69 32.93 -20.60
CA PHE B 103 -24.01 33.19 -21.25
C PHE B 103 -24.60 34.49 -20.68
N LYS B 104 -25.07 35.36 -21.56
CA LYS B 104 -25.69 36.64 -21.11
C LYS B 104 -27.19 36.59 -21.43
N GLY B 105 -28.04 36.96 -20.48
CA GLY B 105 -29.49 36.85 -20.69
C GLY B 105 -30.28 37.88 -19.92
N SER B 106 -31.54 38.12 -20.31
CA SER B 106 -32.41 39.07 -19.60
C SER B 106 -33.76 38.40 -19.33
N SER B 107 -34.40 38.70 -18.20
CA SER B 107 -35.67 38.00 -17.85
C SER B 107 -36.62 38.94 -17.12
N THR B 108 -37.93 38.74 -17.29
CA THR B 108 -38.94 39.55 -16.55
C THR B 108 -39.97 38.61 -15.94
N VAL B 109 -40.22 38.72 -14.63
CA VAL B 109 -41.16 37.79 -13.95
C VAL B 109 -42.45 38.54 -13.60
N ARG B 110 -43.60 38.04 -14.05
CA ARG B 110 -44.89 38.66 -13.67
C ARG B 110 -45.37 37.99 -12.38
N PHE B 111 -45.46 38.75 -11.29
CA PHE B 111 -45.81 38.14 -9.98
C PHE B 111 -46.97 38.89 -9.33
N THR B 112 -47.95 38.14 -8.78
CA THR B 112 -49.06 38.78 -8.06
C THR B 112 -48.69 38.91 -6.58
N CYS B 113 -48.90 40.07 -5.98
CA CYS B 113 -48.51 40.29 -4.56
C CYS B 113 -49.58 39.66 -3.65
N LYS B 114 -49.42 38.39 -3.30
CA LYS B 114 -50.41 37.68 -2.45
C LYS B 114 -50.60 38.46 -1.14
N GLU B 115 -49.49 38.89 -0.52
CA GLU B 115 -49.57 39.69 0.73
C GLU B 115 -48.65 40.91 0.59
N ALA B 116 -49.14 42.10 0.93
CA ALA B 116 -48.34 43.33 0.75
C ALA B 116 -46.95 43.14 1.38
N THR B 117 -45.89 43.41 0.61
CA THR B 117 -44.50 43.20 1.11
C THR B 117 -43.62 44.38 0.73
N ASP B 118 -42.64 44.71 1.57
CA ASP B 118 -41.71 45.84 1.29
C ASP B 118 -40.39 45.27 0.75
N VAL B 119 -40.30 43.94 0.64
CA VAL B 119 -39.06 43.28 0.14
C VAL B 119 -39.44 42.20 -0.88
N ILE B 120 -38.70 42.11 -1.99
CA ILE B 120 -38.96 41.06 -3.01
C ILE B 120 -37.79 40.07 -2.97
N ILE B 121 -38.09 38.80 -2.67
CA ILE B 121 -37.01 37.78 -2.57
C ILE B 121 -37.15 36.79 -3.73
N ILE B 122 -36.10 36.65 -4.55
CA ILE B 122 -36.13 35.70 -5.70
C ILE B 122 -34.82 34.91 -5.69
N HIS B 123 -34.79 33.75 -6.34
CA HIS B 123 -33.57 32.90 -6.36
C HIS B 123 -32.57 33.42 -7.40
N SER B 124 -31.32 33.64 -7.00
CA SER B 124 -30.28 34.09 -7.95
C SER B 124 -28.98 33.33 -7.64
N LYS B 125 -28.44 32.61 -8.63
CA LYS B 125 -27.24 31.77 -8.36
C LYS B 125 -26.16 32.03 -9.40
N LYS B 126 -24.94 32.39 -8.97
CA LYS B 126 -23.81 32.59 -9.91
C LYS B 126 -24.26 33.43 -11.11
N LEU B 127 -24.93 34.56 -10.85
CA LEU B 127 -25.37 35.47 -11.95
C LEU B 127 -24.88 36.89 -11.65
N ASN B 128 -24.11 37.49 -12.54
CA ASN B 128 -23.66 38.90 -12.36
C ASN B 128 -24.71 39.80 -13.02
N TYR B 129 -25.57 40.45 -12.23
CA TYR B 129 -26.66 41.27 -12.82
C TYR B 129 -26.13 42.64 -13.25
N THR B 130 -26.43 43.04 -14.49
CA THR B 130 -26.02 44.39 -14.97
C THR B 130 -26.93 45.43 -14.32
N LEU B 131 -26.34 46.42 -13.63
CA LEU B 131 -27.15 47.45 -12.92
C LEU B 131 -28.01 48.21 -13.94
N SER B 132 -29.31 48.34 -13.66
CA SER B 132 -30.21 49.11 -14.56
C SER B 132 -31.02 50.09 -13.70
N GLN B 133 -30.99 51.38 -14.03
CA GLN B 133 -31.68 52.40 -13.20
C GLN B 133 -31.09 52.35 -11.79
N GLY B 134 -29.79 52.05 -11.68
CA GLY B 134 -29.12 52.02 -10.36
C GLY B 134 -29.51 50.82 -9.52
N HIS B 135 -30.11 49.81 -10.14
CA HIS B 135 -30.55 48.59 -9.40
C HIS B 135 -30.37 47.36 -10.30
N ARG B 136 -30.17 46.19 -9.68
CA ARG B 136 -30.01 44.93 -10.46
C ARG B 136 -31.31 44.66 -11.23
N VAL B 137 -32.46 44.96 -10.62
CA VAL B 137 -33.77 44.66 -11.26
C VAL B 137 -34.52 45.97 -11.50
N VAL B 138 -35.55 45.95 -12.35
CA VAL B 138 -36.40 47.15 -12.60
C VAL B 138 -37.86 46.76 -12.33
N LEU B 139 -38.47 47.33 -11.28
CA LEU B 139 -39.86 46.98 -10.92
C LEU B 139 -40.83 47.81 -11.77
N ARG B 140 -41.72 47.15 -12.51
CA ARG B 140 -42.70 47.86 -13.38
C ARG B 140 -44.11 47.44 -12.97
N GLY B 141 -45.04 48.40 -12.92
CA GLY B 141 -46.44 48.08 -12.54
C GLY B 141 -47.20 47.44 -13.69
N VAL B 142 -47.97 46.40 -13.41
CA VAL B 142 -48.80 45.73 -14.45
C VAL B 142 -50.27 45.96 -14.13
N GLY B 143 -51.05 46.39 -15.13
CA GLY B 143 -52.48 46.68 -14.90
C GLY B 143 -52.69 48.05 -14.31
N GLY B 144 -51.68 48.93 -14.40
CA GLY B 144 -51.82 50.30 -13.89
C GLY B 144 -51.43 50.41 -12.43
N SER B 145 -51.10 49.29 -11.78
CA SER B 145 -50.65 49.33 -10.36
C SER B 145 -49.32 50.07 -10.28
N GLN B 146 -49.10 50.84 -9.21
CA GLN B 146 -47.85 51.64 -9.07
C GLN B 146 -46.74 50.74 -8.55
N PRO B 147 -45.50 50.82 -9.09
CA PRO B 147 -44.38 50.05 -8.56
C PRO B 147 -43.61 50.85 -7.49
N PRO B 148 -43.65 50.44 -6.21
CA PRO B 148 -42.91 51.14 -5.15
C PRO B 148 -41.42 51.27 -5.49
N ASP B 149 -40.79 52.37 -5.07
CA ASP B 149 -39.36 52.62 -5.39
C ASP B 149 -38.49 51.53 -4.76
N ILE B 150 -37.39 51.16 -5.43
CA ILE B 150 -36.50 50.09 -4.90
C ILE B 150 -35.55 50.70 -3.86
N ASP B 151 -35.63 50.22 -2.62
CA ASP B 151 -34.70 50.72 -1.56
C ASP B 151 -33.27 50.27 -1.91
N LYS B 152 -33.06 48.96 -2.07
CA LYS B 152 -31.71 48.43 -2.40
C LYS B 152 -31.83 47.00 -2.90
N THR B 153 -30.79 46.50 -3.60
CA THR B 153 -30.79 45.10 -4.08
C THR B 153 -29.56 44.37 -3.53
N GLU B 154 -29.75 43.49 -2.55
CA GLU B 154 -28.62 42.71 -1.99
C GLU B 154 -28.65 41.28 -2.55
N LEU B 155 -27.50 40.64 -2.68
CA LEU B 155 -27.44 39.24 -3.18
C LEU B 155 -26.99 38.31 -2.04
N VAL B 156 -27.93 37.64 -1.38
CA VAL B 156 -27.59 36.72 -0.25
C VAL B 156 -27.09 35.40 -0.85
N GLU B 157 -25.77 35.18 -0.82
CA GLU B 157 -25.19 33.95 -1.43
C GLU B 157 -25.65 32.68 -0.71
N PRO B 158 -25.59 32.57 0.64
CA PRO B 158 -25.94 31.32 1.32
C PRO B 158 -27.29 30.76 0.85
N THR B 159 -28.28 31.63 0.68
CA THR B 159 -29.64 31.18 0.27
C THR B 159 -29.88 31.51 -1.20
N GLU B 160 -28.87 32.04 -1.89
CA GLU B 160 -29.02 32.41 -3.32
C GLU B 160 -30.26 33.29 -3.48
N TYR B 161 -30.34 34.38 -2.71
CA TYR B 161 -31.55 35.24 -2.74
C TYR B 161 -31.20 36.67 -3.17
N LEU B 162 -31.74 37.12 -4.30
CA LEU B 162 -31.53 38.54 -4.71
C LEU B 162 -32.62 39.37 -4.05
N VAL B 163 -32.41 39.79 -2.80
CA VAL B 163 -33.48 40.52 -2.07
C VAL B 163 -33.59 41.94 -2.61
N VAL B 164 -34.73 42.26 -3.25
CA VAL B 164 -34.95 43.63 -3.78
C VAL B 164 -35.74 44.42 -2.74
N HIS B 165 -35.03 45.06 -1.79
CA HIS B 165 -35.72 45.87 -0.76
C HIS B 165 -36.41 47.04 -1.45
N LEU B 166 -37.62 47.40 -0.98
CA LEU B 166 -38.39 48.50 -1.62
C LEU B 166 -38.62 49.61 -0.60
N LYS B 167 -38.89 50.83 -1.07
CA LYS B 167 -39.17 51.96 -0.16
C LYS B 167 -40.67 51.97 0.16
N GLY B 168 -41.44 51.05 -0.43
CA GLY B 168 -42.88 50.95 -0.17
C GLY B 168 -43.37 49.51 -0.25
N SER B 169 -44.59 49.25 0.24
CA SER B 169 -45.14 47.87 0.20
C SER B 169 -45.93 47.66 -1.09
N LEU B 170 -45.61 46.61 -1.86
CA LEU B 170 -46.34 46.31 -3.12
C LEU B 170 -47.83 46.26 -2.81
N VAL B 171 -48.65 46.94 -3.62
CA VAL B 171 -50.13 46.87 -3.41
C VAL B 171 -50.54 45.40 -3.46
N LYS B 172 -51.29 44.95 -2.46
CA LYS B 172 -51.68 43.51 -2.38
C LYS B 172 -52.59 43.15 -3.56
N ASP B 173 -52.50 41.91 -4.06
CA ASP B 173 -53.36 41.45 -5.18
C ASP B 173 -53.11 42.33 -6.40
N SER B 174 -51.85 42.73 -6.63
CA SER B 174 -51.50 43.54 -7.82
C SER B 174 -50.35 42.87 -8.58
N GLN B 175 -50.51 42.67 -9.89
CA GLN B 175 -49.44 42.04 -10.70
C GLN B 175 -48.32 43.06 -10.95
N TYR B 176 -47.06 42.61 -10.90
CA TYR B 176 -45.90 43.51 -11.14
C TYR B 176 -44.92 42.76 -12.05
N GLU B 177 -44.03 43.50 -12.72
CA GLU B 177 -43.01 42.85 -13.57
C GLU B 177 -41.61 43.36 -13.19
N MET B 178 -40.63 42.46 -13.14
CA MET B 178 -39.25 42.85 -12.75
C MET B 178 -38.28 42.50 -13.88
N ASP B 179 -37.89 43.49 -14.68
CA ASP B 179 -36.91 43.26 -15.78
C ASP B 179 -35.51 43.19 -15.18
N SER B 180 -34.75 42.13 -15.47
CA SER B 180 -33.40 41.97 -14.89
C SER B 180 -32.42 41.45 -15.94
N GLU B 181 -31.31 42.16 -16.15
CA GLU B 181 -30.26 41.68 -17.09
C GLU B 181 -29.17 41.00 -16.27
N PHE B 182 -28.51 39.97 -16.81
CA PHE B 182 -27.53 39.20 -16.00
C PHE B 182 -26.55 38.45 -16.89
N GLU B 183 -25.41 38.02 -16.32
CA GLU B 183 -24.44 37.20 -17.08
C GLU B 183 -23.97 36.07 -16.17
N GLY B 184 -23.68 34.89 -16.73
CA GLY B 184 -23.28 33.74 -15.91
C GLY B 184 -22.28 32.87 -16.64
N GLU B 185 -21.57 32.00 -15.91
CA GLU B 185 -20.51 31.16 -16.53
C GLU B 185 -21.16 29.93 -17.16
N LEU B 186 -20.88 29.68 -18.45
CA LEU B 186 -21.38 28.45 -19.11
C LEU B 186 -20.31 27.38 -18.91
N ALA B 187 -20.12 26.92 -17.67
CA ALA B 187 -19.02 25.96 -17.38
C ALA B 187 -19.46 24.51 -17.65
N ASP B 188 -18.65 23.55 -17.21
CA ASP B 188 -18.97 22.11 -17.39
C ASP B 188 -19.49 21.55 -16.06
N ASP B 189 -20.01 22.42 -15.19
CA ASP B 189 -20.50 21.99 -13.85
C ASP B 189 -21.70 21.04 -13.99
N LEU B 190 -22.20 20.86 -15.22
CA LEU B 190 -23.37 19.98 -15.48
C LEU B 190 -24.57 20.51 -14.68
N ALA B 191 -24.66 21.85 -14.54
CA ALA B 191 -25.78 22.46 -13.78
C ALA B 191 -26.20 23.76 -14.47
N GLY B 192 -27.44 24.19 -14.24
CA GLY B 192 -27.95 25.41 -14.87
C GLY B 192 -27.70 25.39 -16.37
N PHE B 193 -27.25 26.51 -16.94
CA PHE B 193 -26.89 26.53 -18.38
C PHE B 193 -25.42 26.15 -18.51
N TYR B 194 -25.13 24.86 -18.66
CA TYR B 194 -23.73 24.39 -18.76
C TYR B 194 -23.36 24.13 -20.22
N ARG B 195 -22.15 23.63 -20.47
CA ARG B 195 -21.71 23.35 -21.86
C ARG B 195 -21.29 21.89 -21.98
N SER B 196 -21.45 21.31 -23.17
CA SER B 196 -21.00 19.91 -23.41
C SER B 196 -20.09 19.89 -24.64
N GLU B 197 -18.79 19.68 -24.44
CA GLU B 197 -17.85 19.75 -25.58
C GLU B 197 -17.55 18.34 -26.10
N TYR B 198 -17.97 18.05 -27.34
CA TYR B 198 -17.67 16.74 -27.96
C TYR B 198 -16.75 16.97 -29.16
N MET B 199 -16.03 15.94 -29.62
CA MET B 199 -15.05 16.14 -30.72
C MET B 199 -15.56 15.47 -32.00
N GLU B 200 -15.72 16.26 -33.08
CA GLU B 200 -16.11 15.67 -34.38
C GLU B 200 -14.89 15.74 -35.31
N GLY B 201 -14.46 14.61 -35.87
CA GLY B 201 -13.24 14.61 -36.70
C GLY B 201 -12.07 15.13 -35.90
N ASN B 202 -11.52 16.29 -36.27
CA ASN B 202 -10.41 16.90 -35.50
C ASN B 202 -10.84 18.27 -35.00
N VAL B 203 -12.15 18.55 -34.98
CA VAL B 203 -12.65 19.90 -34.58
C VAL B 203 -13.45 19.78 -33.29
N ARG B 204 -13.07 20.53 -32.25
CA ARG B 204 -13.85 20.54 -30.99
C ARG B 204 -15.22 21.17 -31.26
N LYS B 205 -16.29 20.54 -30.79
CA LYS B 205 -17.65 21.11 -30.95
C LYS B 205 -18.25 21.37 -29.57
N VAL B 206 -18.81 22.55 -29.34
CA VAL B 206 -19.39 22.89 -28.00
C VAL B 206 -20.91 22.91 -28.12
N VAL B 207 -21.60 22.20 -27.21
CA VAL B 207 -23.10 22.21 -27.20
C VAL B 207 -23.57 22.72 -25.84
N ALA B 208 -24.30 23.84 -25.82
CA ALA B 208 -24.79 24.40 -24.55
C ALA B 208 -26.12 23.73 -24.18
N THR B 209 -26.17 23.06 -23.03
CA THR B 209 -27.40 22.36 -22.58
C THR B 209 -27.76 22.83 -21.17
N THR B 210 -28.96 22.49 -20.70
CA THR B 210 -29.42 22.97 -19.37
C THR B 210 -29.79 21.78 -18.47
N GLN B 211 -29.28 21.76 -17.24
CA GLN B 211 -29.67 20.70 -16.27
C GLN B 211 -30.09 21.39 -14.97
N MET B 212 -31.40 21.43 -14.70
CA MET B 212 -31.89 22.15 -13.49
C MET B 212 -32.83 21.24 -12.69
N GLN B 213 -32.34 20.06 -12.29
CA GLN B 213 -33.18 19.11 -11.52
C GLN B 213 -33.52 19.75 -10.17
N ALA B 214 -32.55 20.36 -9.51
CA ALA B 214 -32.79 20.97 -8.19
C ALA B 214 -31.92 22.23 -8.01
N ALA B 215 -32.56 23.38 -7.80
CA ALA B 215 -31.79 24.63 -7.53
C ALA B 215 -30.74 24.89 -8.62
N ASP B 216 -31.13 24.80 -9.90
CA ASP B 216 -30.17 25.13 -10.99
C ASP B 216 -30.84 26.08 -12.00
N ALA B 217 -32.17 26.15 -12.01
CA ALA B 217 -32.86 27.12 -12.90
C ALA B 217 -32.47 28.53 -12.44
N ARG B 218 -32.30 28.72 -11.13
CA ARG B 218 -31.87 30.04 -10.60
C ARG B 218 -30.54 30.42 -11.23
N LYS B 219 -29.65 29.45 -11.43
CA LYS B 219 -28.33 29.73 -12.06
C LYS B 219 -28.54 30.28 -13.46
N SER B 220 -29.49 29.73 -14.21
CA SER B 220 -29.75 30.18 -15.60
C SER B 220 -30.42 31.56 -15.61
N PHE B 221 -31.39 31.78 -14.71
CA PHE B 221 -32.13 33.07 -14.69
C PHE B 221 -32.76 33.30 -13.31
N PRO B 222 -32.91 34.55 -12.84
CA PRO B 222 -33.57 34.82 -11.56
C PRO B 222 -35.02 34.32 -11.63
N CYS B 223 -35.42 33.46 -10.70
CA CYS B 223 -36.78 32.89 -10.74
C CYS B 223 -37.14 32.27 -9.39
N PHE B 224 -38.42 32.03 -9.14
CA PHE B 224 -38.81 31.34 -7.88
C PHE B 224 -38.51 29.85 -8.09
N ASP B 225 -37.26 29.45 -7.91
CA ASP B 225 -36.85 28.04 -8.22
C ASP B 225 -37.39 27.10 -7.14
N GLU B 226 -38.72 26.91 -7.09
CA GLU B 226 -39.34 25.95 -6.15
C GLU B 226 -40.41 25.17 -6.91
N PRO B 227 -40.61 23.86 -6.64
CA PRO B 227 -41.57 23.06 -7.41
C PRO B 227 -42.99 23.61 -7.31
N ALA B 228 -43.37 24.12 -6.12
CA ALA B 228 -44.74 24.65 -5.92
C ALA B 228 -44.97 25.88 -6.79
N MET B 229 -43.95 26.70 -7.01
CA MET B 229 -44.11 27.97 -7.77
C MET B 229 -44.17 27.65 -9.27
N LYS B 230 -45.33 27.18 -9.76
CA LYS B 230 -45.49 26.88 -11.21
C LYS B 230 -45.76 28.18 -11.97
N ALA B 231 -45.38 28.23 -13.25
CA ALA B 231 -45.62 29.45 -14.07
C ALA B 231 -45.49 29.10 -15.56
N GLU B 232 -45.91 30.02 -16.44
CA GLU B 232 -45.73 29.82 -17.90
C GLU B 232 -44.46 30.57 -18.30
N PHE B 233 -43.54 29.92 -19.02
CA PHE B 233 -42.25 30.59 -19.33
C PHE B 233 -42.13 30.86 -20.83
N ASN B 234 -41.85 32.11 -21.20
CA ASN B 234 -41.63 32.44 -22.63
C ASN B 234 -40.12 32.42 -22.87
N ILE B 235 -39.63 31.51 -23.72
CA ILE B 235 -38.14 31.37 -23.86
C ILE B 235 -37.69 31.90 -25.22
N THR B 236 -36.73 32.83 -25.24
CA THR B 236 -36.17 33.34 -26.51
C THR B 236 -34.68 32.99 -26.53
N LEU B 237 -34.21 32.28 -27.55
CA LEU B 237 -32.80 31.83 -27.54
C LEU B 237 -32.02 32.52 -28.67
N ILE B 238 -31.12 33.44 -28.32
CA ILE B 238 -30.26 34.06 -29.37
C ILE B 238 -29.10 33.09 -29.60
N HIS B 239 -29.11 32.37 -30.73
CA HIS B 239 -28.08 31.32 -30.95
C HIS B 239 -27.39 31.55 -32.31
N PRO B 240 -26.16 31.02 -32.52
CA PRO B 240 -25.50 31.13 -33.82
C PRO B 240 -26.43 30.62 -34.93
N LYS B 241 -26.44 31.30 -36.08
CA LYS B 241 -27.39 30.92 -37.16
C LYS B 241 -27.16 29.45 -37.55
N ASP B 242 -25.91 28.98 -37.51
CA ASP B 242 -25.59 27.58 -37.91
C ASP B 242 -26.24 26.59 -36.93
N LEU B 243 -26.00 26.77 -35.62
CA LEU B 243 -26.52 25.80 -34.62
C LEU B 243 -28.04 25.91 -34.52
N THR B 244 -28.70 24.91 -33.92
CA THR B 244 -30.17 24.91 -33.79
C THR B 244 -30.55 25.02 -32.31
N ALA B 245 -31.51 25.90 -31.99
CA ALA B 245 -31.96 26.07 -30.59
C ALA B 245 -33.10 25.11 -30.29
N LEU B 246 -32.98 24.32 -29.23
CA LEU B 246 -34.06 23.37 -28.83
C LEU B 246 -34.59 23.79 -27.46
N SER B 247 -35.92 23.90 -27.33
CA SER B 247 -36.53 24.28 -26.02
C SER B 247 -37.72 23.36 -25.71
N ASN B 248 -38.33 23.52 -24.54
CA ASN B 248 -39.46 22.63 -24.13
C ASN B 248 -40.56 22.65 -25.20
N MET B 249 -40.93 23.84 -25.68
CA MET B 249 -42.04 23.94 -26.67
C MET B 249 -41.47 24.11 -28.08
N LEU B 250 -42.32 24.06 -29.11
CA LEU B 250 -41.86 24.19 -30.51
C LEU B 250 -41.43 25.64 -30.80
N PRO B 251 -40.50 25.89 -31.73
CA PRO B 251 -40.11 27.26 -32.09
C PRO B 251 -41.31 28.05 -32.61
N LYS B 252 -41.49 29.28 -32.13
CA LYS B 252 -42.61 30.14 -32.58
C LYS B 252 -42.16 30.90 -33.82
N GLY B 253 -42.38 30.32 -35.02
CA GLY B 253 -41.98 30.98 -36.28
C GLY B 253 -40.53 30.68 -36.62
N PRO B 254 -40.03 31.11 -37.80
CA PRO B 254 -38.66 30.80 -38.22
C PRO B 254 -37.62 31.62 -37.44
N SER B 255 -36.39 31.10 -37.33
CA SER B 255 -35.32 31.85 -36.63
C SER B 255 -35.07 33.17 -37.37
N THR B 256 -35.07 34.29 -36.64
CA THR B 256 -34.89 35.62 -37.28
C THR B 256 -33.45 36.11 -37.03
N PRO B 257 -32.78 36.74 -38.02
CA PRO B 257 -31.40 37.18 -37.85
C PRO B 257 -31.30 38.21 -36.71
N LEU B 258 -30.36 38.03 -35.80
CA LEU B 258 -30.16 39.03 -34.71
C LEU B 258 -29.92 40.39 -35.35
N PRO B 259 -30.67 41.45 -34.98
CA PRO B 259 -30.50 42.76 -35.61
C PRO B 259 -29.05 43.23 -35.52
N GLU B 260 -28.42 43.04 -34.36
CA GLU B 260 -27.01 43.47 -34.17
C GLU B 260 -26.09 42.68 -35.10
N ASP B 261 -26.23 41.35 -35.13
CA ASP B 261 -25.33 40.51 -35.96
C ASP B 261 -26.15 39.47 -36.72
N PRO B 262 -26.19 39.52 -38.07
CA PRO B 262 -26.89 38.51 -38.86
C PRO B 262 -26.35 37.10 -38.58
N ASN B 263 -25.08 36.99 -38.17
CA ASN B 263 -24.45 35.67 -37.88
C ASN B 263 -25.18 34.99 -36.73
N TRP B 264 -25.84 35.75 -35.86
CA TRP B 264 -26.63 35.15 -34.75
C TRP B 264 -28.12 35.14 -35.12
N ASN B 265 -28.88 34.19 -34.56
CA ASN B 265 -30.32 34.08 -34.84
C ASN B 265 -31.11 34.34 -33.55
N VAL B 266 -32.27 34.98 -33.66
CA VAL B 266 -33.15 35.18 -32.46
C VAL B 266 -34.35 34.24 -32.59
N THR B 267 -34.44 33.23 -31.74
CA THR B 267 -35.54 32.23 -31.86
C THR B 267 -36.36 32.21 -30.58
N GLU B 268 -37.64 32.63 -30.66
CA GLU B 268 -38.53 32.55 -29.48
C GLU B 268 -39.43 31.32 -29.65
N PHE B 269 -39.74 30.64 -28.54
CA PHE B 269 -40.55 29.40 -28.63
C PHE B 269 -41.96 29.67 -28.09
N HIS B 270 -42.94 28.84 -28.47
CA HIS B 270 -44.33 29.02 -28.01
C HIS B 270 -44.35 29.03 -26.47
N THR B 271 -45.26 29.82 -25.89
CA THR B 271 -45.34 29.90 -24.40
C THR B 271 -45.55 28.49 -23.83
N THR B 272 -44.72 28.10 -22.84
CA THR B 272 -44.82 26.77 -22.22
C THR B 272 -46.06 26.73 -21.30
N PRO B 273 -46.73 25.58 -21.11
CA PRO B 273 -47.86 25.49 -20.18
C PRO B 273 -47.41 25.56 -18.72
N LYS B 274 -48.37 25.70 -17.80
CA LYS B 274 -48.02 25.78 -16.34
C LYS B 274 -47.02 24.68 -16.01
N MET B 275 -45.84 25.05 -15.52
CA MET B 275 -44.79 24.04 -15.23
C MET B 275 -43.90 24.56 -14.10
N SER B 276 -43.14 23.67 -13.45
CA SER B 276 -42.20 24.11 -12.40
C SER B 276 -40.89 24.54 -13.05
N THR B 277 -40.12 25.41 -12.39
CA THR B 277 -38.87 25.94 -12.98
C THR B 277 -37.89 24.80 -13.28
N TYR B 278 -37.96 23.70 -12.54
CA TYR B 278 -36.97 22.61 -12.69
C TYR B 278 -37.27 21.77 -13.95
N LEU B 279 -38.38 22.06 -14.64
CA LEU B 279 -38.77 21.25 -15.82
C LEU B 279 -38.37 21.98 -17.11
N LEU B 280 -37.74 23.15 -16.98
CA LEU B 280 -37.33 23.96 -18.16
C LEU B 280 -36.08 23.35 -18.81
N ALA B 281 -35.93 23.51 -20.13
CA ALA B 281 -34.73 23.01 -20.83
C ALA B 281 -34.40 23.91 -22.02
N PHE B 282 -33.21 24.50 -22.04
CA PHE B 282 -32.77 25.35 -23.19
C PHE B 282 -31.47 24.77 -23.75
N ILE B 283 -31.52 24.17 -24.94
CA ILE B 283 -30.30 23.51 -25.49
C ILE B 283 -30.02 24.02 -26.91
N VAL B 284 -28.85 24.62 -27.13
CA VAL B 284 -28.46 25.04 -28.51
C VAL B 284 -27.41 24.06 -29.00
N SER B 285 -27.63 23.45 -30.18
CA SER B 285 -26.68 22.39 -30.64
C SER B 285 -26.73 22.26 -32.16
N GLU B 286 -25.71 21.60 -32.74
CA GLU B 286 -25.70 21.35 -34.20
C GLU B 286 -26.12 19.89 -34.43
N PHE B 287 -26.67 19.25 -33.39
CA PHE B 287 -27.06 17.82 -33.49
C PHE B 287 -28.12 17.62 -34.57
N ASP B 288 -28.01 16.56 -35.37
CA ASP B 288 -29.07 16.24 -36.36
C ASP B 288 -30.11 15.37 -35.65
N TYR B 289 -31.14 14.89 -36.36
CA TYR B 289 -32.19 14.13 -35.64
C TYR B 289 -32.99 13.20 -36.56
N VAL B 290 -33.64 12.21 -35.97
CA VAL B 290 -34.54 11.30 -36.75
C VAL B 290 -35.93 11.45 -36.14
N GLU B 291 -36.97 11.65 -36.96
CA GLU B 291 -38.31 11.92 -36.40
C GLU B 291 -39.34 10.90 -36.91
N LYS B 292 -40.38 10.65 -36.11
CA LYS B 292 -41.48 9.75 -36.53
C LYS B 292 -42.72 10.05 -35.69
N GLN B 293 -43.79 10.53 -36.32
CA GLN B 293 -45.03 10.88 -35.57
C GLN B 293 -45.62 9.63 -34.92
N ALA B 294 -46.07 9.75 -33.67
CA ALA B 294 -46.69 8.59 -32.98
C ALA B 294 -48.21 8.60 -33.23
N SER B 295 -48.91 7.54 -32.83
CA SER B 295 -50.37 7.44 -33.07
C SER B 295 -51.09 8.60 -32.37
N ASN B 296 -50.61 8.98 -31.18
CA ASN B 296 -51.24 10.11 -30.43
C ASN B 296 -51.00 11.42 -31.19
N GLY B 297 -50.13 11.39 -32.21
CA GLY B 297 -49.86 12.59 -33.02
C GLY B 297 -48.62 13.31 -32.55
N VAL B 298 -48.22 13.08 -31.29
CA VAL B 298 -46.98 13.72 -30.75
C VAL B 298 -45.81 13.32 -31.65
N LEU B 299 -45.05 14.32 -32.13
CA LEU B 299 -43.90 14.03 -33.02
C LEU B 299 -42.70 13.63 -32.16
N ILE B 300 -42.27 12.38 -32.26
CA ILE B 300 -41.09 11.90 -31.47
C ILE B 300 -39.83 12.09 -32.33
N ARG B 301 -38.90 12.91 -31.86
CA ARG B 301 -37.64 13.16 -32.61
C ARG B 301 -36.45 12.80 -31.70
N ILE B 302 -35.53 11.98 -32.20
CA ILE B 302 -34.31 11.62 -31.41
C ILE B 302 -33.15 12.48 -31.90
N TRP B 303 -32.68 13.41 -31.06
CA TRP B 303 -31.55 14.31 -31.44
C TRP B 303 -30.27 13.79 -30.77
N ALA B 304 -29.17 13.70 -31.53
CA ALA B 304 -27.87 13.25 -30.96
C ALA B 304 -26.73 13.71 -31.86
N ARG B 305 -25.49 13.36 -31.50
CA ARG B 305 -24.30 13.77 -32.29
C ARG B 305 -24.53 13.41 -33.76
N PRO B 306 -24.18 14.28 -34.72
CA PRO B 306 -24.44 14.02 -36.13
C PRO B 306 -24.05 12.57 -36.50
N SER B 307 -22.84 12.15 -36.12
CA SER B 307 -22.37 10.79 -36.48
C SER B 307 -23.30 9.73 -35.89
N ALA B 308 -23.69 9.87 -34.63
CA ALA B 308 -24.53 8.85 -33.96
C ALA B 308 -25.85 8.68 -34.73
N ILE B 309 -26.54 9.79 -35.02
CA ILE B 309 -27.85 9.72 -35.72
C ILE B 309 -27.63 9.10 -37.11
N ALA B 310 -26.55 9.50 -37.78
CA ALA B 310 -26.26 8.97 -39.13
C ALA B 310 -25.99 7.47 -39.08
N ALA B 311 -25.46 6.97 -37.95
CA ALA B 311 -25.10 5.53 -37.84
C ALA B 311 -26.30 4.72 -37.36
N GLY B 312 -27.46 5.36 -37.20
CA GLY B 312 -28.68 4.64 -36.79
C GLY B 312 -28.65 4.23 -35.32
N HIS B 313 -27.84 4.92 -34.51
CA HIS B 313 -27.80 4.63 -33.06
C HIS B 313 -29.15 5.03 -32.43
N GLY B 314 -29.87 5.96 -33.08
CA GLY B 314 -31.16 6.42 -32.54
C GLY B 314 -32.34 5.61 -33.04
N ASP B 315 -32.09 4.60 -33.89
CA ASP B 315 -33.20 3.80 -34.48
C ASP B 315 -33.99 3.11 -33.36
N TYR B 316 -33.30 2.42 -32.46
CA TYR B 316 -34.00 1.69 -31.37
C TYR B 316 -34.78 2.67 -30.51
N ALA B 317 -34.17 3.82 -30.19
CA ALA B 317 -34.82 4.82 -29.33
C ALA B 317 -36.15 5.24 -29.97
N LEU B 318 -36.14 5.49 -31.29
CA LEU B 318 -37.37 5.94 -31.99
C LEU B 318 -38.36 4.79 -32.05
N ASN B 319 -37.88 3.54 -32.03
CA ASN B 319 -38.77 2.36 -32.10
C ASN B 319 -39.54 2.18 -30.80
N VAL B 320 -38.99 2.67 -29.67
CA VAL B 320 -39.64 2.42 -28.36
C VAL B 320 -40.34 3.70 -27.87
N THR B 321 -39.70 4.86 -28.00
CA THR B 321 -40.30 6.11 -27.45
C THR B 321 -41.76 6.24 -27.87
N GLY B 322 -42.03 6.23 -29.18
CA GLY B 322 -43.41 6.41 -29.66
C GLY B 322 -44.39 5.50 -28.96
N PRO B 323 -44.28 4.16 -29.12
CA PRO B 323 -45.23 3.22 -28.52
C PRO B 323 -45.34 3.42 -27.00
N ILE B 324 -44.20 3.56 -26.31
CA ILE B 324 -44.22 3.67 -24.82
C ILE B 324 -45.05 4.90 -24.44
N LEU B 325 -44.83 6.03 -25.11
CA LEU B 325 -45.56 7.28 -24.77
C LEU B 325 -47.06 7.04 -24.95
N ASN B 326 -47.45 6.46 -26.09
CA ASN B 326 -48.89 6.18 -26.37
C ASN B 326 -49.42 5.23 -25.29
N PHE B 327 -48.65 4.20 -24.95
CA PHE B 327 -49.09 3.20 -23.93
C PHE B 327 -49.42 3.93 -22.63
N PHE B 328 -48.50 4.76 -22.15
CA PHE B 328 -48.71 5.50 -20.88
C PHE B 328 -50.00 6.33 -21.00
N ALA B 329 -50.14 7.04 -22.12
CA ALA B 329 -51.34 7.89 -22.32
C ALA B 329 -52.60 7.02 -22.25
N GLY B 330 -52.60 5.89 -22.97
CA GLY B 330 -53.78 5.01 -23.00
C GLY B 330 -54.04 4.38 -21.64
N HIS B 331 -52.98 3.95 -20.95
CA HIS B 331 -53.16 3.25 -19.65
C HIS B 331 -53.86 4.17 -18.65
N TYR B 332 -53.44 5.43 -18.59
CA TYR B 332 -54.03 6.39 -17.62
C TYR B 332 -55.05 7.29 -18.31
N ASP B 333 -55.33 7.02 -19.58
CA ASP B 333 -56.36 7.79 -20.33
C ASP B 333 -56.08 9.29 -20.18
N THR B 334 -54.81 9.69 -20.14
CA THR B 334 -54.45 11.12 -20.04
C THR B 334 -53.58 11.49 -21.25
N PRO B 335 -54.04 12.37 -22.16
CA PRO B 335 -53.27 12.69 -23.37
C PRO B 335 -52.03 13.54 -23.05
N TYR B 336 -50.92 13.32 -23.79
CA TYR B 336 -49.71 14.16 -23.60
C TYR B 336 -50.06 15.58 -24.06
N PRO B 337 -49.88 16.62 -23.21
CA PRO B 337 -50.29 17.98 -23.56
C PRO B 337 -49.24 18.83 -24.30
N LEU B 338 -48.32 18.19 -25.04
CA LEU B 338 -47.33 18.96 -25.84
C LEU B 338 -47.34 18.44 -27.28
N PRO B 339 -47.14 19.30 -28.30
CA PRO B 339 -47.19 18.88 -29.70
C PRO B 339 -46.05 17.91 -30.05
N LYS B 340 -44.87 18.09 -29.44
CA LYS B 340 -43.71 17.22 -29.75
C LYS B 340 -43.02 16.80 -28.45
N SER B 341 -42.29 15.68 -28.47
CA SER B 341 -41.52 15.24 -27.28
C SER B 341 -40.13 14.79 -27.75
N ASP B 342 -39.21 15.75 -27.94
CA ASP B 342 -37.87 15.41 -28.48
C ASP B 342 -37.03 14.73 -27.40
N GLN B 343 -36.47 13.56 -27.69
CA GLN B 343 -35.57 12.88 -26.73
C GLN B 343 -34.14 13.14 -27.20
N ILE B 344 -33.39 13.98 -26.47
CA ILE B 344 -32.02 14.36 -26.94
C ILE B 344 -30.95 13.69 -26.08
N GLY B 345 -29.85 13.24 -26.70
CA GLY B 345 -28.74 12.64 -25.94
C GLY B 345 -27.56 13.59 -25.86
N LEU B 346 -27.16 13.98 -24.65
CA LEU B 346 -26.06 14.96 -24.49
C LEU B 346 -24.77 14.22 -24.13
N PRO B 347 -23.63 14.53 -24.78
CA PRO B 347 -22.35 13.88 -24.47
C PRO B 347 -22.00 14.02 -22.98
N ASP B 348 -22.13 15.23 -22.44
CA ASP B 348 -21.82 15.47 -21.00
C ASP B 348 -23.13 15.66 -20.23
N PHE B 349 -23.48 14.72 -19.34
CA PHE B 349 -24.73 14.83 -18.55
C PHE B 349 -24.55 14.03 -17.26
N ASN B 350 -24.80 14.66 -16.10
CA ASN B 350 -24.55 13.97 -14.81
C ASN B 350 -25.59 12.87 -14.58
N ALA B 351 -26.86 13.27 -14.44
CA ALA B 351 -27.94 12.29 -14.19
C ALA B 351 -28.10 11.39 -15.42
N GLY B 352 -28.62 10.18 -15.25
CA GLY B 352 -28.85 9.29 -16.40
C GLY B 352 -29.74 9.96 -17.43
N ALA B 353 -30.80 10.62 -16.97
CA ALA B 353 -31.72 11.34 -17.88
C ALA B 353 -32.58 12.33 -17.08
N MET B 354 -33.04 13.41 -17.73
CA MET B 354 -33.92 14.39 -17.06
C MET B 354 -35.23 14.47 -17.85
N GLU B 355 -36.38 14.58 -17.16
CA GLU B 355 -37.69 14.53 -17.85
C GLU B 355 -38.17 15.93 -18.28
N ASN B 356 -37.23 16.82 -18.62
CA ASN B 356 -37.63 18.17 -19.12
C ASN B 356 -38.83 18.02 -20.06
N TRP B 357 -39.98 18.60 -19.71
CA TRP B 357 -41.20 18.47 -20.53
C TRP B 357 -40.89 18.89 -21.97
N GLY B 358 -41.26 18.06 -22.95
CA GLY B 358 -41.06 18.41 -24.37
C GLY B 358 -39.64 18.12 -24.83
N LEU B 359 -38.64 18.40 -23.99
CA LEU B 359 -37.22 18.20 -24.40
C LEU B 359 -36.55 17.28 -23.37
N VAL B 360 -37.00 16.03 -23.29
CA VAL B 360 -36.44 15.05 -22.32
C VAL B 360 -34.96 14.82 -22.68
N THR B 361 -34.05 15.00 -21.72
CA THR B 361 -32.60 14.85 -21.99
C THR B 361 -32.11 13.51 -21.46
N TYR B 362 -31.20 12.86 -22.18
CA TYR B 362 -30.69 11.52 -21.75
C TYR B 362 -29.18 11.45 -21.92
N ARG B 363 -28.50 10.61 -21.13
CA ARG B 363 -27.05 10.39 -21.38
C ARG B 363 -26.96 9.56 -22.66
N GLU B 364 -25.91 9.77 -23.46
CA GLU B 364 -25.86 9.05 -24.77
C GLU B 364 -25.99 7.55 -24.52
N ASN B 365 -25.41 7.06 -23.42
CA ASN B 365 -25.45 5.60 -23.09
C ASN B 365 -26.91 5.16 -22.90
N SER B 366 -27.77 6.02 -22.36
CA SER B 366 -29.16 5.62 -22.05
C SER B 366 -30.08 5.79 -23.27
N LEU B 367 -29.59 6.36 -24.36
CA LEU B 367 -30.48 6.63 -25.53
C LEU B 367 -29.92 5.94 -26.79
N LEU B 368 -28.62 6.14 -27.07
CA LEU B 368 -28.01 5.56 -28.30
C LEU B 368 -27.89 4.04 -28.15
N PHE B 369 -28.16 3.30 -29.22
CA PHE B 369 -28.05 1.82 -29.20
C PHE B 369 -27.54 1.31 -30.54
N ASP B 370 -26.33 0.72 -30.57
CA ASP B 370 -25.82 0.11 -31.82
C ASP B 370 -25.99 -1.40 -31.72
N PRO B 371 -26.89 -2.03 -32.51
CA PRO B 371 -27.16 -3.46 -32.37
C PRO B 371 -25.92 -4.34 -32.56
N LEU B 372 -24.85 -3.80 -33.16
CA LEU B 372 -23.67 -4.64 -33.46
C LEU B 372 -22.60 -4.49 -32.37
N SER B 373 -22.78 -3.54 -31.45
CA SER B 373 -21.75 -3.30 -30.40
C SER B 373 -22.38 -3.21 -29.01
N SER B 374 -23.64 -2.76 -28.94
CA SER B 374 -24.33 -2.65 -27.63
C SER B 374 -24.79 -4.04 -27.16
N SER B 375 -24.88 -4.25 -25.85
CA SER B 375 -25.25 -5.59 -25.31
C SER B 375 -26.74 -5.67 -25.04
N SER B 376 -27.23 -6.86 -24.71
CA SER B 376 -28.68 -7.03 -24.36
C SER B 376 -28.99 -6.16 -23.14
N SER B 377 -28.06 -6.11 -22.18
CA SER B 377 -28.24 -5.24 -20.99
C SER B 377 -28.40 -3.79 -21.44
N ASN B 378 -27.57 -3.38 -22.41
CA ASN B 378 -27.65 -1.98 -22.93
C ASN B 378 -29.04 -1.76 -23.51
N LYS B 379 -29.55 -2.74 -24.26
CA LYS B 379 -30.89 -2.60 -24.87
C LYS B 379 -31.93 -2.40 -23.76
N GLU B 380 -31.85 -3.21 -22.71
CA GLU B 380 -32.79 -3.06 -21.57
C GLU B 380 -32.61 -1.66 -20.98
N ARG B 381 -31.37 -1.23 -20.80
CA ARG B 381 -31.10 0.12 -20.20
C ARG B 381 -31.88 1.16 -21.02
N VAL B 382 -31.71 1.16 -22.34
CA VAL B 382 -32.36 2.21 -23.18
C VAL B 382 -33.88 2.15 -22.98
N VAL B 383 -34.50 0.98 -23.16
CA VAL B 383 -35.99 0.91 -23.07
C VAL B 383 -36.42 1.35 -21.67
N THR B 384 -35.73 0.87 -20.62
CA THR B 384 -36.13 1.19 -19.23
C THR B 384 -35.99 2.69 -18.99
N VAL B 385 -34.84 3.28 -19.35
CA VAL B 385 -34.62 4.72 -19.06
C VAL B 385 -35.67 5.53 -19.80
N ILE B 386 -35.89 5.23 -21.08
CA ILE B 386 -36.89 6.00 -21.89
C ILE B 386 -38.24 5.89 -21.18
N ALA B 387 -38.61 4.67 -20.78
CA ALA B 387 -39.89 4.46 -20.06
C ALA B 387 -39.93 5.34 -18.81
N HIS B 388 -38.85 5.33 -18.01
CA HIS B 388 -38.83 6.10 -16.73
C HIS B 388 -39.09 7.58 -17.03
N GLU B 389 -38.41 8.12 -18.04
CA GLU B 389 -38.55 9.57 -18.35
C GLU B 389 -39.96 9.85 -18.88
N LEU B 390 -40.45 9.02 -19.80
CA LEU B 390 -41.81 9.22 -20.37
C LEU B 390 -42.84 9.10 -19.25
N ALA B 391 -42.65 8.13 -18.36
CA ALA B 391 -43.55 7.98 -17.19
C ALA B 391 -43.61 9.32 -16.44
N HIS B 392 -42.45 9.96 -16.29
CA HIS B 392 -42.40 11.25 -15.55
C HIS B 392 -43.27 12.28 -16.27
N GLN B 393 -43.27 12.27 -17.61
CA GLN B 393 -44.06 13.25 -18.38
C GLN B 393 -45.46 13.32 -17.76
N TRP B 394 -45.95 12.21 -17.20
CA TRP B 394 -47.26 12.25 -16.50
C TRP B 394 -47.03 12.49 -15.01
N PHE B 395 -46.30 11.59 -14.36
CA PHE B 395 -46.05 11.70 -12.89
C PHE B 395 -44.77 12.52 -12.66
N GLY B 396 -44.89 13.85 -12.64
CA GLY B 396 -43.72 14.71 -12.40
C GLY B 396 -43.82 16.01 -13.16
N ASN B 397 -44.30 15.95 -14.41
CA ASN B 397 -44.42 17.16 -15.25
C ASN B 397 -45.88 17.63 -15.25
N LEU B 398 -46.80 16.76 -15.66
CA LEU B 398 -48.24 17.12 -15.65
C LEU B 398 -48.67 17.35 -14.20
N VAL B 399 -48.31 16.44 -13.30
CA VAL B 399 -48.62 16.61 -11.85
C VAL B 399 -47.28 16.64 -11.08
N THR B 400 -46.97 17.76 -10.42
CA THR B 400 -45.66 17.90 -9.73
C THR B 400 -45.87 17.83 -8.22
N ILE B 401 -44.80 17.54 -7.46
CA ILE B 401 -44.90 17.44 -5.97
C ILE B 401 -45.03 18.85 -5.37
N GLU B 402 -45.70 18.96 -4.23
CA GLU B 402 -45.80 20.28 -3.54
C GLU B 402 -44.38 20.68 -3.08
N TRP B 403 -43.65 19.74 -2.50
CA TRP B 403 -42.26 20.02 -2.04
C TRP B 403 -41.39 18.79 -2.26
N TRP B 404 -40.07 18.94 -2.16
CA TRP B 404 -39.14 17.81 -2.41
C TRP B 404 -39.28 16.73 -1.32
N ASN B 405 -39.98 17.06 -0.23
CA ASN B 405 -40.20 16.07 0.86
C ASN B 405 -40.89 14.82 0.29
N ASP B 406 -41.88 15.02 -0.60
CA ASP B 406 -42.63 13.88 -1.19
C ASP B 406 -42.04 13.53 -2.55
N LEU B 407 -40.71 13.59 -2.69
CA LEU B 407 -40.06 13.34 -4.01
C LEU B 407 -40.55 12.00 -4.58
N TRP B 408 -40.82 11.02 -3.71
CA TRP B 408 -41.23 9.67 -4.19
C TRP B 408 -42.44 9.78 -5.10
N LEU B 409 -43.37 10.70 -4.82
CA LEU B 409 -44.61 10.81 -5.64
C LEU B 409 -44.24 10.82 -7.11
N ASN B 410 -43.10 11.42 -7.46
CA ASN B 410 -42.66 11.49 -8.88
C ASN B 410 -41.70 10.35 -9.17
N GLU B 411 -40.54 10.32 -8.50
CA GLU B 411 -39.51 9.29 -8.81
C GLU B 411 -40.09 7.89 -8.60
N GLY B 412 -40.74 7.64 -7.46
CA GLY B 412 -41.24 6.28 -7.17
C GLY B 412 -42.20 5.78 -8.23
N PHE B 413 -43.19 6.59 -8.60
CA PHE B 413 -44.19 6.18 -9.62
C PHE B 413 -43.47 5.97 -10.95
N ALA B 414 -42.61 6.91 -11.34
CA ALA B 414 -41.91 6.81 -12.64
C ALA B 414 -41.01 5.55 -12.65
N SER B 415 -40.49 5.17 -11.48
CA SER B 415 -39.62 3.96 -11.39
C SER B 415 -40.47 2.69 -11.50
N TYR B 416 -41.67 2.69 -10.90
CA TYR B 416 -42.54 1.50 -10.91
C TYR B 416 -43.21 1.32 -12.28
N VAL B 417 -43.83 2.39 -12.79
CA VAL B 417 -44.58 2.28 -14.07
C VAL B 417 -43.60 2.16 -15.24
N GLU B 418 -42.31 2.42 -14.99
CA GLU B 418 -41.28 2.25 -16.05
C GLU B 418 -41.32 0.80 -16.55
N TYR B 419 -41.42 -0.16 -15.63
CA TYR B 419 -41.44 -1.60 -16.01
C TYR B 419 -42.64 -1.88 -16.90
N LEU B 420 -43.79 -1.27 -16.59
CA LEU B 420 -45.01 -1.50 -17.40
C LEU B 420 -44.75 -1.05 -18.84
N GLY B 421 -44.20 0.15 -19.02
CA GLY B 421 -43.92 0.68 -20.38
C GLY B 421 -42.91 -0.18 -21.11
N ALA B 422 -41.83 -0.57 -20.43
CA ALA B 422 -40.79 -1.42 -21.05
C ALA B 422 -41.39 -2.78 -21.43
N ASP B 423 -42.20 -3.36 -20.54
CA ASP B 423 -42.83 -4.67 -20.82
C ASP B 423 -43.71 -4.54 -22.07
N TYR B 424 -44.39 -3.41 -22.23
CA TYR B 424 -45.23 -3.17 -23.43
C TYR B 424 -44.34 -3.17 -24.68
N ALA B 425 -43.26 -2.40 -24.66
CA ALA B 425 -42.37 -2.29 -25.85
C ALA B 425 -41.67 -3.64 -26.08
N GLU B 426 -41.11 -4.23 -25.03
CA GLU B 426 -40.42 -5.54 -25.15
C GLU B 426 -41.22 -6.59 -24.38
N PRO B 427 -42.11 -7.37 -25.03
CA PRO B 427 -42.97 -8.33 -24.32
C PRO B 427 -42.31 -9.69 -24.10
N THR B 428 -41.09 -9.87 -24.60
CA THR B 428 -40.40 -11.19 -24.48
C THR B 428 -39.24 -11.09 -23.49
N TRP B 429 -39.28 -10.12 -22.57
CA TRP B 429 -38.16 -9.91 -21.62
C TRP B 429 -38.63 -10.18 -20.18
N ASN B 430 -39.91 -9.92 -19.90
CA ASN B 430 -40.44 -10.12 -18.52
C ASN B 430 -39.59 -9.30 -17.55
N LEU B 431 -39.45 -8.00 -17.81
CA LEU B 431 -38.60 -7.13 -16.95
C LEU B 431 -39.26 -6.93 -15.57
N LYS B 432 -40.57 -7.14 -15.50
CA LYS B 432 -41.30 -6.93 -14.22
C LYS B 432 -40.83 -7.96 -13.21
N ASP B 433 -40.43 -9.15 -13.67
CA ASP B 433 -39.88 -10.18 -12.75
C ASP B 433 -38.61 -9.63 -12.12
N LEU B 434 -37.74 -9.01 -12.93
CA LEU B 434 -36.45 -8.48 -12.42
C LEU B 434 -36.73 -7.44 -11.33
N MET B 435 -37.76 -6.62 -11.50
CA MET B 435 -38.02 -5.53 -10.51
C MET B 435 -37.82 -6.08 -9.09
N VAL B 436 -38.30 -7.30 -8.84
CA VAL B 436 -38.19 -7.90 -7.48
C VAL B 436 -36.75 -7.71 -6.98
N LEU B 437 -35.75 -8.02 -7.81
CA LEU B 437 -34.34 -7.91 -7.37
C LEU B 437 -33.80 -6.51 -7.70
N ASN B 438 -34.37 -5.85 -8.71
CA ASN B 438 -33.85 -4.54 -9.15
C ASN B 438 -34.13 -3.45 -8.11
N ASP B 439 -35.31 -3.47 -7.47
CA ASP B 439 -35.66 -2.37 -6.53
C ASP B 439 -36.00 -2.91 -5.14
N VAL B 440 -37.09 -3.68 -5.03
CA VAL B 440 -37.55 -4.15 -3.68
C VAL B 440 -36.34 -4.53 -2.83
N TYR B 441 -35.57 -5.54 -3.25
CA TYR B 441 -34.45 -6.03 -2.40
C TYR B 441 -33.33 -4.97 -2.34
N ARG B 442 -33.18 -4.17 -3.39
CA ARG B 442 -32.08 -3.17 -3.43
C ARG B 442 -32.27 -2.15 -2.30
N VAL B 443 -33.49 -1.63 -2.14
CA VAL B 443 -33.74 -0.56 -1.12
C VAL B 443 -33.80 -1.21 0.28
N MET B 444 -34.28 -2.45 0.37
CA MET B 444 -34.44 -3.08 1.70
C MET B 444 -33.13 -2.98 2.48
N ALA B 445 -31.99 -3.07 1.80
CA ALA B 445 -30.67 -3.01 2.48
C ALA B 445 -30.49 -1.67 3.17
N VAL B 446 -30.67 -0.56 2.44
CA VAL B 446 -30.45 0.80 3.03
C VAL B 446 -31.61 1.12 3.99
N ASP B 447 -32.83 0.70 3.65
CA ASP B 447 -34.02 0.98 4.49
C ASP B 447 -33.81 0.35 5.87
N ALA B 448 -33.16 -0.82 5.93
CA ALA B 448 -32.95 -1.54 7.20
C ALA B 448 -32.14 -0.67 8.17
N LEU B 449 -31.14 0.06 7.65
CA LEU B 449 -30.27 0.89 8.53
C LEU B 449 -31.14 1.82 9.38
N ALA B 450 -30.79 2.00 10.65
CA ALA B 450 -31.54 2.93 11.53
C ALA B 450 -31.26 4.37 11.09
N SER B 451 -30.57 4.55 9.97
CA SER B 451 -30.21 5.90 9.47
C SER B 451 -30.97 6.19 8.17
N SER B 452 -32.15 5.61 8.00
CA SER B 452 -32.97 5.87 6.78
C SER B 452 -33.91 7.05 7.02
N HIS B 453 -34.82 7.33 6.07
CA HIS B 453 -35.80 8.43 6.23
C HIS B 453 -37.16 7.96 5.70
N PRO B 454 -38.29 8.43 6.29
CA PRO B 454 -39.61 8.00 5.86
C PRO B 454 -39.86 8.40 4.41
N LEU B 455 -40.50 7.52 3.64
CA LEU B 455 -40.80 7.82 2.21
C LEU B 455 -41.30 9.25 2.12
N SER B 456 -42.18 9.67 3.03
CA SER B 456 -42.65 11.07 3.06
C SER B 456 -42.04 11.79 4.27
N THR B 457 -40.77 12.21 4.14
CA THR B 457 -40.05 12.87 5.26
C THR B 457 -40.73 14.21 5.59
N PRO B 458 -40.85 14.61 6.88
CA PRO B 458 -41.43 15.91 7.24
C PRO B 458 -40.75 17.03 6.43
N ALA B 459 -41.53 17.94 5.85
CA ALA B 459 -40.97 19.01 5.00
C ALA B 459 -39.89 19.79 5.76
N SER B 460 -40.10 20.05 7.04
CA SER B 460 -39.13 20.88 7.83
C SER B 460 -37.72 20.34 7.68
N GLU B 461 -37.56 19.01 7.67
CA GLU B 461 -36.19 18.40 7.61
C GLU B 461 -35.48 18.79 6.31
N ILE B 462 -36.20 18.78 5.18
CA ILE B 462 -35.54 19.04 3.87
C ILE B 462 -35.76 20.51 3.48
N ASN B 463 -34.76 21.36 3.69
CA ASN B 463 -34.88 22.81 3.35
C ASN B 463 -33.72 23.24 2.46
N THR B 464 -32.48 23.03 2.92
CA THR B 464 -31.29 23.47 2.16
C THR B 464 -31.16 22.68 0.85
N PRO B 465 -30.60 23.24 -0.25
CA PRO B 465 -30.53 22.51 -1.53
C PRO B 465 -29.76 21.20 -1.41
N ALA B 466 -28.78 21.14 -0.51
CA ALA B 466 -27.99 19.89 -0.32
C ALA B 466 -28.95 18.77 0.11
N GLN B 467 -29.80 19.03 1.10
CA GLN B 467 -30.78 18.02 1.57
C GLN B 467 -31.71 17.65 0.41
N ILE B 468 -32.09 18.64 -0.41
CA ILE B 468 -32.99 18.39 -1.57
C ILE B 468 -32.35 17.33 -2.46
N SER B 469 -31.07 17.50 -2.81
CA SER B 469 -30.38 16.55 -3.72
C SER B 469 -30.15 15.21 -3.01
N GLU B 470 -30.01 15.24 -1.68
CA GLU B 470 -29.76 14.00 -0.90
C GLU B 470 -30.98 13.07 -0.99
N LEU B 471 -32.19 13.64 -1.07
CA LEU B 471 -33.43 12.80 -1.08
C LEU B 471 -33.47 11.90 -2.33
N PHE B 472 -32.76 12.27 -3.39
CA PHE B 472 -32.72 11.45 -4.62
C PHE B 472 -31.95 10.15 -4.35
N ASP B 473 -32.53 9.24 -3.55
CA ASP B 473 -31.82 7.98 -3.18
C ASP B 473 -32.78 6.79 -3.30
N ALA B 474 -32.27 5.58 -3.07
CA ALA B 474 -33.09 4.36 -3.20
C ALA B 474 -34.46 4.57 -2.54
N ILE B 475 -34.50 5.19 -1.35
CA ILE B 475 -35.79 5.32 -0.63
C ILE B 475 -36.81 6.00 -1.55
N SER B 476 -36.46 7.17 -2.11
CA SER B 476 -37.43 7.92 -2.95
C SER B 476 -37.75 7.12 -4.21
N TYR B 477 -36.82 6.32 -4.71
CA TYR B 477 -37.04 5.59 -5.99
C TYR B 477 -37.48 4.15 -5.70
N SER B 478 -36.55 3.28 -5.30
CA SER B 478 -36.88 1.85 -5.09
C SER B 478 -37.99 1.66 -4.06
N LYS B 479 -37.85 2.25 -2.86
CA LYS B 479 -38.87 1.99 -1.80
C LYS B 479 -40.23 2.46 -2.34
N GLY B 480 -40.27 3.63 -2.98
CA GLY B 480 -41.54 4.10 -3.57
C GLY B 480 -42.08 3.09 -4.58
N ALA B 481 -41.23 2.62 -5.48
CA ALA B 481 -41.65 1.65 -6.51
C ALA B 481 -42.12 0.35 -5.83
N SER B 482 -41.36 -0.13 -4.85
CA SER B 482 -41.74 -1.39 -4.13
C SER B 482 -43.10 -1.19 -3.46
N VAL B 483 -43.29 -0.02 -2.83
CA VAL B 483 -44.60 0.29 -2.17
C VAL B 483 -45.70 0.22 -3.25
N LEU B 484 -45.46 0.84 -4.42
CA LEU B 484 -46.47 0.84 -5.50
C LEU B 484 -46.71 -0.60 -5.97
N ARG B 485 -45.65 -1.40 -6.09
CA ARG B 485 -45.80 -2.82 -6.49
C ARG B 485 -46.76 -3.50 -5.51
N MET B 486 -46.49 -3.39 -4.21
CA MET B 486 -47.35 -4.04 -3.18
C MET B 486 -48.74 -3.41 -3.23
N LEU B 487 -48.83 -2.09 -3.33
CA LEU B 487 -50.14 -1.40 -3.34
C LEU B 487 -50.97 -1.92 -4.52
N SER B 488 -50.38 -1.95 -5.71
CA SER B 488 -51.10 -2.43 -6.92
C SER B 488 -51.49 -3.89 -6.73
N SER B 489 -50.63 -4.68 -6.10
CA SER B 489 -50.90 -6.13 -5.90
C SER B 489 -52.15 -6.35 -5.04
N PHE B 490 -52.31 -5.56 -3.97
CA PHE B 490 -53.45 -5.82 -3.04
C PHE B 490 -54.66 -4.96 -3.43
N LEU B 491 -54.47 -3.98 -4.32
CA LEU B 491 -55.62 -3.16 -4.79
C LEU B 491 -56.05 -3.61 -6.19
N SER B 492 -55.25 -4.47 -6.84
CA SER B 492 -55.54 -4.94 -8.22
C SER B 492 -55.16 -3.84 -9.23
N GLU B 493 -54.58 -4.22 -10.36
CA GLU B 493 -54.11 -3.22 -11.34
C GLU B 493 -55.29 -2.37 -11.82
N ASP B 494 -56.41 -3.01 -12.14
CA ASP B 494 -57.57 -2.25 -12.70
C ASP B 494 -57.95 -1.13 -11.72
N VAL B 495 -58.16 -1.48 -10.45
CA VAL B 495 -58.60 -0.47 -9.43
C VAL B 495 -57.47 0.57 -9.28
N PHE B 496 -56.23 0.12 -9.22
CA PHE B 496 -55.08 1.03 -9.01
C PHE B 496 -55.03 2.06 -10.16
N LYS B 497 -55.09 1.60 -11.41
CA LYS B 497 -54.96 2.52 -12.57
C LYS B 497 -56.16 3.47 -12.61
N GLN B 498 -57.36 2.98 -12.26
CA GLN B 498 -58.56 3.85 -12.23
C GLN B 498 -58.32 5.01 -11.27
N GLY B 499 -57.85 4.71 -10.05
CA GLY B 499 -57.56 5.77 -9.07
C GLY B 499 -56.50 6.72 -9.58
N LEU B 500 -55.44 6.19 -10.19
CA LEU B 500 -54.33 7.04 -10.69
C LEU B 500 -54.88 8.01 -11.75
N ALA B 501 -55.78 7.52 -12.61
CA ALA B 501 -56.35 8.39 -13.67
C ALA B 501 -57.05 9.58 -13.00
N SER B 502 -57.88 9.32 -11.99
CA SER B 502 -58.57 10.43 -11.27
C SER B 502 -57.53 11.39 -10.71
N TYR B 503 -56.50 10.86 -10.06
CA TYR B 503 -55.42 11.71 -9.47
C TYR B 503 -54.83 12.61 -10.56
N LEU B 504 -54.45 12.01 -11.70
CA LEU B 504 -53.80 12.79 -12.78
C LEU B 504 -54.77 13.87 -13.29
N HIS B 505 -56.02 13.49 -13.58
CA HIS B 505 -56.98 14.46 -14.16
C HIS B 505 -57.34 15.54 -13.14
N THR B 506 -57.49 15.16 -11.87
CA THR B 506 -57.93 16.12 -10.82
C THR B 506 -56.83 17.15 -10.55
N PHE B 507 -55.56 16.74 -10.51
CA PHE B 507 -54.47 17.69 -10.13
C PHE B 507 -53.56 18.01 -11.31
N ALA B 508 -54.09 17.97 -12.54
CA ALA B 508 -53.27 18.35 -13.71
C ALA B 508 -52.80 19.79 -13.54
N TYR B 509 -51.53 20.08 -13.84
CA TYR B 509 -50.97 21.46 -13.73
C TYR B 509 -51.12 21.97 -12.29
N GLN B 510 -51.05 21.07 -11.31
CA GLN B 510 -51.17 21.47 -9.89
C GLN B 510 -50.20 20.64 -9.04
N ASN B 511 -49.78 21.17 -7.89
CA ASN B 511 -48.83 20.43 -7.00
C ASN B 511 -49.64 19.65 -5.97
N THR B 512 -49.21 18.41 -5.64
CA THR B 512 -50.02 17.56 -4.72
C THR B 512 -49.15 16.98 -3.60
N ILE B 513 -49.79 16.33 -2.63
CA ILE B 513 -49.04 15.66 -1.52
C ILE B 513 -49.47 14.19 -1.48
N TYR B 514 -48.86 13.39 -0.60
CA TYR B 514 -49.16 11.94 -0.53
C TYR B 514 -50.66 11.74 -0.21
N LEU B 515 -51.22 12.57 0.66
CA LEU B 515 -52.64 12.40 1.06
C LEU B 515 -53.54 12.47 -0.17
N ASN B 516 -53.24 13.39 -1.10
CA ASN B 516 -54.08 13.55 -2.32
C ASN B 516 -54.13 12.20 -3.05
N LEU B 517 -52.98 11.55 -3.20
CA LEU B 517 -52.93 10.24 -3.90
C LEU B 517 -53.86 9.25 -3.20
N TRP B 518 -53.74 9.13 -1.87
CA TRP B 518 -54.55 8.12 -1.13
C TRP B 518 -56.04 8.38 -1.36
N ASP B 519 -56.45 9.65 -1.39
CA ASP B 519 -57.89 9.98 -1.54
C ASP B 519 -58.42 9.39 -2.85
N HIS B 520 -57.74 9.65 -3.97
CA HIS B 520 -58.23 9.17 -5.28
C HIS B 520 -58.20 7.64 -5.32
N LEU B 521 -57.15 7.04 -4.73
CA LEU B 521 -57.06 5.57 -4.67
C LEU B 521 -58.25 5.04 -3.86
N GLN B 522 -58.57 5.69 -2.73
CA GLN B 522 -59.73 5.27 -1.89
C GLN B 522 -61.00 5.37 -2.72
N GLU B 523 -61.13 6.42 -3.53
CA GLU B 523 -62.31 6.57 -4.41
C GLU B 523 -62.45 5.32 -5.28
N ALA B 524 -61.36 4.92 -5.94
CA ALA B 524 -61.40 3.73 -6.82
C ALA B 524 -61.76 2.49 -5.98
N VAL B 525 -61.17 2.38 -4.79
CA VAL B 525 -61.43 1.21 -3.91
C VAL B 525 -62.95 1.12 -3.68
N ASN B 526 -63.57 2.22 -3.24
CA ASN B 526 -65.04 2.22 -2.95
C ASN B 526 -65.80 1.99 -4.26
N ASN B 527 -65.35 2.63 -5.35
CA ASN B 527 -66.04 2.49 -6.66
C ASN B 527 -66.03 1.02 -7.08
N ARG B 528 -64.91 0.34 -6.89
CA ARG B 528 -64.79 -1.09 -7.28
C ARG B 528 -65.18 -1.98 -6.10
N SER B 529 -65.63 -1.36 -5.00
CA SER B 529 -66.06 -2.13 -3.81
C SER B 529 -64.95 -3.08 -3.36
N ILE B 530 -63.70 -2.63 -3.40
CA ILE B 530 -62.56 -3.46 -2.92
C ILE B 530 -62.62 -3.54 -1.39
N GLN B 531 -62.44 -4.73 -0.82
CA GLN B 531 -62.51 -4.89 0.65
C GLN B 531 -61.10 -4.73 1.24
N LEU B 532 -60.90 -3.70 2.05
CA LEU B 532 -59.58 -3.48 2.71
C LEU B 532 -59.80 -3.52 4.23
N PRO B 533 -58.76 -3.83 5.04
CA PRO B 533 -58.91 -3.80 6.49
C PRO B 533 -59.34 -2.39 6.95
N THR B 534 -58.66 -1.36 6.45
CA THR B 534 -59.02 0.04 6.80
C THR B 534 -58.94 0.92 5.54
N THR B 535 -58.90 2.25 5.71
CA THR B 535 -58.80 3.17 4.56
C THR B 535 -57.43 3.02 3.88
N VAL B 536 -57.35 3.31 2.58
CA VAL B 536 -56.06 3.26 1.87
C VAL B 536 -55.07 4.13 2.64
N ARG B 537 -55.53 5.30 3.10
CA ARG B 537 -54.63 6.25 3.81
C ARG B 537 -53.98 5.54 5.01
N ASP B 538 -54.78 4.99 5.91
CA ASP B 538 -54.20 4.37 7.14
C ASP B 538 -53.23 3.27 6.74
N ILE B 539 -53.63 2.38 5.82
CA ILE B 539 -52.76 1.23 5.43
C ILE B 539 -51.46 1.76 4.83
N MET B 540 -51.52 2.75 3.95
CA MET B 540 -50.30 3.21 3.24
C MET B 540 -49.52 4.24 4.07
N ASN B 541 -50.17 4.90 5.03
CA ASN B 541 -49.40 5.83 5.92
C ASN B 541 -48.34 5.02 6.66
N ARG B 542 -48.67 3.78 7.05
CA ARG B 542 -47.68 2.90 7.73
C ARG B 542 -46.48 2.71 6.80
N TRP B 543 -46.70 2.63 5.50
CA TRP B 543 -45.59 2.35 4.56
C TRP B 543 -44.90 3.65 4.12
N THR B 544 -45.43 4.81 4.51
CA THR B 544 -44.83 6.08 3.98
C THR B 544 -44.39 7.01 5.12
N LEU B 545 -45.11 7.05 6.24
CA LEU B 545 -44.77 8.04 7.30
C LEU B 545 -43.74 7.48 8.28
N GLN B 546 -43.45 6.17 8.24
CA GLN B 546 -42.38 5.62 9.12
C GLN B 546 -41.35 4.89 8.25
N MET B 547 -40.06 5.07 8.53
CA MET B 547 -38.99 4.46 7.72
C MET B 547 -38.85 2.98 8.06
N GLY B 548 -38.20 2.21 7.19
CA GLY B 548 -37.94 0.78 7.48
C GLY B 548 -39.00 -0.15 6.92
N PHE B 549 -38.88 -1.45 7.21
CA PHE B 549 -39.84 -2.46 6.69
C PHE B 549 -39.94 -3.60 7.71
N PRO B 550 -41.09 -4.31 7.81
CA PRO B 550 -41.26 -5.36 8.81
C PRO B 550 -40.71 -6.73 8.41
N VAL B 551 -40.30 -7.53 9.39
CA VAL B 551 -39.84 -8.93 9.09
C VAL B 551 -40.87 -9.88 9.72
N ILE B 552 -41.48 -10.75 8.92
CA ILE B 552 -42.57 -11.63 9.44
C ILE B 552 -41.97 -12.96 9.93
N THR B 553 -42.13 -13.26 11.23
CA THR B 553 -41.63 -14.54 11.78
C THR B 553 -42.73 -15.61 11.67
N VAL B 554 -42.47 -16.67 10.90
CA VAL B 554 -43.52 -17.70 10.66
C VAL B 554 -43.25 -18.93 11.54
N ASP B 555 -44.11 -19.18 12.52
CA ASP B 555 -43.97 -20.40 13.36
C ASP B 555 -44.82 -21.51 12.73
N THR B 556 -44.26 -22.22 11.74
CA THR B 556 -45.04 -23.27 11.03
C THR B 556 -45.64 -24.25 12.05
N SER B 557 -44.99 -24.40 13.20
CA SER B 557 -45.50 -25.32 14.25
C SER B 557 -46.92 -24.90 14.66
N THR B 558 -47.15 -23.61 14.84
CA THR B 558 -48.49 -23.13 15.32
C THR B 558 -49.09 -22.15 14.30
N GLY B 559 -48.38 -21.87 13.20
CA GLY B 559 -48.86 -20.91 12.20
C GLY B 559 -49.11 -19.54 12.81
N THR B 560 -48.15 -19.02 13.58
CA THR B 560 -48.28 -17.66 14.17
C THR B 560 -47.37 -16.68 13.42
N LEU B 561 -47.83 -15.44 13.21
CA LEU B 561 -47.04 -14.44 12.47
C LEU B 561 -46.78 -13.23 13.38
N SER B 562 -45.65 -12.54 13.16
CA SER B 562 -45.33 -11.32 13.95
C SER B 562 -44.55 -10.34 13.07
N GLN B 563 -44.53 -9.05 13.44
CA GLN B 563 -43.86 -8.03 12.60
C GLN B 563 -42.98 -7.13 13.48
N GLU B 564 -41.79 -6.77 13.00
CA GLU B 564 -40.91 -5.83 13.75
C GLU B 564 -39.98 -5.15 12.74
N HIS B 565 -39.45 -3.97 13.08
CA HIS B 565 -38.57 -3.22 12.16
C HIS B 565 -37.29 -4.04 11.93
N PHE B 566 -36.99 -4.34 10.66
CA PHE B 566 -35.76 -5.10 10.34
C PHE B 566 -34.56 -4.17 10.52
N LEU B 567 -33.61 -4.57 11.37
CA LEU B 567 -32.41 -3.73 11.64
C LEU B 567 -31.15 -4.57 11.38
N LEU B 568 -30.30 -4.13 10.45
CA LEU B 568 -29.02 -4.85 10.20
C LEU B 568 -28.25 -4.92 11.52
N ASP B 569 -28.18 -3.80 12.24
CA ASP B 569 -27.54 -3.82 13.58
C ASP B 569 -28.66 -4.00 14.62
N PRO B 570 -28.73 -5.15 15.32
CA PRO B 570 -29.74 -5.35 16.35
C PRO B 570 -29.57 -4.32 17.48
N ASP B 571 -28.36 -3.77 17.63
CA ASP B 571 -28.09 -2.80 18.72
C ASP B 571 -28.27 -1.36 18.20
N SER B 572 -28.51 -1.19 16.90
CA SER B 572 -28.63 0.17 16.33
C SER B 572 -29.76 0.93 17.03
N ASN B 573 -29.51 2.20 17.38
CA ASN B 573 -30.53 3.01 18.09
C ASN B 573 -31.35 3.82 17.07
N VAL B 574 -32.65 3.55 16.97
CA VAL B 574 -33.52 4.35 16.06
C VAL B 574 -33.92 5.63 16.78
N THR B 575 -33.43 6.78 16.32
CA THR B 575 -33.71 8.07 17.00
C THR B 575 -34.92 8.75 16.34
N ARG B 576 -35.43 8.17 15.25
CA ARG B 576 -36.58 8.78 14.53
C ARG B 576 -37.89 8.20 15.08
N PRO B 577 -38.74 9.03 15.74
CA PRO B 577 -39.98 8.53 16.34
C PRO B 577 -40.99 8.13 15.26
N SER B 578 -41.89 7.20 15.59
CA SER B 578 -42.93 6.76 14.61
C SER B 578 -44.32 6.99 15.21
N GLU B 579 -45.20 7.68 14.47
CA GLU B 579 -46.58 7.93 14.95
C GLU B 579 -47.27 6.58 15.16
N PHE B 580 -46.98 5.60 14.30
CA PHE B 580 -47.64 4.27 14.40
C PHE B 580 -46.77 3.33 15.24
N ASN B 581 -45.69 3.85 15.83
CA ASN B 581 -44.81 3.02 16.70
C ASN B 581 -44.24 1.83 15.91
N TYR B 582 -43.69 2.06 14.73
CA TYR B 582 -43.03 0.98 13.94
C TYR B 582 -43.95 -0.24 13.81
N VAL B 583 -45.18 -0.04 13.35
CA VAL B 583 -46.09 -1.20 13.09
C VAL B 583 -46.75 -0.97 11.73
N TRP B 584 -47.02 -2.04 10.98
CA TRP B 584 -47.58 -1.87 9.61
C TRP B 584 -48.74 -2.83 9.38
N ILE B 585 -49.76 -2.41 8.63
CA ILE B 585 -50.87 -3.35 8.26
C ILE B 585 -50.33 -4.17 7.09
N VAL B 586 -49.41 -5.10 7.37
CA VAL B 586 -48.74 -5.87 6.29
C VAL B 586 -49.74 -6.74 5.52
N PRO B 587 -49.83 -6.62 4.16
CA PRO B 587 -50.65 -7.52 3.38
C PRO B 587 -49.85 -8.81 3.21
N ILE B 588 -50.46 -9.97 3.47
CA ILE B 588 -49.66 -11.24 3.43
C ILE B 588 -50.26 -12.23 2.44
N THR B 589 -49.45 -12.80 1.56
CA THR B 589 -49.91 -13.85 0.61
C THR B 589 -49.05 -15.09 0.83
N SER B 590 -49.66 -16.26 1.07
CA SER B 590 -48.86 -17.46 1.41
C SER B 590 -49.16 -18.62 0.46
N ILE B 591 -48.15 -19.44 0.16
CA ILE B 591 -48.36 -20.64 -0.69
C ILE B 591 -47.94 -21.87 0.11
N ARG B 592 -48.66 -22.99 -0.05
CA ARG B 592 -48.33 -24.23 0.70
C ARG B 592 -47.92 -25.32 -0.30
N ASP B 593 -46.68 -25.81 -0.18
CA ASP B 593 -46.18 -26.84 -1.14
C ASP B 593 -46.43 -26.33 -2.56
N GLY B 594 -46.27 -25.02 -2.78
CA GLY B 594 -46.43 -24.44 -4.13
C GLY B 594 -47.89 -24.15 -4.46
N ARG B 595 -48.80 -24.42 -3.53
CA ARG B 595 -50.24 -24.16 -3.76
C ARG B 595 -50.65 -22.88 -3.03
N GLN B 596 -51.02 -21.83 -3.77
CA GLN B 596 -51.36 -20.54 -3.14
C GLN B 596 -52.58 -20.73 -2.21
N GLN B 597 -52.61 -20.01 -1.09
CA GLN B 597 -53.73 -20.13 -0.12
C GLN B 597 -54.48 -18.80 -0.05
N GLN B 598 -55.35 -18.63 0.96
CA GLN B 598 -56.07 -17.35 1.14
C GLN B 598 -55.11 -16.31 1.73
N ASP B 599 -55.34 -15.02 1.45
CA ASP B 599 -54.44 -13.96 1.95
C ASP B 599 -54.83 -13.56 3.38
N TYR B 600 -53.92 -12.90 4.10
CA TYR B 600 -54.24 -12.40 5.47
C TYR B 600 -53.59 -11.03 5.65
N TRP B 601 -54.22 -10.14 6.44
CA TRP B 601 -53.60 -8.82 6.72
C TRP B 601 -53.13 -8.77 8.17
N LEU B 602 -51.82 -8.65 8.38
CA LEU B 602 -51.25 -8.63 9.76
C LEU B 602 -51.47 -7.23 10.34
N ILE B 603 -52.71 -6.90 10.71
CA ILE B 603 -53.02 -5.55 11.26
C ILE B 603 -52.32 -5.38 12.61
N ASP B 604 -52.41 -6.40 13.47
CA ASP B 604 -51.81 -6.30 14.83
C ASP B 604 -50.36 -6.76 14.78
N VAL B 605 -49.60 -6.51 15.86
CA VAL B 605 -48.16 -6.90 15.92
C VAL B 605 -48.05 -8.42 15.73
N ARG B 606 -48.91 -9.19 16.40
CA ARG B 606 -48.81 -10.67 16.34
C ARG B 606 -50.18 -11.27 16.02
N ALA B 607 -50.21 -12.37 15.26
CA ALA B 607 -51.48 -13.04 14.92
C ALA B 607 -51.23 -14.52 14.64
N GLN B 608 -52.29 -15.32 14.59
CA GLN B 608 -52.15 -16.78 14.31
C GLN B 608 -53.23 -17.20 13.30
N ASN B 609 -52.89 -18.09 12.37
CA ASN B 609 -53.90 -18.60 11.40
C ASN B 609 -53.45 -19.98 10.91
N ASP B 610 -54.41 -20.83 10.51
CA ASP B 610 -54.07 -22.17 9.98
C ASP B 610 -53.46 -22.01 8.58
N LEU B 611 -53.69 -20.87 7.93
CA LEU B 611 -53.09 -20.61 6.60
C LEU B 611 -51.57 -20.69 6.70
N PHE B 612 -51.02 -20.46 7.89
CA PHE B 612 -49.55 -20.46 8.07
C PHE B 612 -49.13 -21.69 8.86
N SER B 613 -50.07 -22.33 9.55
CA SER B 613 -49.74 -23.54 10.36
C SER B 613 -49.51 -24.73 9.42
N THR B 614 -48.39 -25.44 9.57
CA THR B 614 -48.08 -26.57 8.65
C THR B 614 -48.22 -27.90 9.37
N SER B 615 -48.30 -29.00 8.61
CA SER B 615 -48.39 -30.35 9.21
C SER B 615 -47.48 -31.31 8.43
N GLY B 616 -46.97 -32.35 9.09
CA GLY B 616 -46.11 -33.34 8.41
C GLY B 616 -44.89 -32.69 7.78
N ASN B 617 -44.78 -32.75 6.44
CA ASN B 617 -43.60 -32.17 5.74
C ASN B 617 -44.04 -30.94 4.93
N GLU B 618 -45.28 -30.48 5.14
CA GLU B 618 -45.80 -29.32 4.36
C GLU B 618 -44.91 -28.10 4.59
N TRP B 619 -44.56 -27.39 3.53
CA TRP B 619 -43.77 -26.13 3.69
C TRP B 619 -44.59 -24.96 3.16
N VAL B 620 -44.53 -23.82 3.85
CA VAL B 620 -45.32 -22.62 3.43
C VAL B 620 -44.37 -21.48 3.07
N LEU B 621 -44.56 -20.88 1.89
CA LEU B 621 -43.72 -19.72 1.49
C LEU B 621 -44.59 -18.47 1.46
N LEU B 622 -44.28 -17.48 2.31
CA LEU B 622 -45.08 -16.23 2.37
C LEU B 622 -44.52 -15.24 1.34
N ASN B 623 -45.27 -14.17 1.05
CA ASN B 623 -44.84 -13.18 0.04
C ASN B 623 -44.52 -13.91 -1.27
N LEU B 624 -45.52 -14.57 -1.86
CA LEU B 624 -45.30 -15.24 -3.17
C LEU B 624 -44.83 -14.19 -4.18
N ASN B 625 -43.76 -14.50 -4.92
CA ASN B 625 -43.21 -13.54 -5.92
C ASN B 625 -42.92 -12.21 -5.22
N VAL B 626 -42.33 -12.25 -4.03
CA VAL B 626 -41.99 -11.00 -3.27
C VAL B 626 -42.87 -9.85 -3.73
N THR B 627 -44.19 -9.95 -3.53
CA THR B 627 -45.10 -8.82 -3.87
C THR B 627 -45.03 -7.77 -2.76
N GLY B 628 -45.15 -8.20 -1.50
CA GLY B 628 -45.17 -7.25 -0.37
C GLY B 628 -43.78 -6.71 -0.06
N TYR B 629 -43.71 -5.55 0.58
CA TYR B 629 -42.40 -4.95 0.97
C TYR B 629 -42.05 -5.40 2.39
N TYR B 630 -41.65 -6.66 2.56
CA TYR B 630 -41.29 -7.20 3.90
C TYR B 630 -40.42 -8.44 3.74
N ARG B 631 -39.68 -8.80 4.79
CA ARG B 631 -38.84 -10.04 4.75
C ARG B 631 -39.56 -11.16 5.50
N VAL B 632 -39.44 -12.40 5.02
CA VAL B 632 -40.11 -13.55 5.67
C VAL B 632 -39.09 -14.33 6.50
N ASN B 633 -39.35 -14.50 7.80
CA ASN B 633 -38.44 -15.29 8.67
C ASN B 633 -39.16 -16.57 9.10
N TYR B 634 -38.77 -17.71 8.53
CA TYR B 634 -39.43 -19.00 8.86
C TYR B 634 -38.70 -19.66 10.04
N ASP B 635 -39.36 -20.62 10.69
CA ASP B 635 -38.69 -21.36 11.81
C ASP B 635 -37.70 -22.36 11.19
N GLU B 636 -36.81 -22.91 12.02
CA GLU B 636 -35.79 -23.85 11.50
C GLU B 636 -36.50 -25.02 10.80
N GLU B 637 -37.66 -25.42 11.32
CA GLU B 637 -38.42 -26.54 10.71
C GLU B 637 -38.72 -26.20 9.25
N ASN B 638 -39.35 -25.06 8.99
CA ASN B 638 -39.73 -24.71 7.60
C ASN B 638 -38.47 -24.58 6.74
N TRP B 639 -37.44 -23.90 7.25
CA TRP B 639 -36.18 -23.71 6.49
C TRP B 639 -35.62 -25.09 6.14
N ARG B 640 -35.65 -26.03 7.08
CA ARG B 640 -35.17 -27.41 6.81
C ARG B 640 -35.99 -27.99 5.67
N LYS B 641 -37.33 -27.88 5.76
CA LYS B 641 -38.21 -28.43 4.69
C LYS B 641 -37.88 -27.74 3.37
N ILE B 642 -37.66 -26.42 3.40
CA ILE B 642 -37.35 -25.64 2.16
C ILE B 642 -36.05 -26.20 1.55
N GLN B 643 -35.02 -26.36 2.38
CA GLN B 643 -33.73 -26.89 1.89
C GLN B 643 -33.96 -28.30 1.34
N THR B 644 -34.80 -29.08 2.01
CA THR B 644 -35.13 -30.44 1.52
C THR B 644 -35.77 -30.32 0.13
N GLN B 645 -36.70 -29.38 -0.04
CA GLN B 645 -37.38 -29.21 -1.35
C GLN B 645 -36.35 -28.76 -2.39
N LEU B 646 -35.49 -27.80 -2.04
CA LEU B 646 -34.50 -27.26 -3.01
C LEU B 646 -33.60 -28.39 -3.50
N GLN B 647 -33.19 -29.29 -2.60
CA GLN B 647 -32.26 -30.38 -3.00
C GLN B 647 -33.05 -31.47 -3.74
N ARG B 648 -34.33 -31.63 -3.41
CA ARG B 648 -35.17 -32.67 -4.06
C ARG B 648 -35.61 -32.16 -5.43
N ASP B 649 -36.31 -31.02 -5.46
CA ASP B 649 -36.83 -30.46 -6.74
C ASP B 649 -37.00 -28.95 -6.58
N HIS B 650 -35.95 -28.17 -6.83
CA HIS B 650 -36.02 -26.70 -6.62
C HIS B 650 -37.14 -26.13 -7.49
N SER B 651 -37.47 -26.81 -8.59
CA SER B 651 -38.51 -26.31 -9.52
C SER B 651 -39.81 -26.04 -8.75
N ALA B 652 -40.10 -26.87 -7.75
CA ALA B 652 -41.35 -26.71 -6.96
C ALA B 652 -41.43 -25.28 -6.44
N ILE B 653 -40.34 -24.75 -5.91
CA ILE B 653 -40.34 -23.38 -5.31
C ILE B 653 -40.27 -22.34 -6.44
N PRO B 654 -41.18 -21.34 -6.48
CA PRO B 654 -41.19 -20.36 -7.56
C PRO B 654 -39.80 -19.75 -7.81
N VAL B 655 -39.42 -19.59 -9.08
CA VAL B 655 -38.07 -19.03 -9.41
C VAL B 655 -37.86 -17.77 -8.57
N ILE B 656 -38.82 -16.84 -8.61
CA ILE B 656 -38.68 -15.57 -7.85
C ILE B 656 -38.49 -15.91 -6.37
N ASN B 657 -39.29 -16.85 -5.86
CA ASN B 657 -39.23 -17.19 -4.41
C ASN B 657 -37.89 -17.90 -4.11
N ARG B 658 -37.37 -18.68 -5.06
CA ARG B 658 -36.04 -19.30 -4.84
C ARG B 658 -35.02 -18.18 -4.58
N ALA B 659 -35.03 -17.14 -5.40
CA ALA B 659 -34.13 -15.99 -5.18
C ALA B 659 -34.49 -15.33 -3.86
N GLN B 660 -35.79 -15.19 -3.57
CA GLN B 660 -36.25 -14.61 -2.28
C GLN B 660 -35.61 -15.40 -1.13
N ILE B 661 -35.65 -16.73 -1.22
CA ILE B 661 -35.10 -17.58 -0.11
C ILE B 661 -33.64 -17.20 0.13
N ILE B 662 -32.83 -17.18 -0.94
CA ILE B 662 -31.38 -16.88 -0.77
C ILE B 662 -31.22 -15.48 -0.17
N ASN B 663 -31.87 -14.47 -0.76
CA ASN B 663 -31.68 -13.08 -0.27
C ASN B 663 -32.16 -12.98 1.17
N ASP B 664 -33.37 -13.44 1.46
CA ASP B 664 -33.93 -13.30 2.83
C ASP B 664 -32.98 -14.00 3.81
N ALA B 665 -32.66 -15.27 3.56
CA ALA B 665 -31.80 -16.03 4.49
C ALA B 665 -30.56 -15.20 4.83
N PHE B 666 -29.86 -14.71 3.81
CA PHE B 666 -28.58 -13.98 4.07
C PHE B 666 -28.84 -12.71 4.88
N ASN B 667 -29.83 -11.92 4.50
CA ASN B 667 -30.06 -10.62 5.21
C ASN B 667 -30.47 -10.93 6.65
N LEU B 668 -31.34 -11.93 6.85
CA LEU B 668 -31.75 -12.32 8.22
C LEU B 668 -30.49 -12.70 9.01
N ALA B 669 -29.58 -13.45 8.39
CA ALA B 669 -28.33 -13.87 9.07
C ALA B 669 -27.50 -12.63 9.41
N SER B 670 -27.41 -11.68 8.47
CA SER B 670 -26.60 -10.45 8.69
C SER B 670 -27.19 -9.66 9.86
N ALA B 671 -28.51 -9.78 10.08
CA ALA B 671 -29.16 -9.05 11.20
C ALA B 671 -29.06 -9.90 12.47
N HIS B 672 -28.29 -10.99 12.42
CA HIS B 672 -28.13 -11.88 13.62
C HIS B 672 -29.49 -12.41 14.04
N LYS B 673 -30.38 -12.67 13.07
CA LYS B 673 -31.73 -13.20 13.40
C LYS B 673 -31.77 -14.71 13.13
N VAL B 674 -31.01 -15.18 12.13
CA VAL B 674 -30.93 -16.64 11.84
C VAL B 674 -29.45 -17.04 11.77
N PRO B 675 -29.09 -18.33 11.95
CA PRO B 675 -27.70 -18.76 11.84
C PRO B 675 -27.13 -18.46 10.45
N VAL B 676 -25.87 -18.01 10.40
CA VAL B 676 -25.22 -17.70 9.09
C VAL B 676 -25.12 -18.99 8.26
N THR B 677 -24.88 -20.12 8.93
CA THR B 677 -24.78 -21.42 8.22
C THR B 677 -26.06 -21.68 7.44
N LEU B 678 -27.22 -21.31 8.00
CA LEU B 678 -28.52 -21.56 7.33
C LEU B 678 -28.51 -20.90 5.95
N ALA B 679 -28.11 -19.63 5.90
CA ALA B 679 -28.10 -18.89 4.61
C ALA B 679 -27.14 -19.57 3.63
N LEU B 680 -25.93 -19.88 4.09
CA LEU B 680 -24.93 -20.55 3.22
C LEU B 680 -25.50 -21.89 2.75
N ASN B 681 -26.16 -22.63 3.65
CA ASN B 681 -26.81 -23.90 3.24
C ASN B 681 -27.76 -23.64 2.08
N ASN B 682 -28.50 -22.53 2.11
CA ASN B 682 -29.51 -22.25 1.06
C ASN B 682 -28.81 -22.05 -0.29
N THR B 683 -27.47 -22.01 -0.31
CA THR B 683 -26.76 -21.75 -1.59
C THR B 683 -26.17 -23.03 -2.14
N LEU B 684 -26.61 -24.19 -1.65
CA LEU B 684 -26.02 -25.48 -2.09
C LEU B 684 -26.81 -26.04 -3.28
N PHE B 685 -27.97 -25.44 -3.59
CA PHE B 685 -28.79 -25.91 -4.73
C PHE B 685 -28.35 -25.16 -6.00
N LEU B 686 -27.46 -24.18 -5.85
CA LEU B 686 -27.02 -23.36 -7.00
C LEU B 686 -26.33 -24.27 -8.03
N ILE B 687 -25.63 -25.30 -7.57
CA ILE B 687 -24.86 -26.18 -8.50
C ILE B 687 -25.79 -26.68 -9.60
N GLU B 688 -27.04 -26.98 -9.27
CA GLU B 688 -27.99 -27.54 -10.28
C GLU B 688 -28.88 -26.43 -10.83
N GLU B 689 -28.90 -25.26 -10.18
CA GLU B 689 -29.78 -24.15 -10.62
C GLU B 689 -29.25 -23.62 -11.96
N ARG B 690 -30.16 -23.35 -12.91
CA ARG B 690 -29.74 -22.87 -14.25
C ARG B 690 -30.46 -21.56 -14.59
N GLN B 691 -31.46 -21.19 -13.78
CA GLN B 691 -32.20 -19.92 -14.02
C GLN B 691 -31.33 -18.73 -13.60
N TYR B 692 -31.67 -17.52 -14.07
CA TYR B 692 -30.83 -16.34 -13.78
C TYR B 692 -31.17 -15.74 -12.42
N MET B 693 -32.45 -15.51 -12.13
CA MET B 693 -32.83 -14.82 -10.88
C MET B 693 -32.21 -15.52 -9.65
N PRO B 694 -32.36 -16.85 -9.43
CA PRO B 694 -31.75 -17.47 -8.24
C PRO B 694 -30.25 -17.13 -8.17
N TRP B 695 -29.50 -17.46 -9.22
CA TRP B 695 -28.04 -17.20 -9.24
C TRP B 695 -27.78 -15.73 -8.92
N GLU B 696 -28.53 -14.81 -9.53
CA GLU B 696 -28.28 -13.36 -9.32
C GLU B 696 -28.35 -13.02 -7.84
N ALA B 697 -29.42 -13.40 -7.16
CA ALA B 697 -29.59 -13.05 -5.73
C ALA B 697 -28.43 -13.63 -4.93
N ALA B 698 -28.04 -14.86 -5.23
CA ALA B 698 -26.95 -15.53 -4.48
C ALA B 698 -25.67 -14.71 -4.62
N LEU B 699 -25.29 -14.38 -5.85
CA LEU B 699 -24.04 -13.62 -6.10
C LEU B 699 -24.12 -12.28 -5.36
N SER B 700 -25.27 -11.59 -5.46
CA SER B 700 -25.42 -10.27 -4.82
C SER B 700 -25.29 -10.38 -3.30
N SER B 701 -25.91 -11.41 -2.70
CA SER B 701 -25.88 -11.56 -1.23
C SER B 701 -24.47 -11.93 -0.76
N LEU B 702 -23.77 -12.76 -1.53
CA LEU B 702 -22.41 -13.21 -1.13
C LEU B 702 -21.41 -12.06 -1.33
N SER B 703 -21.82 -11.00 -2.02
CA SER B 703 -20.92 -9.82 -2.19
C SER B 703 -20.54 -9.27 -0.82
N TYR B 704 -21.51 -9.16 0.09
CA TYR B 704 -21.21 -8.67 1.47
C TYR B 704 -20.10 -9.54 2.06
N PHE B 705 -20.27 -10.87 1.98
CA PHE B 705 -19.23 -11.79 2.50
C PHE B 705 -17.89 -11.42 1.88
N LYS B 706 -17.85 -11.26 0.55
CA LYS B 706 -16.58 -10.91 -0.14
C LYS B 706 -16.08 -9.58 0.43
N LEU B 707 -16.89 -8.52 0.38
CA LEU B 707 -16.45 -7.19 0.84
C LEU B 707 -15.90 -7.31 2.26
N MET B 708 -16.37 -8.29 3.04
CA MET B 708 -15.95 -8.40 4.46
C MET B 708 -14.80 -9.40 4.60
N PHE B 709 -14.59 -10.29 3.63
CA PHE B 709 -13.56 -11.34 3.80
C PHE B 709 -12.57 -11.38 2.63
N ASP B 710 -12.68 -10.45 1.68
CA ASP B 710 -11.80 -10.47 0.48
C ASP B 710 -10.33 -10.28 0.91
N ARG B 711 -10.10 -9.47 1.94
CA ARG B 711 -8.72 -9.18 2.40
C ARG B 711 -8.37 -10.07 3.60
N SER B 712 -9.16 -11.13 3.83
CA SER B 712 -8.92 -12.03 4.99
C SER B 712 -8.61 -13.44 4.50
N GLU B 713 -8.35 -14.36 5.44
CA GLU B 713 -8.01 -15.76 5.07
C GLU B 713 -9.24 -16.48 4.50
N VAL B 714 -10.44 -16.03 4.88
CA VAL B 714 -11.69 -16.72 4.44
C VAL B 714 -11.83 -16.64 2.93
N TYR B 715 -11.24 -15.62 2.30
CA TYR B 715 -11.43 -15.42 0.83
C TYR B 715 -11.04 -16.69 0.07
N GLY B 716 -9.91 -17.30 0.45
CA GLY B 716 -9.44 -18.50 -0.27
C GLY B 716 -10.49 -19.60 -0.29
N PRO B 717 -10.90 -20.15 0.88
CA PRO B 717 -11.97 -21.15 0.91
C PRO B 717 -13.23 -20.67 0.18
N MET B 718 -13.61 -19.41 0.38
CA MET B 718 -14.86 -18.89 -0.24
C MET B 718 -14.75 -19.01 -1.76
N LYS B 719 -13.62 -18.56 -2.33
CA LYS B 719 -13.42 -18.66 -3.79
C LYS B 719 -13.55 -20.13 -4.22
N ASN B 720 -12.90 -21.04 -3.48
CA ASN B 720 -12.93 -22.47 -3.84
C ASN B 720 -14.39 -22.95 -3.89
N TYR B 721 -15.17 -22.60 -2.87
CA TYR B 721 -16.59 -23.04 -2.82
C TYR B 721 -17.31 -22.54 -4.08
N LEU B 722 -17.26 -21.23 -4.32
CA LEU B 722 -18.00 -20.65 -5.48
C LEU B 722 -17.49 -21.33 -6.76
N LYS B 723 -16.17 -21.46 -6.90
CA LYS B 723 -15.60 -22.14 -8.09
C LYS B 723 -16.32 -23.48 -8.28
N LYS B 724 -16.53 -24.22 -7.19
CA LYS B 724 -17.20 -25.54 -7.26
C LYS B 724 -18.63 -25.36 -7.77
N GLN B 725 -19.35 -24.35 -7.26
CA GLN B 725 -20.77 -24.16 -7.62
C GLN B 725 -20.93 -23.64 -9.05
N VAL B 726 -20.03 -22.76 -9.52
CA VAL B 726 -20.20 -22.14 -10.87
C VAL B 726 -19.72 -23.09 -11.97
N THR B 727 -18.74 -23.95 -11.68
CA THR B 727 -18.15 -24.81 -12.75
C THR B 727 -19.27 -25.48 -13.57
N PRO B 728 -20.25 -26.19 -12.99
CA PRO B 728 -21.28 -26.86 -13.78
C PRO B 728 -22.00 -25.87 -14.69
N LEU B 729 -22.43 -24.74 -14.13
CA LEU B 729 -23.16 -23.71 -14.93
C LEU B 729 -22.27 -23.25 -16.08
N PHE B 730 -20.98 -23.00 -15.79
CA PHE B 730 -20.04 -22.51 -16.84
C PHE B 730 -20.04 -23.52 -18.00
N ILE B 731 -19.80 -24.80 -17.69
CA ILE B 731 -19.77 -25.84 -18.75
C ILE B 731 -21.13 -25.84 -19.46
N HIS B 732 -22.22 -25.89 -18.69
CA HIS B 732 -23.57 -25.94 -19.29
C HIS B 732 -23.66 -24.87 -20.38
N PHE B 733 -23.30 -23.63 -20.05
CA PHE B 733 -23.42 -22.52 -21.03
C PHE B 733 -22.45 -22.73 -22.18
N ARG B 734 -21.25 -23.25 -21.89
CA ARG B 734 -20.26 -23.51 -22.96
C ARG B 734 -20.90 -24.41 -24.02
N ASN B 735 -21.49 -25.53 -23.60
CA ASN B 735 -22.16 -26.45 -24.54
C ASN B 735 -23.35 -25.74 -25.19
N ASN B 736 -24.14 -25.04 -24.38
CA ASN B 736 -25.35 -24.32 -24.90
C ASN B 736 -24.89 -23.28 -25.93
N THR B 737 -23.81 -22.56 -25.65
CA THR B 737 -23.34 -21.48 -26.56
C THR B 737 -22.39 -22.03 -27.61
N ASN B 738 -22.28 -23.36 -27.72
CA ASN B 738 -21.42 -23.99 -28.76
C ASN B 738 -20.02 -23.38 -28.67
N ASN B 739 -19.24 -23.76 -27.65
CA ASN B 739 -17.85 -23.26 -27.50
C ASN B 739 -17.86 -21.73 -27.47
N TRP B 740 -18.82 -21.13 -26.76
CA TRP B 740 -18.85 -19.65 -26.63
C TRP B 740 -18.84 -18.98 -28.00
N ARG B 741 -19.61 -19.52 -28.96
CA ARG B 741 -19.71 -18.89 -30.30
C ARG B 741 -21.07 -18.20 -30.41
N GLU B 742 -22.12 -18.84 -29.89
CA GLU B 742 -23.49 -18.28 -29.97
C GLU B 742 -23.90 -17.70 -28.61
N ILE B 743 -25.08 -17.12 -28.51
CA ILE B 743 -25.57 -16.59 -27.19
C ILE B 743 -26.96 -17.19 -26.91
N PRO B 744 -27.38 -17.31 -25.63
CA PRO B 744 -28.73 -17.80 -25.32
C PRO B 744 -29.79 -16.93 -25.98
N GLU B 745 -30.91 -17.53 -26.38
CA GLU B 745 -32.01 -16.76 -27.03
C GLU B 745 -32.75 -15.94 -25.97
N ASN B 746 -33.12 -16.56 -24.86
CA ASN B 746 -33.88 -15.85 -23.79
C ASN B 746 -32.98 -14.81 -23.13
N LEU B 747 -33.53 -13.62 -22.83
CA LEU B 747 -32.73 -12.53 -22.21
C LEU B 747 -32.18 -13.00 -20.87
N MET B 748 -33.01 -13.61 -20.03
CA MET B 748 -32.55 -14.01 -18.67
C MET B 748 -31.36 -14.95 -18.81
N ASP B 749 -31.44 -15.90 -19.75
CA ASP B 749 -30.35 -16.89 -19.95
C ASP B 749 -29.06 -16.14 -20.30
N GLN B 750 -29.17 -15.10 -21.14
CA GLN B 750 -27.97 -14.32 -21.56
C GLN B 750 -27.31 -13.72 -20.32
N TYR B 751 -28.10 -13.13 -19.43
CA TYR B 751 -27.53 -12.50 -18.20
C TYR B 751 -26.82 -13.57 -17.38
N SER B 752 -27.44 -14.75 -17.23
CA SER B 752 -26.84 -15.84 -16.42
C SER B 752 -25.55 -16.35 -17.07
N GLU B 753 -25.53 -16.41 -18.41
CA GLU B 753 -24.29 -16.84 -19.14
C GLU B 753 -23.15 -15.90 -18.75
N VAL B 754 -23.38 -14.59 -18.85
CA VAL B 754 -22.34 -13.59 -18.49
C VAL B 754 -21.99 -13.78 -17.01
N ASN B 755 -23.00 -13.95 -16.16
CA ASN B 755 -22.76 -14.18 -14.71
C ASN B 755 -21.86 -15.42 -14.54
N ALA B 756 -22.18 -16.50 -15.24
CA ALA B 756 -21.38 -17.74 -15.11
C ALA B 756 -19.92 -17.44 -15.45
N ILE B 757 -19.68 -16.82 -16.60
CA ILE B 757 -18.27 -16.57 -17.03
C ILE B 757 -17.58 -15.68 -15.98
N SER B 758 -18.22 -14.57 -15.61
CA SER B 758 -17.56 -13.63 -14.66
C SER B 758 -17.26 -14.35 -13.34
N THR B 759 -18.27 -15.04 -12.77
CA THR B 759 -18.08 -15.71 -11.47
C THR B 759 -16.96 -16.76 -11.60
N ALA B 760 -17.00 -17.55 -12.68
CA ALA B 760 -15.99 -18.63 -12.86
C ALA B 760 -14.58 -18.02 -12.93
N CYS B 761 -14.39 -17.01 -13.78
CA CYS B 761 -13.03 -16.42 -13.96
C CYS B 761 -12.57 -15.81 -12.64
N SER B 762 -13.46 -15.11 -11.94
CA SER B 762 -13.08 -14.43 -10.67
C SER B 762 -12.67 -15.48 -9.63
N ASN B 763 -13.43 -16.58 -9.53
CA ASN B 763 -13.13 -17.63 -8.53
C ASN B 763 -11.86 -18.39 -8.94
N GLY B 764 -11.71 -18.68 -10.23
CA GLY B 764 -10.46 -19.31 -10.69
C GLY B 764 -10.69 -20.53 -11.57
N VAL B 765 -11.92 -20.76 -12.04
CA VAL B 765 -12.14 -21.89 -12.99
C VAL B 765 -11.08 -21.76 -14.09
N PRO B 766 -10.26 -22.81 -14.36
CA PRO B 766 -9.17 -22.69 -15.34
C PRO B 766 -9.63 -22.31 -16.75
N GLU B 767 -10.57 -23.07 -17.32
CA GLU B 767 -10.98 -22.80 -18.72
C GLU B 767 -11.41 -21.35 -18.85
N CYS B 768 -12.15 -20.82 -17.87
CA CYS B 768 -12.66 -19.43 -17.97
C CYS B 768 -11.48 -18.49 -18.20
N GLU B 769 -10.43 -18.58 -17.37
CA GLU B 769 -9.28 -17.65 -17.48
C GLU B 769 -8.61 -17.83 -18.84
N GLU B 770 -8.55 -19.06 -19.34
CA GLU B 770 -7.89 -19.33 -20.65
C GLU B 770 -8.73 -18.71 -21.77
N MET B 771 -10.05 -18.95 -21.77
CA MET B 771 -10.92 -18.45 -22.87
C MET B 771 -10.85 -16.91 -22.91
N VAL B 772 -11.19 -16.24 -21.81
CA VAL B 772 -11.26 -14.75 -21.83
C VAL B 772 -9.93 -14.20 -22.35
N SER B 773 -8.80 -14.73 -21.85
CA SER B 773 -7.48 -14.22 -22.26
C SER B 773 -7.32 -14.39 -23.78
N GLY B 774 -7.64 -15.59 -24.28
CA GLY B 774 -7.51 -15.87 -25.73
C GLY B 774 -8.35 -14.90 -26.55
N LEU B 775 -9.59 -14.64 -26.12
CA LEU B 775 -10.50 -13.75 -26.89
C LEU B 775 -9.88 -12.35 -26.99
N PHE B 776 -9.40 -11.83 -25.85
CA PHE B 776 -8.80 -10.47 -25.84
C PHE B 776 -7.56 -10.48 -26.73
N LYS B 777 -6.78 -11.57 -26.68
CA LYS B 777 -5.55 -11.67 -27.50
C LYS B 777 -5.93 -11.58 -28.99
N GLN B 778 -7.00 -12.27 -29.38
CA GLN B 778 -7.46 -12.23 -30.80
C GLN B 778 -7.87 -10.80 -31.15
N TRP B 779 -8.56 -10.11 -30.23
CA TRP B 779 -8.94 -8.70 -30.47
C TRP B 779 -7.69 -7.84 -30.62
N MET B 780 -6.67 -8.10 -29.81
CA MET B 780 -5.40 -7.34 -29.92
C MET B 780 -4.82 -7.57 -31.32
N GLU B 781 -4.89 -8.80 -31.82
CA GLU B 781 -4.37 -9.12 -33.18
C GLU B 781 -5.15 -8.32 -34.24
N ASN B 782 -6.48 -8.31 -34.15
CA ASN B 782 -7.31 -7.54 -35.10
C ASN B 782 -7.99 -6.39 -34.35
N PRO B 783 -7.35 -5.22 -34.19
CA PRO B 783 -7.92 -4.13 -33.38
C PRO B 783 -9.31 -3.72 -33.86
N ASN B 784 -9.52 -3.66 -35.18
CA ASN B 784 -10.82 -3.18 -35.71
C ASN B 784 -11.92 -4.20 -35.43
N ASN B 785 -11.65 -5.49 -35.67
CA ASN B 785 -12.70 -6.53 -35.50
C ASN B 785 -12.62 -7.12 -34.09
N ASN B 786 -13.61 -6.79 -33.24
CA ASN B 786 -13.65 -7.35 -31.86
C ASN B 786 -14.35 -8.72 -31.90
N PRO B 787 -13.64 -9.84 -31.74
CA PRO B 787 -14.25 -11.17 -31.82
C PRO B 787 -15.25 -11.38 -30.68
N ILE B 788 -14.97 -10.78 -29.52
CA ILE B 788 -15.85 -10.96 -28.32
C ILE B 788 -17.26 -10.45 -28.66
N HIS B 789 -18.29 -11.27 -28.39
CA HIS B 789 -19.69 -10.85 -28.65
C HIS B 789 -20.04 -9.68 -27.73
N PRO B 790 -20.77 -8.66 -28.21
CA PRO B 790 -21.07 -7.48 -27.39
C PRO B 790 -21.47 -7.79 -25.94
N ASN B 791 -22.32 -8.81 -25.74
CA ASN B 791 -22.81 -9.11 -24.36
C ASN B 791 -21.67 -9.61 -23.49
N LEU B 792 -20.72 -10.35 -24.05
CA LEU B 792 -19.64 -10.96 -23.23
C LEU B 792 -18.45 -10.00 -23.10
N ARG B 793 -18.50 -8.85 -23.76
CA ARG B 793 -17.33 -7.92 -23.74
C ARG B 793 -17.02 -7.49 -22.31
N SER B 794 -18.05 -7.07 -21.56
CA SER B 794 -17.81 -6.55 -20.18
C SER B 794 -16.90 -7.51 -19.40
N THR B 795 -17.35 -8.75 -19.16
CA THR B 795 -16.56 -9.70 -18.35
C THR B 795 -15.21 -9.97 -19.01
N VAL B 796 -15.22 -10.36 -20.29
CA VAL B 796 -13.94 -10.73 -20.97
C VAL B 796 -12.93 -9.58 -20.80
N TYR B 797 -13.34 -8.34 -21.14
CA TYR B 797 -12.40 -7.19 -21.06
C TYR B 797 -11.80 -7.14 -19.65
N CYS B 798 -12.64 -7.10 -18.62
CA CYS B 798 -12.14 -6.97 -17.22
C CYS B 798 -11.22 -8.14 -16.88
N ASN B 799 -11.72 -9.38 -17.02
CA ASN B 799 -10.91 -10.56 -16.62
C ASN B 799 -9.59 -10.55 -17.38
N ALA B 800 -9.63 -10.35 -18.71
CA ALA B 800 -8.40 -10.31 -19.51
C ALA B 800 -7.42 -9.30 -18.91
N ILE B 801 -7.83 -8.03 -18.82
CA ILE B 801 -6.93 -6.98 -18.28
C ILE B 801 -6.38 -7.44 -16.93
N ALA B 802 -7.23 -8.02 -16.08
CA ALA B 802 -6.80 -8.49 -14.75
C ALA B 802 -5.74 -9.59 -14.90
N GLN B 803 -6.00 -10.57 -15.77
CA GLN B 803 -5.06 -11.71 -15.94
C GLN B 803 -3.93 -11.30 -16.88
N GLY B 804 -3.98 -10.08 -17.41
CA GLY B 804 -2.94 -9.60 -18.34
C GLY B 804 -1.93 -8.72 -17.64
N GLY B 805 -1.40 -7.72 -18.34
CA GLY B 805 -0.37 -6.82 -17.77
C GLY B 805 -0.46 -5.42 -18.34
N GLU B 806 0.68 -4.73 -18.42
CA GLU B 806 0.69 -3.33 -18.93
C GLU B 806 0.21 -3.32 -20.38
N GLU B 807 0.68 -4.28 -21.19
CA GLU B 807 0.32 -4.30 -22.64
C GLU B 807 -1.20 -4.29 -22.79
N GLU B 808 -1.90 -5.17 -22.06
CA GLU B 808 -3.38 -5.25 -22.14
C GLU B 808 -3.97 -3.89 -21.73
N TRP B 809 -3.50 -3.33 -20.62
CA TRP B 809 -4.04 -2.03 -20.12
C TRP B 809 -3.79 -0.96 -21.19
N ASP B 810 -2.60 -0.97 -21.81
CA ASP B 810 -2.28 0.04 -22.85
C ASP B 810 -3.26 -0.11 -24.01
N PHE B 811 -3.44 -1.33 -24.51
CA PHE B 811 -4.36 -1.58 -25.64
C PHE B 811 -5.74 -1.03 -25.28
N ALA B 812 -6.22 -1.36 -24.08
CA ALA B 812 -7.56 -0.92 -23.65
C ALA B 812 -7.61 0.61 -23.56
N TRP B 813 -6.61 1.22 -22.93
CA TRP B 813 -6.55 2.70 -22.81
C TRP B 813 -6.66 3.31 -24.22
N GLU B 814 -5.84 2.85 -25.16
CA GLU B 814 -5.85 3.42 -26.52
C GLU B 814 -7.25 3.27 -27.12
N GLN B 815 -7.81 2.05 -27.03
CA GLN B 815 -9.17 1.80 -27.60
C GLN B 815 -10.18 2.70 -26.89
N PHE B 816 -10.06 2.86 -25.57
CA PHE B 816 -11.00 3.71 -24.79
C PHE B 816 -10.95 5.14 -25.33
N ARG B 817 -9.74 5.67 -25.51
CA ARG B 817 -9.60 7.06 -26.01
C ARG B 817 -10.12 7.15 -27.44
N ASN B 818 -9.99 6.07 -28.20
CA ASN B 818 -10.41 6.07 -29.63
C ASN B 818 -11.84 5.50 -29.74
N ALA B 819 -12.50 5.23 -28.61
CA ALA B 819 -13.84 4.61 -28.65
C ALA B 819 -14.86 5.58 -29.25
N THR B 820 -15.91 5.06 -29.89
CA THR B 820 -16.97 5.91 -30.48
C THR B 820 -18.25 5.80 -29.66
N LEU B 821 -18.80 4.59 -29.54
CA LEU B 821 -20.06 4.37 -28.77
C LEU B 821 -19.77 4.52 -27.27
N VAL B 822 -20.59 5.30 -26.56
CA VAL B 822 -20.36 5.52 -25.10
C VAL B 822 -20.38 4.17 -24.38
N ASN B 823 -21.27 3.27 -24.80
CA ASN B 823 -21.40 1.96 -24.11
C ASN B 823 -20.04 1.26 -24.11
N GLU B 824 -19.40 1.15 -25.29
CA GLU B 824 -18.10 0.46 -25.39
C GLU B 824 -17.07 1.20 -24.53
N ALA B 825 -17.04 2.53 -24.61
CA ALA B 825 -16.08 3.33 -23.82
C ALA B 825 -16.27 3.03 -22.34
N ASP B 826 -17.52 3.01 -21.88
CA ASP B 826 -17.81 2.74 -20.44
C ASP B 826 -17.25 1.37 -20.07
N LYS B 827 -17.50 0.36 -20.91
CA LYS B 827 -17.02 -1.01 -20.62
C LYS B 827 -15.50 -0.96 -20.45
N LEU B 828 -14.80 -0.35 -21.42
CA LEU B 828 -13.31 -0.32 -21.37
C LEU B 828 -12.86 0.41 -20.11
N ARG B 829 -13.49 1.55 -19.80
CA ARG B 829 -13.07 2.36 -18.63
C ARG B 829 -13.14 1.49 -17.36
N ALA B 830 -14.28 0.82 -17.16
CA ALA B 830 -14.45 -0.01 -15.95
C ALA B 830 -13.45 -1.17 -15.97
N ALA B 831 -13.25 -1.77 -17.15
CA ALA B 831 -12.32 -2.92 -17.25
C ALA B 831 -10.90 -2.49 -16.89
N LEU B 832 -10.51 -1.27 -17.26
CA LEU B 832 -9.14 -0.78 -16.99
C LEU B 832 -8.87 -0.84 -15.49
N ALA B 833 -9.92 -0.68 -14.67
CA ALA B 833 -9.74 -0.67 -13.20
C ALA B 833 -9.51 -2.09 -12.66
N CYS B 834 -9.64 -3.11 -13.51
CA CYS B 834 -9.52 -4.51 -13.04
C CYS B 834 -8.04 -4.91 -12.95
N SER B 835 -7.12 -4.01 -13.30
CA SER B 835 -5.67 -4.33 -13.28
C SER B 835 -5.24 -4.72 -11.86
N LYS B 836 -4.25 -5.61 -11.74
CA LYS B 836 -3.79 -6.07 -10.42
C LYS B 836 -2.42 -5.46 -10.12
N GLU B 837 -2.04 -4.41 -10.83
CA GLU B 837 -0.73 -3.75 -10.61
C GLU B 837 -0.97 -2.42 -9.87
N LEU B 838 -0.38 -2.26 -8.69
CA LEU B 838 -0.62 -1.04 -7.86
C LEU B 838 -0.24 0.20 -8.67
N TRP B 839 0.90 0.16 -9.37
CA TRP B 839 1.37 1.37 -10.09
C TRP B 839 0.38 1.76 -11.19
N ILE B 840 -0.15 0.76 -11.92
CA ILE B 840 -1.14 1.05 -12.99
C ILE B 840 -2.38 1.71 -12.36
N LEU B 841 -2.85 1.16 -11.24
CA LEU B 841 -4.07 1.71 -10.58
C LEU B 841 -3.80 3.15 -10.12
N ASN B 842 -2.60 3.40 -9.58
CA ASN B 842 -2.24 4.77 -9.13
C ASN B 842 -2.27 5.70 -10.35
N ARG B 843 -1.67 5.28 -11.46
CA ARG B 843 -1.66 6.10 -12.70
C ARG B 843 -3.11 6.33 -13.13
N TYR B 844 -3.94 5.29 -13.08
CA TYR B 844 -5.35 5.39 -13.51
C TYR B 844 -6.07 6.44 -12.65
N LEU B 845 -5.82 6.43 -11.34
CA LEU B 845 -6.52 7.36 -10.42
C LEU B 845 -6.17 8.80 -10.80
N SER B 846 -4.89 9.06 -11.11
CA SER B 846 -4.49 10.43 -11.54
C SER B 846 -5.24 10.77 -12.84
N TYR B 847 -5.39 9.80 -13.74
CA TYR B 847 -6.11 10.02 -15.03
C TYR B 847 -7.56 10.44 -14.74
N THR B 848 -8.18 9.83 -13.72
CA THR B 848 -9.61 10.15 -13.42
C THR B 848 -9.76 11.64 -13.18
N LEU B 849 -8.85 12.24 -12.39
CA LEU B 849 -8.98 13.68 -12.05
C LEU B 849 -8.82 14.52 -13.32
N ASN B 850 -7.95 14.11 -14.24
CA ASN B 850 -7.70 14.90 -15.48
C ASN B 850 -8.99 14.93 -16.31
N PRO B 851 -9.64 16.10 -16.49
CA PRO B 851 -10.90 16.17 -17.22
C PRO B 851 -10.69 15.83 -18.69
N ASP B 852 -9.48 16.04 -19.20
CA ASP B 852 -9.17 15.76 -20.63
C ASP B 852 -9.20 14.25 -20.87
N LEU B 853 -8.57 13.47 -19.98
CA LEU B 853 -8.48 12.00 -20.19
C LEU B 853 -9.81 11.33 -19.86
N ILE B 854 -10.38 11.65 -18.69
CA ILE B 854 -11.69 11.06 -18.28
C ILE B 854 -12.67 12.20 -18.03
N ARG B 855 -13.83 12.18 -18.71
CA ARG B 855 -14.82 13.28 -18.57
C ARG B 855 -15.20 13.44 -17.10
N LYS B 856 -15.46 14.68 -16.65
CA LYS B 856 -15.78 14.93 -15.23
C LYS B 856 -16.99 14.08 -14.82
N GLN B 857 -17.94 13.89 -15.74
CA GLN B 857 -19.16 13.12 -15.43
C GLN B 857 -18.80 11.69 -15.02
N ASP B 858 -17.71 11.14 -15.58
CA ASP B 858 -17.34 9.73 -15.31
C ASP B 858 -16.21 9.66 -14.27
N ALA B 859 -15.80 10.79 -13.71
CA ALA B 859 -14.66 10.80 -12.77
C ALA B 859 -14.96 9.90 -11.57
N THR B 860 -16.06 10.16 -10.87
CA THR B 860 -16.39 9.40 -9.64
C THR B 860 -16.60 7.92 -10.00
N SER B 861 -17.26 7.65 -11.13
CA SER B 861 -17.54 6.25 -11.54
C SER B 861 -16.22 5.48 -11.64
N THR B 862 -15.22 6.06 -12.30
CA THR B 862 -13.90 5.38 -12.44
C THR B 862 -13.29 5.17 -11.07
N ILE B 863 -13.33 6.18 -10.21
CA ILE B 863 -12.74 6.07 -8.84
C ILE B 863 -13.43 4.93 -8.10
N ILE B 864 -14.76 4.85 -8.22
CA ILE B 864 -15.53 3.77 -7.52
C ILE B 864 -15.08 2.41 -8.07
N SER B 865 -14.85 2.31 -9.38
CA SER B 865 -14.38 1.04 -9.98
C SER B 865 -13.02 0.66 -9.41
N ILE B 866 -12.12 1.64 -9.27
CA ILE B 866 -10.77 1.37 -8.70
C ILE B 866 -10.93 0.91 -7.25
N THR B 867 -11.81 1.56 -6.49
CA THR B 867 -12.00 1.19 -5.06
C THR B 867 -12.62 -0.22 -4.99
N ASN B 868 -13.31 -0.64 -6.05
CA ASN B 868 -13.89 -2.01 -6.09
C ASN B 868 -12.76 -3.03 -6.13
N ASN B 869 -11.71 -2.75 -6.90
CA ASN B 869 -10.53 -3.67 -6.95
C ASN B 869 -9.93 -3.77 -5.54
N VAL B 870 -9.59 -4.98 -5.09
CA VAL B 870 -9.07 -5.16 -3.71
C VAL B 870 -7.81 -4.32 -3.52
N ILE B 871 -6.89 -4.36 -4.49
CA ILE B 871 -5.62 -3.58 -4.41
C ILE B 871 -5.97 -2.09 -4.36
N GLY B 872 -6.97 -1.67 -5.13
CA GLY B 872 -7.32 -0.23 -5.21
C GLY B 872 -7.98 0.31 -3.96
N GLN B 873 -8.59 -0.55 -3.15
CA GLN B 873 -9.35 -0.06 -1.96
C GLN B 873 -8.46 0.91 -1.17
N GLY B 874 -7.27 0.45 -0.76
CA GLY B 874 -6.37 1.31 0.03
C GLY B 874 -5.98 2.56 -0.72
N LEU B 875 -5.62 2.41 -2.00
CA LEU B 875 -5.17 3.59 -2.81
C LEU B 875 -6.28 4.64 -2.79
N VAL B 876 -7.51 4.25 -3.12
CA VAL B 876 -8.63 5.23 -3.19
C VAL B 876 -8.87 5.80 -1.80
N TRP B 877 -8.83 4.96 -0.76
CA TRP B 877 -9.15 5.47 0.61
C TRP B 877 -8.20 6.61 0.96
N ASP B 878 -6.90 6.41 0.73
CA ASP B 878 -5.89 7.46 1.00
C ASP B 878 -6.14 8.65 0.07
N PHE B 879 -6.45 8.38 -1.20
CA PHE B 879 -6.74 9.46 -2.17
C PHE B 879 -7.93 10.28 -1.67
N VAL B 880 -9.02 9.62 -1.27
CA VAL B 880 -10.24 10.33 -0.79
C VAL B 880 -9.86 11.18 0.43
N GLN B 881 -9.10 10.60 1.35
CA GLN B 881 -8.68 11.33 2.57
C GLN B 881 -7.80 12.53 2.17
N SER B 882 -6.87 12.31 1.23
CA SER B 882 -5.92 13.38 0.85
C SER B 882 -6.61 14.50 0.04
N ASN B 883 -7.50 14.13 -0.88
CA ASN B 883 -8.09 15.16 -1.78
C ASN B 883 -9.58 15.37 -1.50
N TRP B 884 -10.04 15.21 -0.26
CA TRP B 884 -11.47 15.49 0.02
C TRP B 884 -11.79 16.94 -0.38
N LYS B 885 -10.98 17.90 0.07
CA LYS B 885 -11.30 19.33 -0.20
C LYS B 885 -11.41 19.53 -1.71
N LYS B 886 -10.42 19.05 -2.47
CA LYS B 886 -10.43 19.23 -3.94
C LYS B 886 -11.66 18.53 -4.53
N LEU B 887 -11.87 17.27 -4.17
CA LEU B 887 -13.00 16.49 -4.74
C LEU B 887 -14.31 17.21 -4.41
N PHE B 888 -14.46 17.66 -3.17
CA PHE B 888 -15.75 18.30 -2.75
C PHE B 888 -15.91 19.66 -3.44
N ASN B 889 -14.83 20.43 -3.55
CA ASN B 889 -14.94 21.80 -4.12
C ASN B 889 -14.88 21.74 -5.64
N ASP B 890 -13.71 21.47 -6.22
CA ASP B 890 -13.55 21.49 -7.69
C ASP B 890 -14.65 20.65 -8.35
N TYR B 891 -14.88 19.44 -7.85
CA TYR B 891 -15.91 18.55 -8.47
C TYR B 891 -17.24 18.74 -7.74
N GLY B 892 -18.22 19.36 -8.41
CA GLY B 892 -19.56 19.51 -7.81
C GLY B 892 -20.22 18.14 -7.65
N GLY B 893 -20.04 17.26 -8.64
CA GLY B 893 -20.61 15.89 -8.57
C GLY B 893 -22.12 15.89 -8.75
N GLY B 894 -22.73 17.07 -8.85
CA GLY B 894 -24.20 17.17 -9.02
C GLY B 894 -24.93 16.61 -7.81
N SER B 895 -24.20 16.32 -6.72
CA SER B 895 -24.81 15.79 -5.47
C SER B 895 -25.30 14.35 -5.69
N PHE B 896 -25.50 13.92 -6.94
CA PHE B 896 -25.91 12.52 -7.22
C PHE B 896 -24.75 11.60 -6.81
N SER B 897 -23.51 12.06 -7.00
CA SER B 897 -22.32 11.27 -6.56
C SER B 897 -21.98 11.62 -5.11
N PHE B 898 -20.70 11.60 -4.74
CA PHE B 898 -20.26 11.87 -3.35
C PHE B 898 -20.87 10.81 -2.42
N SER B 899 -22.19 10.79 -2.28
CA SER B 899 -22.83 9.74 -1.46
C SER B 899 -22.37 8.37 -1.98
N ASN B 900 -22.40 8.18 -3.30
CA ASN B 900 -21.97 6.88 -3.90
C ASN B 900 -20.50 6.65 -3.58
N LEU B 901 -19.65 7.66 -3.78
CA LEU B 901 -18.20 7.51 -3.55
C LEU B 901 -17.96 7.12 -2.09
N ILE B 902 -18.63 7.81 -1.15
CA ILE B 902 -18.45 7.52 0.30
C ILE B 902 -18.84 6.06 0.55
N GLN B 903 -20.02 5.65 0.07
CA GLN B 903 -20.49 4.26 0.29
C GLN B 903 -19.50 3.28 -0.36
N ALA B 904 -18.97 3.62 -1.53
CA ALA B 904 -18.06 2.70 -2.25
C ALA B 904 -16.73 2.56 -1.50
N VAL B 905 -16.19 3.66 -0.99
CA VAL B 905 -14.84 3.61 -0.35
C VAL B 905 -14.98 3.06 1.08
N THR B 906 -16.19 3.02 1.61
CA THR B 906 -16.38 2.57 3.02
C THR B 906 -17.26 1.31 3.08
N ARG B 907 -17.21 0.47 2.04
CA ARG B 907 -18.07 -0.74 2.00
C ARG B 907 -17.25 -1.97 2.40
N ARG B 908 -15.97 -1.78 2.72
CA ARG B 908 -15.09 -2.90 3.14
C ARG B 908 -14.67 -2.71 4.60
N PHE B 909 -15.02 -1.58 5.20
CA PHE B 909 -14.60 -1.29 6.59
C PHE B 909 -15.20 -2.34 7.52
N SER B 910 -14.35 -3.05 8.29
CA SER B 910 -14.82 -4.09 9.23
C SER B 910 -13.90 -4.15 10.45
N THR B 911 -13.04 -3.16 10.62
CA THR B 911 -12.06 -3.15 11.75
C THR B 911 -12.18 -1.84 12.52
N GLU B 912 -11.91 -1.85 13.82
CA GLU B 912 -12.04 -0.63 14.65
C GLU B 912 -11.09 0.44 14.10
N TYR B 913 -9.88 0.04 13.68
CA TYR B 913 -8.91 1.00 13.11
C TYR B 913 -9.55 1.68 11.89
N GLU B 914 -10.24 0.91 11.06
CA GLU B 914 -10.91 1.48 9.86
C GLU B 914 -11.99 2.46 10.31
N LEU B 915 -12.77 2.08 11.33
CA LEU B 915 -13.80 3.01 11.87
C LEU B 915 -13.10 4.27 12.42
N GLN B 916 -11.99 4.09 13.13
CA GLN B 916 -11.23 5.24 13.67
C GLN B 916 -10.83 6.15 12.52
N GLN B 917 -10.30 5.59 11.44
CA GLN B 917 -9.88 6.40 10.27
C GLN B 917 -11.09 7.16 9.73
N LEU B 918 -12.24 6.49 9.61
CA LEU B 918 -13.46 7.15 9.07
C LEU B 918 -13.88 8.29 10.00
N GLU B 919 -13.85 8.06 11.32
CA GLU B 919 -14.24 9.10 12.30
C GLU B 919 -13.26 10.27 12.18
N GLN B 920 -11.97 9.97 12.03
CA GLN B 920 -10.95 11.05 11.87
C GLN B 920 -11.25 11.82 10.59
N PHE B 921 -11.61 11.11 9.51
CA PHE B 921 -11.94 11.77 8.23
C PHE B 921 -13.06 12.79 8.48
N LYS B 922 -14.11 12.36 9.19
CA LYS B 922 -15.26 13.26 9.48
C LYS B 922 -14.79 14.44 10.32
N LYS B 923 -14.00 14.17 11.36
CA LYS B 923 -13.53 15.24 12.29
C LYS B 923 -12.63 16.23 11.54
N ASP B 924 -11.89 15.76 10.53
CA ASP B 924 -10.93 16.65 9.83
C ASP B 924 -11.58 17.32 8.63
N ASN B 925 -12.80 16.92 8.27
CA ASN B 925 -13.43 17.49 7.04
C ASN B 925 -14.81 18.05 7.38
N GLU B 926 -15.12 18.24 8.66
CA GLU B 926 -16.43 18.81 9.06
C GLU B 926 -16.54 20.24 8.50
N GLU B 927 -15.45 21.00 8.55
CA GLU B 927 -15.46 22.39 8.03
C GLU B 927 -15.71 22.35 6.51
N THR B 928 -15.02 21.44 5.81
CA THR B 928 -15.21 21.32 4.34
C THR B 928 -16.67 20.98 4.06
N GLY B 929 -17.28 20.15 4.91
CA GLY B 929 -18.69 19.75 4.69
C GLY B 929 -18.79 18.47 3.89
N PHE B 930 -19.88 17.73 4.06
CA PHE B 930 -20.08 16.46 3.30
C PHE B 930 -21.28 16.62 2.37
N GLY B 931 -22.01 17.74 2.51
CA GLY B 931 -23.16 18.03 1.63
C GLY B 931 -24.04 16.82 1.40
N SER B 932 -24.23 16.42 0.15
CA SER B 932 -25.13 15.28 -0.17
C SER B 932 -24.66 14.02 0.55
N GLY B 933 -23.34 13.87 0.72
CA GLY B 933 -22.79 12.65 1.34
C GLY B 933 -23.01 12.62 2.85
N THR B 934 -23.57 13.69 3.42
CA THR B 934 -23.72 13.75 4.91
C THR B 934 -24.38 12.47 5.40
N ARG B 935 -25.58 12.15 4.90
CA ARG B 935 -26.30 10.93 5.36
C ARG B 935 -25.44 9.71 5.03
N ALA B 936 -24.86 9.66 3.83
CA ALA B 936 -24.08 8.48 3.42
C ALA B 936 -22.94 8.24 4.42
N LEU B 937 -22.21 9.30 4.78
CA LEU B 937 -21.10 9.15 5.74
C LEU B 937 -21.67 8.65 7.08
N GLU B 938 -22.79 9.24 7.52
CA GLU B 938 -23.40 8.83 8.81
C GLU B 938 -23.84 7.36 8.72
N GLN B 939 -24.45 6.97 7.61
CA GLN B 939 -24.85 5.55 7.42
C GLN B 939 -23.60 4.68 7.45
N ALA B 940 -22.56 5.10 6.73
CA ALA B 940 -21.29 4.32 6.71
C ALA B 940 -20.87 4.02 8.14
N LEU B 941 -20.88 5.06 9.00
CA LEU B 941 -20.46 4.86 10.40
C LEU B 941 -21.28 3.70 10.99
N GLU B 942 -22.60 3.76 10.84
CA GLU B 942 -23.48 2.69 11.40
C GLU B 942 -23.07 1.34 10.81
N LYS B 943 -22.97 1.26 9.48
CA LYS B 943 -22.63 -0.03 8.83
C LYS B 943 -21.26 -0.51 9.32
N THR B 944 -20.28 0.40 9.39
CA THR B 944 -18.91 -0.02 9.81
C THR B 944 -18.99 -0.67 11.19
N LYS B 945 -19.69 -0.03 12.12
CA LYS B 945 -19.80 -0.57 13.51
C LYS B 945 -20.45 -1.95 13.44
N ALA B 946 -21.54 -2.08 12.69
CA ALA B 946 -22.24 -3.38 12.56
C ALA B 946 -21.29 -4.40 11.92
N ASN B 947 -20.56 -3.99 10.88
CA ASN B 947 -19.62 -4.90 10.19
C ASN B 947 -18.60 -5.42 11.22
N ILE B 948 -18.07 -4.53 12.05
CA ILE B 948 -17.03 -4.94 13.04
C ILE B 948 -17.61 -6.06 13.90
N LYS B 949 -18.84 -5.89 14.39
CA LYS B 949 -19.47 -6.92 15.26
C LYS B 949 -19.76 -8.18 14.45
N TRP B 950 -20.36 -8.03 13.26
CA TRP B 950 -20.75 -9.22 12.45
C TRP B 950 -19.53 -10.08 12.14
N VAL B 951 -18.45 -9.46 11.63
CA VAL B 951 -17.24 -10.24 11.23
C VAL B 951 -16.71 -10.96 12.47
N LYS B 952 -16.59 -10.25 13.59
CA LYS B 952 -16.01 -10.85 14.82
C LYS B 952 -16.85 -12.05 15.26
N GLU B 953 -18.16 -12.01 15.05
CA GLU B 953 -19.04 -13.10 15.55
C GLU B 953 -19.23 -14.17 14.48
N ASN B 954 -18.80 -13.94 13.23
CA ASN B 954 -19.11 -14.94 12.17
C ASN B 954 -17.85 -15.34 11.39
N LYS B 955 -16.70 -14.71 11.63
CA LYS B 955 -15.51 -15.01 10.80
C LYS B 955 -15.20 -16.51 10.85
N GLU B 956 -15.08 -17.08 12.04
CA GLU B 956 -14.67 -18.51 12.16
C GLU B 956 -15.71 -19.44 11.51
N VAL B 957 -16.99 -19.29 11.87
CA VAL B 957 -18.03 -20.23 11.34
C VAL B 957 -18.06 -20.12 9.81
N VAL B 958 -18.00 -18.89 9.28
CA VAL B 958 -18.06 -18.69 7.80
C VAL B 958 -16.86 -19.42 7.18
N LEU B 959 -15.67 -19.23 7.74
CA LEU B 959 -14.45 -19.90 7.21
C LEU B 959 -14.65 -21.41 7.25
N GLN B 960 -15.06 -21.95 8.40
CA GLN B 960 -15.23 -23.42 8.55
C GLN B 960 -16.22 -23.92 7.49
N TRP B 961 -17.38 -23.28 7.38
CA TRP B 961 -18.41 -23.74 6.43
C TRP B 961 -17.80 -23.86 5.02
N PHE B 962 -17.26 -22.75 4.51
CA PHE B 962 -16.71 -22.77 3.12
C PHE B 962 -15.69 -23.90 3.02
N THR B 963 -14.72 -23.93 3.94
CA THR B 963 -13.65 -24.96 3.88
C THR B 963 -14.28 -26.35 3.73
N GLU B 964 -15.25 -26.68 4.58
CA GLU B 964 -15.87 -28.03 4.56
C GLU B 964 -16.59 -28.25 3.23
N ASN B 965 -17.31 -27.23 2.74
CA ASN B 965 -18.11 -27.40 1.50
C ASN B 965 -17.23 -27.24 0.26
N SER B 966 -16.12 -26.50 0.38
CA SER B 966 -15.25 -26.25 -0.80
C SER B 966 -14.74 -27.57 -1.36
N LYS B 967 -14.27 -28.47 -0.50
CA LYS B 967 -13.73 -29.78 -0.94
C LYS B 967 -14.64 -30.38 -2.00
C1 NAG C . 43.08 -3.53 -11.20
C2 NAG C . 44.56 -3.90 -11.27
C3 NAG C . 44.80 -5.03 -12.26
C4 NAG C . 43.84 -6.19 -11.97
C5 NAG C . 42.41 -5.68 -12.03
C6 NAG C . 41.39 -6.75 -11.76
C7 NAG C . 46.20 -2.16 -10.76
C8 NAG C . 47.27 -1.29 -11.34
N2 NAG C . 45.38 -2.76 -11.63
O3 NAG C . 46.15 -5.45 -12.19
O4 NAG C . 44.02 -7.21 -12.94
O5 NAG C . 42.24 -4.67 -11.02
O6 NAG C . 41.57 -7.32 -10.46
O7 NAG C . 46.08 -2.33 -9.54
C1 NAG C . 44.75 -8.30 -12.35
C2 NAG C . 44.38 -9.60 -13.06
C3 NAG C . 45.22 -10.77 -12.53
C4 NAG C . 46.70 -10.41 -12.50
C5 NAG C . 46.90 -9.11 -11.73
C6 NAG C . 48.34 -8.66 -11.69
C7 NAG C . 42.10 -9.81 -13.90
C8 NAG C . 40.70 -10.22 -13.59
N2 NAG C . 42.97 -9.90 -12.90
O3 NAG C . 44.99 -11.91 -13.33
O4 NAG C . 47.43 -11.45 -11.86
O5 NAG C . 46.16 -8.07 -12.38
O6 NAG C . 48.84 -8.42 -13.00
O7 NAG C . 42.43 -9.41 -15.01
C1 BMA C . 48.24 -12.13 -12.84
C2 BMA C . 49.33 -12.92 -12.14
C3 BMA C . 50.17 -13.69 -13.14
C4 BMA C . 49.28 -14.51 -14.08
C5 BMA C . 48.23 -13.62 -14.72
C6 BMA C . 47.26 -14.38 -15.57
O2 BMA C . 48.74 -13.81 -11.19
O3 BMA C . 51.08 -14.54 -12.46
O4 BMA C . 50.08 -15.10 -15.10
O5 BMA C . 47.47 -12.97 -13.68
O6 BMA C . 46.28 -13.51 -16.14
C1 NAG D . 52.77 -19.39 35.35
C2 NAG D . 53.09 -18.92 36.76
C3 NAG D . 54.54 -18.43 36.82
C4 NAG D . 55.50 -19.48 36.26
C5 NAG D . 55.05 -19.89 34.86
C6 NAG D . 55.88 -21.01 34.29
C7 NAG D . 52.02 -17.48 38.45
C8 NAG D . 51.14 -16.30 38.66
N2 NAG D . 52.16 -17.90 37.19
O3 NAG D . 54.88 -18.10 38.16
O4 NAG D . 56.80 -18.92 36.19
O5 NAG D . 53.69 -20.37 34.92
O6 NAG D . 55.40 -21.39 33.01
O7 NAG D . 52.59 -18.04 39.39
C1 NAG D . 57.66 -19.61 37.12
C2 NAG D . 59.06 -19.75 36.52
C3 NAG D . 59.97 -20.49 37.49
C4 NAG D . 59.96 -19.83 38.85
C5 NAG D . 58.52 -19.70 39.34
C6 NAG D . 58.41 -18.96 40.66
C7 NAG D . 59.30 -19.79 34.09
C8 NAG D . 59.33 -20.64 32.86
N2 NAG D . 59.04 -20.43 35.23
O3 NAG D . 61.28 -20.54 36.94
O4 NAG D . 60.70 -20.63 39.78
O5 NAG D . 57.75 -18.97 38.38
O6 NAG D . 57.05 -18.87 41.08
O7 NAG D . 59.49 -18.58 34.06
C1 BMA D . 62.01 -20.06 39.94
C2 BMA D . 62.41 -20.12 41.40
C3 BMA D . 63.82 -19.57 41.60
C4 BMA D . 64.80 -20.24 40.65
C5 BMA D . 64.29 -20.14 39.22
C6 BMA D . 65.17 -20.88 38.23
O2 BMA D . 62.31 -21.45 41.88
O3 BMA D . 64.23 -19.78 42.95
O4 BMA D . 66.07 -19.63 40.74
O5 BMA D . 62.98 -20.72 39.13
O6 BMA D . 64.67 -20.75 36.90
C1 NAG E . 38.61 -37.41 32.06
C2 NAG E . 38.80 -37.68 30.57
C3 NAG E . 38.47 -39.15 30.28
C4 NAG E . 39.30 -40.06 31.17
C5 NAG E . 39.08 -39.67 32.63
C6 NAG E . 39.94 -40.47 33.59
C7 NAG E . 38.55 -35.95 28.86
C8 NAG E . 37.61 -35.24 27.95
N2 NAG E . 38.00 -36.83 29.70
O3 NAG E . 38.70 -39.42 28.91
O4 NAG E . 38.90 -41.41 30.96
O5 NAG E . 39.42 -38.29 32.81
O6 NAG E . 41.33 -40.28 33.29
O7 NAG E . 39.77 -35.77 28.83
C1 NAG E . 40.01 -42.24 30.55
C2 NAG E . 41.17 -41.43 29.98
C3 NAG E . 42.49 -42.19 30.11
C4 NAG E . 42.31 -43.70 30.19
C5 NAG E . 41.32 -44.09 31.28
C6 NAG E . 41.99 -44.59 32.54
C7 NAG E . 40.93 -41.72 27.51
C8 NAG E . 41.59 -41.14 26.31
N2 NAG E . 40.96 -40.97 28.62
O3 NAG E . 43.17 -41.70 31.26
O4 NAG E . 41.86 -44.22 28.93
O5 NAG E . 40.51 -42.97 31.66
O6 NAG E . 41.03 -44.96 33.52
O7 NAG E . 40.38 -42.82 27.49
C1 BMA E . 41.64 -45.63 29.08
C2 BMA E . 40.78 -46.12 27.93
C3 BMA E . 41.58 -46.14 26.63
C4 BMA E . 42.83 -46.96 26.80
C5 BMA E . 42.94 -47.48 28.23
C6 BMA E . 44.23 -48.20 28.51
O2 BMA E . 39.62 -45.31 27.81
O3 BMA E . 41.91 -44.80 26.26
O4 BMA E . 42.82 -48.07 25.90
O5 BMA E . 42.88 -46.36 29.13
O6 BMA E . 44.28 -48.66 29.85
C1 NAG F . 22.76 11.45 -21.60
C2 NAG F . 23.43 12.82 -21.75
C3 NAG F . 22.61 13.71 -22.67
C4 NAG F . 22.34 13.01 -23.99
C5 NAG F . 21.67 11.67 -23.71
C6 NAG F . 21.43 10.87 -24.98
C7 NAG F . 24.87 13.67 -19.97
C8 NAG F . 24.97 14.68 -18.87
N2 NAG F . 23.65 13.48 -20.49
O3 NAG F . 23.31 14.94 -22.87
O4 NAG F . 21.47 13.82 -24.80
O5 NAG F . 22.53 10.88 -22.88
O6 NAG F . 22.65 10.61 -25.65
O7 NAG F . 25.84 13.06 -20.40
C1 NAG F . 22.26 14.37 -25.87
C2 NAG F . 21.32 14.81 -27.00
C3 NAG F . 22.13 15.45 -28.12
C4 NAG F . 23.07 16.52 -27.60
C5 NAG F . 23.95 15.92 -26.49
C6 NAG F . 24.90 16.92 -25.87
C7 NAG F . 20.94 12.65 -28.16
C8 NAG F . 19.87 11.78 -28.73
N2 NAG F . 20.50 13.73 -27.48
O3 NAG F . 21.23 15.99 -29.08
O4 NAG F . 23.92 16.98 -28.65
O5 NAG F . 23.10 15.43 -25.45
O6 NAG F . 25.82 17.42 -26.83
O7 NAG F . 22.13 12.39 -28.29
C1 BMA F . 23.44 18.25 -29.12
C2 BMA F . 24.62 19.07 -29.62
C3 BMA F . 24.17 20.40 -30.20
C4 BMA F . 23.07 20.18 -31.22
C5 BMA F . 21.93 19.37 -30.60
C6 BMA F . 20.84 19.04 -31.61
O2 BMA F . 25.34 18.31 -30.59
O3 BMA F . 25.28 21.05 -30.80
O4 BMA F . 22.56 21.44 -31.65
O5 BMA F . 22.45 18.12 -30.14
O6 BMA F . 21.36 18.28 -32.70
C1 NAG G . 38.18 -30.77 1.60
C2 NAG G . 37.30 -30.72 0.34
C3 NAG G . 36.92 -32.14 -0.11
C4 NAG G . 38.16 -33.00 -0.20
C5 NAG G . 38.81 -33.04 1.18
C6 NAG G . 40.05 -33.91 1.23
C7 NAG G . 35.10 -30.14 1.35
C8 NAG G . 34.05 -29.08 1.41
N2 NAG G . 36.13 -29.88 0.55
O3 NAG G . 36.24 -32.06 -1.35
O4 NAG G . 37.82 -34.32 -0.61
O5 NAG G . 39.24 -31.71 1.50
O6 NAG G . 40.65 -33.86 2.53
O7 NAG G . 35.00 -31.17 2.00
C1 NAG G . 38.46 -34.61 -1.87
C2 NAG G . 37.46 -34.64 -3.05
C3 NAG G . 37.79 -33.58 -4.10
C4 NAG G . 38.78 -32.57 -3.56
C5 NAG G . 40.06 -33.31 -3.15
C6 NAG G . 41.16 -32.36 -2.76
C7 NAG G . 38.29 -36.58 -4.38
C8 NAG G . 37.85 -37.82 -5.07
N2 NAG G . 37.36 -35.96 -3.64
O3 NAG G . 36.59 -32.96 -4.52
O4 NAG G . 39.10 -31.63 -4.59
O5 NAG G . 39.79 -34.13 -2.00
O6 NAG G . 40.78 -31.54 -1.66
O7 NAG G . 39.45 -36.16 -4.48
C1 NAG H . 27.09 -12.13 44.16
C2 NAG H . 26.12 -13.25 43.80
C3 NAG H . 24.81 -12.68 43.26
C4 NAG H . 24.26 -11.61 44.18
C5 NAG H . 25.33 -10.54 44.41
C6 NAG H . 24.88 -9.46 45.37
C7 NAG H . 26.29 -15.34 42.48
C8 NAG H . 27.07 -16.03 41.40
N2 NAG H . 26.73 -14.13 42.82
O3 NAG H . 23.86 -13.72 43.08
O4 NAG H . 23.13 -10.99 43.57
O5 NAG H . 26.48 -11.17 45.01
O6 NAG H . 24.50 -10.00 46.62
O7 NAG H . 25.32 -15.86 43.03
C1 NAG H . 21.95 -11.41 44.28
C2 NAG H . 20.95 -10.26 44.34
C3 NAG H . 20.30 -10.04 42.98
C4 NAG H . 20.20 -11.33 42.17
C5 NAG H . 20.18 -12.53 43.11
C6 NAG H . 19.93 -13.83 42.39
C7 NAG H . 20.19 -10.72 46.64
C8 NAG H . 19.06 -11.31 47.42
N2 NAG H . 19.93 -10.44 45.36
O3 NAG H . 21.04 -9.06 42.27
O4 NAG H . 19.00 -11.33 41.40
O5 NAG H . 21.44 -12.65 43.77
O6 NAG H . 19.89 -14.93 43.30
O7 NAG H . 21.28 -10.50 47.15
C1 NAG I . -19.06 37.11 -13.10
C2 NAG I . -17.83 37.32 -14.00
C3 NAG I . -16.56 37.23 -13.17
C4 NAG I . -16.85 37.52 -11.70
C5 NAG I . -17.78 36.44 -11.15
C6 NAG I . -18.23 36.74 -9.73
C7 NAG I . -17.01 36.51 -16.15
C8 NAG I . -16.86 37.90 -16.69
N2 NAG I . -17.80 36.38 -15.09
O3 NAG I . -15.61 38.15 -13.69
O4 NAG I . -15.62 37.50 -10.97
O5 NAG I . -18.98 36.31 -11.93
O6 NAG I . -17.13 36.85 -8.83
O7 NAG I . -16.44 35.55 -16.66
C1 NAG I . -14.95 36.22 -11.11
C2 NAG I . -13.53 36.43 -11.63
C3 NAG I . -12.52 36.23 -10.52
C4 NAG I . -12.59 34.81 -9.96
C5 NAG I . -14.05 34.37 -9.90
C6 NAG I . -14.36 33.58 -8.65
C7 NAG I . -13.10 36.01 -14.00
C8 NAG I . -12.97 34.95 -15.06
N2 NAG I . -13.24 35.57 -12.76
O3 NAG I . -12.73 37.19 -9.49
O4 NAG I . -11.89 33.93 -10.83
O5 NAG I . -14.90 35.54 -9.87
O6 NAG I . -14.08 34.32 -7.47
O7 NAG I . -13.06 37.20 -14.26
C1 NAG J . -45.57 35.40 -22.37
C2 NAG J . -45.64 36.72 -21.60
C3 NAG J . -47.04 37.32 -21.60
C4 NAG J . -47.72 37.15 -22.96
C5 NAG J . -47.75 35.67 -23.32
C6 NAG J . -48.49 35.38 -24.60
C7 NAG J . -44.80 37.47 -19.40
C8 NAG J . -44.09 38.65 -19.99
N2 NAG J . -45.16 36.51 -20.25
O3 NAG J . -46.94 38.69 -21.27
O4 NAG J . -49.05 37.65 -22.93
O5 NAG J . -46.40 35.25 -23.52
O6 NAG J . -47.91 36.08 -25.69
O7 NAG J . -45.00 37.37 -18.19
C1 NAG J . -49.73 37.45 -21.67
C2 NAG J . -50.80 38.52 -21.49
C3 NAG J . -52.00 38.25 -22.39
C4 NAG J . -51.95 36.83 -22.96
C5 NAG J . -51.55 35.87 -21.85
C6 NAG J . -51.61 34.42 -22.29
C7 NAG J . -50.96 39.71 -19.35
C8 NAG J . -51.50 39.68 -17.95
N2 NAG J . -51.23 38.65 -20.11
O3 NAG J . -52.02 39.21 -23.44
O4 NAG J . -53.23 36.48 -23.45
O5 NAG J . -50.18 36.12 -21.46
O6 NAG J . -52.91 34.06 -22.72
O7 NAG J . -50.29 40.64 -19.78
C1 NAG K . -26.58 -26.53 7.46
C2 NAG K . -27.38 -26.68 8.76
C3 NAG K . -27.26 -28.12 9.24
C4 NAG K . -27.56 -29.08 8.10
C5 NAG K . -26.53 -28.90 6.98
C6 NAG K . -27.16 -28.90 5.61
C7 NAG K . -27.64 -24.71 10.17
C8 NAG K . -28.95 -24.52 9.45
N2 NAG K . -26.93 -25.76 9.77
O3 NAG K . -28.17 -28.32 10.32
O4 NAG K . -27.49 -30.43 8.58
O5 NAG K . -25.80 -27.67 7.13
O6 NAG K . -26.16 -28.75 4.59
O7 NAG K . -27.26 -23.95 11.06
C1 NAG K . -26.31 -31.03 9.19
C2 NAG K . -26.69 -31.77 10.48
C3 NAG K . -25.44 -32.40 11.11
C4 NAG K . -24.67 -33.22 10.09
C5 NAG K . -24.35 -32.35 8.87
C6 NAG K . -23.64 -33.11 7.78
C7 NAG K . -28.01 -31.23 12.48
C8 NAG K . -28.42 -30.13 13.42
N2 NAG K . -27.35 -30.86 11.40
O3 NAG K . -25.82 -33.21 12.21
O4 NAG K . -23.45 -33.66 10.66
O5 NAG K . -25.58 -31.87 8.30
O6 NAG K . -24.40 -34.20 7.32
O7 NAG K . -28.30 -32.41 12.71
C1 NAG L . -45.13 -15.63 -9.95
C2 NAG L . -46.53 -15.69 -10.55
C3 NAG L . -46.60 -16.80 -11.60
C4 NAG L . -45.44 -16.70 -12.59
C5 NAG L . -44.12 -16.70 -11.82
C6 NAG L . -42.92 -16.58 -12.71
C7 NAG L . -48.44 -16.77 -9.37
C8 NAG L . -49.85 -16.25 -9.29
N2 NAG L . -47.49 -15.84 -9.48
O3 NAG L . -47.85 -16.72 -12.29
O4 NAG L . -45.47 -17.81 -13.47
O5 NAG L . -44.10 -15.58 -10.93
O6 NAG L . -42.97 -15.38 -13.47
O7 NAG L . -48.19 -17.97 -9.31
C1 NAG L . -45.91 -17.34 -14.76
C2 NAG L . -45.19 -18.11 -15.87
C3 NAG L . -45.65 -17.63 -17.23
C4 NAG L . -47.17 -17.65 -17.33
C5 NAG L . -47.76 -16.86 -16.18
C6 NAG L . -49.27 -16.89 -16.13
C7 NAG L . -42.97 -19.02 -15.40
C8 NAG L . -43.67 -20.33 -15.15
N2 NAG L . -43.75 -18.00 -15.75
O3 NAG L . -45.06 -18.44 -18.23
O4 NAG L . -47.59 -17.05 -18.55
O5 NAG L . -47.31 -17.42 -14.92
O6 NAG L . -49.77 -16.16 -15.02
O7 NAG L . -41.75 -18.90 -15.27
C1 BMA L . -48.09 -18.03 -19.49
C2 BMA L . -49.49 -17.67 -19.94
C3 BMA L . -50.03 -18.66 -20.96
C4 BMA L . -49.03 -18.83 -22.09
C5 BMA L . -47.65 -19.21 -21.54
C6 BMA L . -46.60 -19.29 -22.62
O2 BMA L . -49.51 -16.34 -20.45
O3 BMA L . -51.27 -18.21 -21.46
O4 BMA L . -49.47 -19.87 -22.97
O5 BMA L . -47.23 -18.17 -20.63
O6 BMA L . -46.92 -20.28 -23.59
C1 NAG M . -35.95 -0.51 -35.18
C2 NAG M . -35.30 -1.87 -34.93
C3 NAG M . -34.57 -2.32 -36.19
C4 NAG M . -35.53 -2.34 -37.37
C5 NAG M . -36.13 -0.95 -37.53
C6 NAG M . -37.15 -0.87 -38.64
C7 NAG M . -33.22 -1.28 -33.72
C8 NAG M . -32.25 -1.86 -32.73
N2 NAG M . -34.41 -1.89 -33.79
O3 NAG M . -34.00 -3.61 -35.99
O4 NAG M . -34.80 -2.71 -38.54
O5 NAG M . -36.81 -0.58 -36.31
O6 NAG M . -38.23 -1.78 -38.41
O7 NAG M . -32.94 -0.32 -34.42
C1 NAG M . -35.33 -3.82 -39.30
C2 NAG M . -36.42 -4.71 -38.69
C3 NAG M . -36.76 -5.85 -39.66
C4 NAG M . -37.04 -5.34 -41.07
C5 NAG M . -35.92 -4.42 -41.53
C6 NAG M . -36.20 -3.76 -42.85
C7 NAG M . -36.78 -5.12 -36.30
C8 NAG M . -36.30 -5.85 -35.08
N2 NAG M . -36.09 -5.34 -37.42
O3 NAG M . -37.89 -6.54 -39.13
O4 NAG M . -37.13 -6.44 -41.96
O5 NAG M . -35.74 -3.36 -40.57
O6 NAG M . -36.43 -4.73 -43.88
O7 NAG M . -37.75 -4.37 -36.27
C1 NAG N . 68.74 -0.11 2.83
C2 NAG N . 69.93 0.73 2.40
C3 NAG N . 71.11 -0.16 2.03
C4 NAG N . 71.40 -1.17 3.14
C5 NAG N . 70.12 -1.94 3.47
C6 NAG N . 70.31 -2.90 4.62
C7 NAG N . 69.47 2.94 1.47
C8 NAG N . 69.18 3.73 0.24
N2 NAG N . 69.59 1.62 1.31
O3 NAG N . 72.25 0.64 1.76
O4 NAG N . 72.40 -2.08 2.69
O5 NAG N . 69.09 -1.01 3.86
O6 NAG N . 71.32 -3.87 4.33
O7 NAG N . 69.60 3.48 2.57
C1 NAG O . 8.87 -33.56 6.37
C2 NAG O . 7.71 -34.48 5.95
C3 NAG O . 8.19 -35.92 5.83
C4 NAG O . 9.45 -36.02 5.00
C5 NAG O . 10.51 -35.09 5.57
C6 NAG O . 11.79 -35.10 4.77
C7 NAG O . 5.45 -33.80 6.56
C8 NAG O . 4.37 -33.87 7.60
N2 NAG O . 6.60 -34.38 6.88
O3 NAG O . 7.14 -36.72 5.27
O4 NAG O . 9.93 -37.36 5.03
O5 NAG O . 10.02 -33.75 5.56
O6 NAG O . 11.54 -34.71 3.41
O7 NAG O . 5.28 -33.23 5.49
ZN ZN P . 37.81 -8.89 14.40
C1 NAG Q . -31.07 31.23 -38.86
C2 NAG Q . -31.61 29.82 -39.12
C3 NAG Q . -31.77 29.59 -40.62
C4 NAG Q . -32.62 30.69 -41.25
C5 NAG Q . -31.98 32.04 -40.92
C6 NAG Q . -32.80 33.20 -41.45
C7 NAG Q . -31.17 28.04 -37.52
C8 NAG Q . -30.62 26.64 -37.47
N2 NAG Q . -30.79 28.78 -38.56
O3 NAG Q . -32.36 28.31 -40.84
O4 NAG Q . -32.64 30.52 -42.66
O5 NAG Q . -31.90 32.20 -39.49
O6 NAG Q . -32.15 34.44 -41.16
O7 NAG Q . -31.96 28.46 -36.67
C1 NAG R . -68.28 3.96 -10.09
C2 NAG R . -69.73 3.61 -9.71
C3 NAG R . -70.62 3.73 -10.93
C4 NAG R . -70.44 5.09 -11.61
C5 NAG R . -68.97 5.31 -11.93
C6 NAG R . -68.70 6.66 -12.54
C7 NAG R . -70.09 2.06 -7.86
C8 NAG R . -70.28 3.27 -7.00
N2 NAG R . -69.82 2.29 -9.14
O3 NAG R . -71.98 3.53 -10.54
O4 NAG R . -71.19 5.12 -12.82
O5 NAG R . -68.20 5.23 -10.70
O6 NAG R . -69.06 7.71 -11.64
O7 NAG R . -70.17 0.92 -7.41
C1 NAG S . -8.67 4.95 -34.22
C2 NAG S . -7.42 4.25 -34.77
C3 NAG S . -7.39 4.35 -36.29
C4 NAG S . -8.71 3.91 -36.89
C5 NAG S . -9.84 4.70 -36.28
C6 NAG S . -11.21 4.28 -36.78
C7 NAG S . -6.00 5.88 -33.54
C8 NAG S . -5.25 5.74 -32.25
N2 NAG S . -6.16 4.74 -34.23
O3 NAG S . -6.30 3.59 -36.79
O4 NAG S . -8.68 4.15 -38.30
O5 NAG S . -9.85 4.49 -34.85
O6 NAG S . -12.24 5.03 -36.16
O7 NAG S . -6.42 6.95 -33.93
ZN ZN T . -36.44 10.43 -12.86
#